data_4K4B
#
_entry.id   4K4B
#
_cell.length_a   57.970
_cell.length_b   68.577
_cell.length_c   81.144
_cell.angle_alpha   78.93
_cell.angle_beta   84.69
_cell.angle_gamma   76.46
#
_symmetry.space_group_name_H-M   'P 1'
#
loop_
_entity.id
_entity.type
_entity.pdbx_description
1 polymer 'Esterase YdiI'
2 non-polymer 'undeca-2-one coenzyme A'
3 non-polymer 'CHLORIDE ION'
4 water water
#
_entity_poly.entity_id   1
_entity_poly.type   'polypeptide(L)'
_entity_poly.pdbx_seq_one_letter_code
;MIWKRKITLEALNAMGEGNMVGFLDIRFEHIGDDTLEATMPVDSRTKQPFGLLHGGASVVLAESIGSVAGYLCTEGEQKV
VGLEINANHVRSAREGRVRGVCKPLHLGSRHQVWQIEIFDEKGRLCCSSRLTTAIL
;
_entity_poly.pdbx_strand_id   A,B,C,D,E,F,G,H
#
loop_
_chem_comp.id
_chem_comp.type
_chem_comp.name
_chem_comp.formula
CL non-polymer 'CHLORIDE ION' 'Cl -1'
UOQ non-polymer 'undeca-2-one coenzyme A' 'C32 H56 N7 O17 P3 S'
#
# COMPACT_ATOMS: atom_id res chain seq x y z
N MET A 1 4.17 5.35 51.18
CA MET A 1 3.26 5.09 50.06
C MET A 1 3.65 5.94 48.85
N ILE A 2 3.28 5.49 47.66
CA ILE A 2 3.66 6.21 46.44
C ILE A 2 2.71 7.37 46.13
N TRP A 3 1.50 7.34 46.69
CA TRP A 3 0.46 8.32 46.35
C TRP A 3 0.79 9.71 46.88
N LYS A 4 0.46 10.74 46.12
CA LYS A 4 0.61 12.12 46.56
C LYS A 4 -0.75 12.74 46.74
N ARG A 5 -1.76 12.14 46.13
CA ARG A 5 -3.13 12.60 46.31
C ARG A 5 -3.88 11.61 47.19
N LYS A 6 -4.77 12.14 48.02
CA LYS A 6 -5.61 11.26 48.80
C LYS A 6 -7.04 11.28 48.26
N ILE A 7 -7.40 10.24 47.51
CA ILE A 7 -8.74 10.18 46.93
C ILE A 7 -9.26 8.78 47.12
N THR A 8 -10.31 8.66 47.93
CA THR A 8 -10.86 7.37 48.37
C THR A 8 -11.50 6.52 47.27
N LEU A 9 -11.67 5.23 47.55
CA LEU A 9 -12.31 4.32 46.60
C LEU A 9 -13.75 4.73 46.35
N GLU A 10 -14.45 5.15 47.42
CA GLU A 10 -15.81 5.64 47.29
C GLU A 10 -15.91 6.79 46.29
N ALA A 11 -14.99 7.74 46.42
CA ALA A 11 -14.95 8.90 45.53
C ALA A 11 -14.66 8.48 44.10
N LEU A 12 -13.71 7.56 43.92
CA LEU A 12 -13.39 7.09 42.57
C LEU A 12 -14.61 6.45 41.93
N ASN A 13 -15.27 5.55 42.65
CA ASN A 13 -16.45 4.87 42.10
C ASN A 13 -17.57 5.87 41.77
N ALA A 14 -17.72 6.89 42.61
CA ALA A 14 -18.68 7.96 42.36
C ALA A 14 -18.39 8.72 41.06
N MET A 15 -17.11 8.92 40.76
CA MET A 15 -16.71 9.69 39.58
C MET A 15 -16.88 8.91 38.28
N GLY A 16 -16.98 7.60 38.38
CA GLY A 16 -17.15 6.77 37.20
C GLY A 16 -18.58 6.76 36.71
N GLU A 17 -19.51 7.19 37.57
CA GLU A 17 -20.93 7.19 37.20
C GLU A 17 -21.22 8.14 36.04
N GLY A 18 -21.96 7.65 35.05
CA GLY A 18 -22.31 8.45 33.89
C GLY A 18 -21.29 8.39 32.76
N ASN A 19 -20.22 7.62 32.94
CA ASN A 19 -19.19 7.47 31.91
C ASN A 19 -18.78 6.02 31.69
N MET A 20 -17.77 5.76 30.86
CA MET A 20 -17.50 4.36 30.45
C MET A 20 -17.29 3.43 31.64
N VAL A 21 -16.51 3.89 32.60
CA VAL A 21 -16.22 3.10 33.80
C VAL A 21 -17.52 2.62 34.50
N GLY A 22 -18.46 3.54 34.73
CA GLY A 22 -19.74 3.20 35.33
C GLY A 22 -20.62 2.32 34.45
N PHE A 23 -20.58 2.55 33.15
CA PHE A 23 -21.43 1.76 32.26
C PHE A 23 -20.99 0.31 32.15
N LEU A 24 -19.70 0.04 32.36
CA LEU A 24 -19.19 -1.33 32.36
C LEU A 24 -19.18 -1.95 33.76
N ASP A 25 -19.62 -1.21 34.78
CA ASP A 25 -19.62 -1.67 36.18
C ASP A 25 -18.19 -2.01 36.62
N ILE A 26 -17.23 -1.18 36.21
CA ILE A 26 -15.89 -1.29 36.74
C ILE A 26 -15.87 -0.67 38.14
N ARG A 27 -15.35 -1.40 39.13
N ARG A 27 -15.34 -1.40 39.12
CA ARG A 27 -15.37 -0.91 40.51
CA ARG A 27 -15.37 -0.95 40.51
C ARG A 27 -13.99 -0.94 41.14
C ARG A 27 -13.98 -0.95 41.13
N PHE A 28 -13.55 0.19 41.64
CA PHE A 28 -12.27 0.23 42.35
C PHE A 28 -12.48 -0.41 43.71
N GLU A 29 -11.64 -1.39 44.03
CA GLU A 29 -11.90 -2.27 45.18
C GLU A 29 -10.81 -2.26 46.23
N HIS A 30 -9.60 -1.85 45.85
CA HIS A 30 -8.52 -1.82 46.83
C HIS A 30 -7.42 -0.85 46.44
N ILE A 31 -6.93 -0.10 47.43
CA ILE A 31 -5.72 0.71 47.24
C ILE A 31 -4.69 0.38 48.33
N GLY A 32 -3.52 -0.09 47.90
CA GLY A 32 -2.47 -0.48 48.82
C GLY A 32 -1.51 0.69 48.91
N ASP A 33 -0.36 0.49 49.57
CA ASP A 33 0.60 1.58 49.60
C ASP A 33 1.28 1.77 48.24
N ASP A 34 1.22 0.76 47.37
CA ASP A 34 1.80 0.92 46.05
C ASP A 34 1.11 0.10 44.97
N THR A 35 -0.16 -0.24 45.20
N THR A 35 -0.17 -0.19 45.19
CA THR A 35 -0.96 -0.95 44.21
CA THR A 35 -0.96 -0.98 44.26
C THR A 35 -2.36 -0.39 44.20
C THR A 35 -2.39 -0.46 44.22
N LEU A 36 -3.04 -0.57 43.07
CA LEU A 36 -4.44 -0.15 42.94
C LEU A 36 -5.16 -1.27 42.20
N GLU A 37 -6.41 -1.54 42.60
CA GLU A 37 -7.16 -2.67 42.06
C GLU A 37 -8.61 -2.31 41.73
N ALA A 38 -9.10 -2.90 40.65
CA ALA A 38 -10.50 -2.72 40.25
C ALA A 38 -11.02 -3.99 39.60
N THR A 39 -12.32 -4.21 39.67
CA THR A 39 -12.90 -5.40 39.09
C THR A 39 -13.88 -5.03 37.99
N MET A 40 -14.22 -6.01 37.15
CA MET A 40 -15.11 -5.77 36.03
C MET A 40 -15.88 -7.05 35.74
N PRO A 41 -17.19 -6.93 35.47
CA PRO A 41 -17.92 -8.17 35.15
C PRO A 41 -17.60 -8.68 33.74
N VAL A 42 -17.79 -9.99 33.58
CA VAL A 42 -17.73 -10.62 32.28
C VAL A 42 -19.17 -10.89 31.93
N ASP A 43 -19.79 -9.99 31.17
CA ASP A 43 -21.19 -10.16 30.79
C ASP A 43 -21.44 -9.57 29.41
N SER A 44 -22.69 -9.37 29.07
CA SER A 44 -23.01 -8.93 27.70
C SER A 44 -22.31 -7.62 27.32
N ARG A 45 -22.09 -6.74 28.29
CA ARG A 45 -21.41 -5.45 28.02
C ARG A 45 -19.93 -5.58 27.69
N THR A 46 -19.31 -6.71 28.02
CA THR A 46 -17.86 -6.84 27.88
C THR A 46 -17.44 -8.11 27.17
N LYS A 47 -18.41 -8.86 26.65
CA LYS A 47 -18.13 -10.12 25.95
C LYS A 47 -18.00 -10.00 24.44
N GLN A 48 -17.24 -10.93 23.86
CA GLN A 48 -17.21 -11.20 22.43
C GLN A 48 -18.54 -11.87 22.05
N PRO A 49 -18.84 -11.97 20.74
CA PRO A 49 -20.15 -12.53 20.38
C PRO A 49 -20.35 -13.99 20.81
N PHE A 50 -19.29 -14.79 20.89
CA PHE A 50 -19.48 -16.18 21.30
C PHE A 50 -19.20 -16.43 22.77
N GLY A 51 -19.20 -15.37 23.59
CA GLY A 51 -19.32 -15.54 25.02
C GLY A 51 -18.11 -15.29 25.91
N LEU A 52 -16.94 -15.12 25.33
CA LEU A 52 -15.74 -14.92 26.12
C LEU A 52 -15.56 -13.42 26.35
N LEU A 53 -14.76 -13.07 27.35
CA LEU A 53 -14.42 -11.67 27.60
C LEU A 53 -13.75 -11.07 26.37
N HIS A 54 -14.19 -9.87 25.98
CA HIS A 54 -13.61 -9.14 24.85
C HIS A 54 -12.25 -8.60 25.27
N GLY A 55 -11.22 -8.88 24.48
CA GLY A 55 -9.88 -8.40 24.82
C GLY A 55 -9.79 -6.89 25.04
N GLY A 56 -10.62 -6.14 24.32
CA GLY A 56 -10.68 -4.70 24.51
C GLY A 56 -11.22 -4.29 25.86
N ALA A 57 -12.12 -5.11 26.42
CA ALA A 57 -12.65 -4.83 27.76
C ALA A 57 -11.53 -4.88 28.80
N SER A 58 -10.63 -5.84 28.67
CA SER A 58 -9.52 -5.93 29.63
C SER A 58 -8.63 -4.69 29.54
N VAL A 59 -8.44 -4.17 28.34
CA VAL A 59 -7.61 -2.99 28.16
C VAL A 59 -8.33 -1.76 28.68
N VAL A 60 -9.66 -1.73 28.58
CA VAL A 60 -10.42 -0.64 29.21
C VAL A 60 -10.10 -0.67 30.71
N LEU A 61 -10.15 -1.86 31.28
CA LEU A 61 -9.93 -2.00 32.71
C LEU A 61 -8.51 -1.55 33.05
N ALA A 62 -7.53 -2.04 32.29
CA ALA A 62 -6.12 -1.72 32.54
C ALA A 62 -5.84 -0.23 32.43
N GLU A 63 -6.30 0.39 31.32
CA GLU A 63 -6.13 1.82 31.12
C GLU A 63 -6.83 2.64 32.19
N SER A 64 -7.99 2.19 32.66
CA SER A 64 -8.71 2.92 33.72
C SER A 64 -7.91 2.91 35.04
N ILE A 65 -7.46 1.74 35.46
CA ILE A 65 -6.74 1.63 36.72
C ILE A 65 -5.37 2.35 36.63
N GLY A 66 -4.64 2.11 35.55
CA GLY A 66 -3.34 2.75 35.33
C GLY A 66 -3.41 4.29 35.31
N SER A 67 -4.41 4.82 34.62
CA SER A 67 -4.56 6.27 34.52
C SER A 67 -4.89 6.88 35.86
N VAL A 68 -5.75 6.22 36.64
CA VAL A 68 -6.07 6.71 37.98
C VAL A 68 -4.85 6.66 38.90
N ALA A 69 -4.16 5.52 38.92
CA ALA A 69 -2.95 5.36 39.72
C ALA A 69 -1.94 6.45 39.39
N GLY A 70 -1.72 6.66 38.11
CA GLY A 70 -0.81 7.70 37.66
C GLY A 70 -1.24 9.05 38.17
N TYR A 71 -2.53 9.38 38.06
CA TYR A 71 -2.98 10.68 38.58
C TYR A 71 -2.74 10.83 40.09
N LEU A 72 -3.04 9.78 40.84
CA LEU A 72 -2.84 9.80 42.28
C LEU A 72 -1.36 9.99 42.69
N CYS A 73 -0.44 9.78 41.75
CA CYS A 73 0.98 9.97 42.03
C CYS A 73 1.51 11.34 41.61
N THR A 74 0.61 12.24 41.23
CA THR A 74 1.01 13.60 40.90
C THR A 74 0.40 14.56 41.89
N GLU A 75 0.66 15.86 41.74
CA GLU A 75 0.12 16.84 42.66
C GLU A 75 -0.29 18.10 41.96
N GLY A 76 -1.14 18.89 42.63
CA GLY A 76 -1.54 20.19 42.14
C GLY A 76 -2.20 20.20 40.79
N GLU A 77 -1.71 21.07 39.90
N GLU A 77 -1.71 21.07 39.91
CA GLU A 77 -2.35 21.25 38.60
CA GLU A 77 -2.31 21.26 38.60
C GLU A 77 -1.86 20.22 37.59
C GLU A 77 -1.87 20.21 37.59
N GLN A 78 -0.99 19.30 38.01
CA GLN A 78 -0.49 18.27 37.11
C GLN A 78 -1.63 17.38 36.58
N LYS A 79 -1.53 17.02 35.30
CA LYS A 79 -2.46 16.08 34.67
C LYS A 79 -1.65 14.88 34.18
N VAL A 80 -2.29 13.72 34.06
N VAL A 80 -2.33 13.74 34.01
CA VAL A 80 -1.60 12.60 33.41
CA VAL A 80 -1.73 12.51 33.53
C VAL A 80 -2.53 12.01 32.37
C VAL A 80 -2.57 12.01 32.36
N VAL A 81 -1.95 11.72 31.21
CA VAL A 81 -2.68 11.14 30.08
C VAL A 81 -1.92 9.89 29.59
N GLY A 82 -2.66 8.88 29.17
CA GLY A 82 -2.04 7.68 28.64
C GLY A 82 -1.43 7.96 27.28
N LEU A 83 -0.19 7.52 27.08
CA LEU A 83 0.54 7.73 25.84
C LEU A 83 0.56 6.46 25.00
N GLU A 84 0.86 5.35 25.66
CA GLU A 84 0.97 4.07 24.96
C GLU A 84 0.48 2.98 25.86
N ILE A 85 -0.25 2.02 25.29
CA ILE A 85 -0.72 0.90 26.07
C ILE A 85 -0.45 -0.34 25.25
N ASN A 86 -0.08 -1.42 25.93
CA ASN A 86 0.14 -2.68 25.24
C ASN A 86 -0.28 -3.80 26.13
N ALA A 87 -0.66 -4.93 25.54
CA ALA A 87 -1.17 -6.03 26.34
C ALA A 87 -1.03 -7.36 25.65
N ASN A 88 -0.83 -8.41 26.43
N ASN A 88 -0.91 -8.41 26.44
CA ASN A 88 -0.87 -9.79 25.93
CA ASN A 88 -0.90 -9.75 25.92
C ASN A 88 -2.08 -10.47 26.56
C ASN A 88 -2.06 -10.51 26.57
N HIS A 89 -2.93 -11.07 25.73
CA HIS A 89 -4.08 -11.81 26.22
C HIS A 89 -3.74 -13.30 26.30
N VAL A 90 -3.52 -13.79 27.51
CA VAL A 90 -2.96 -15.13 27.68
C VAL A 90 -4.02 -16.17 28.02
N ARG A 91 -5.12 -15.73 28.61
CA ARG A 91 -6.20 -16.66 28.93
C ARG A 91 -7.53 -15.94 28.82
N SER A 92 -8.56 -16.68 28.38
CA SER A 92 -9.91 -16.15 28.25
C SER A 92 -10.63 -16.19 29.58
N ALA A 93 -11.68 -15.38 29.71
CA ALA A 93 -12.58 -15.47 30.85
C ALA A 93 -13.99 -15.61 30.32
N ARG A 94 -14.87 -16.31 31.04
CA ARG A 94 -16.23 -16.47 30.52
C ARG A 94 -17.36 -16.14 31.50
N GLU A 95 -17.02 -15.90 32.76
CA GLU A 95 -18.06 -15.65 33.76
C GLU A 95 -17.48 -14.90 34.95
N GLY A 96 -18.36 -14.41 35.81
CA GLY A 96 -17.97 -13.78 37.05
C GLY A 96 -17.38 -12.41 36.83
N ARG A 97 -16.37 -12.08 37.63
CA ARG A 97 -15.69 -10.79 37.47
C ARG A 97 -14.19 -11.00 37.33
N VAL A 98 -13.52 -10.10 36.64
CA VAL A 98 -12.07 -10.17 36.54
C VAL A 98 -11.51 -9.04 37.40
N ARG A 99 -10.26 -9.17 37.84
CA ARG A 99 -9.69 -8.15 38.70
C ARG A 99 -8.37 -7.67 38.12
N GLY A 100 -8.21 -6.36 38.02
CA GLY A 100 -6.96 -5.77 37.56
C GLY A 100 -6.13 -5.32 38.74
N VAL A 101 -4.82 -5.62 38.69
CA VAL A 101 -3.88 -5.24 39.75
C VAL A 101 -2.76 -4.40 39.15
N CYS A 102 -2.67 -3.17 39.61
CA CYS A 102 -1.76 -2.20 38.99
C CYS A 102 -0.63 -1.82 39.93
N LYS A 103 0.59 -1.86 39.41
CA LYS A 103 1.78 -1.54 40.19
CA LYS A 103 1.80 -1.56 40.18
C LYS A 103 2.74 -0.68 39.36
N PRO A 104 3.49 0.21 40.03
CA PRO A 104 4.38 1.08 39.23
C PRO A 104 5.65 0.42 38.77
N LEU A 105 6.06 0.71 37.53
CA LEU A 105 7.35 0.27 37.01
C LEU A 105 8.28 1.49 36.95
N HIS A 106 7.66 2.66 36.81
CA HIS A 106 8.43 3.90 36.80
C HIS A 106 7.56 5.07 37.18
N LEU A 107 8.01 5.84 38.17
CA LEU A 107 7.32 7.05 38.58
C LEU A 107 8.26 8.23 38.34
N GLY A 108 8.09 8.92 37.22
CA GLY A 108 9.02 9.99 36.91
C GLY A 108 8.43 11.36 37.02
N SER A 109 9.23 12.38 36.70
CA SER A 109 8.77 13.75 36.79
C SER A 109 7.98 14.15 35.53
N ARG A 110 8.19 13.41 34.43
CA ARG A 110 7.55 13.75 33.16
C ARG A 110 6.73 12.59 32.56
N HIS A 111 7.04 11.38 32.98
N HIS A 111 7.04 11.38 33.01
CA HIS A 111 6.28 10.23 32.51
CA HIS A 111 6.42 10.18 32.46
C HIS A 111 6.28 9.12 33.54
C HIS A 111 6.28 9.13 33.55
N GLN A 112 5.37 8.17 33.37
CA GLN A 112 5.25 7.04 34.28
C GLN A 112 5.01 5.79 33.45
N VAL A 113 5.34 4.65 34.03
CA VAL A 113 5.02 3.36 33.42
C VAL A 113 4.37 2.49 34.48
N TRP A 114 3.22 1.93 34.13
CA TRP A 114 2.46 1.12 35.05
C TRP A 114 2.29 -0.27 34.47
N GLN A 115 2.35 -1.29 35.34
CA GLN A 115 2.08 -2.66 34.91
C GLN A 115 0.74 -3.05 35.48
N ILE A 116 -0.18 -3.54 34.63
CA ILE A 116 -1.49 -3.96 35.15
C ILE A 116 -1.73 -5.41 34.75
N GLU A 117 -2.03 -6.28 35.72
CA GLU A 117 -2.30 -7.68 35.40
C GLU A 117 -3.75 -7.95 35.75
N ILE A 118 -4.44 -8.66 34.85
CA ILE A 118 -5.86 -8.93 35.05
C ILE A 118 -6.03 -10.45 35.25
N PHE A 119 -6.76 -10.81 36.30
CA PHE A 119 -6.91 -12.19 36.74
C PHE A 119 -8.38 -12.58 36.72
N ASP A 120 -8.68 -13.84 36.38
CA ASP A 120 -10.05 -14.33 36.50
C ASP A 120 -10.43 -14.58 37.96
N GLU A 121 -11.64 -15.07 38.21
CA GLU A 121 -12.09 -15.22 39.58
C GLU A 121 -11.32 -16.28 40.36
N LYS A 122 -10.64 -17.17 39.63
CA LYS A 122 -9.81 -18.19 40.27
C LYS A 122 -8.37 -17.75 40.52
N GLY A 123 -8.04 -16.51 40.17
CA GLY A 123 -6.68 -16.04 40.36
C GLY A 123 -5.72 -16.32 39.21
N ARG A 124 -6.23 -16.79 38.09
CA ARG A 124 -5.37 -17.11 36.95
C ARG A 124 -5.15 -15.90 36.07
N LEU A 125 -3.92 -15.70 35.62
CA LEU A 125 -3.60 -14.55 34.77
C LEU A 125 -4.36 -14.64 33.43
N CYS A 126 -5.08 -13.57 33.08
CA CYS A 126 -5.77 -13.52 31.79
C CYS A 126 -5.16 -12.50 30.83
N CYS A 127 -4.71 -11.38 31.36
N CYS A 127 -4.69 -11.39 31.37
CA CYS A 127 -4.14 -10.30 30.53
CA CYS A 127 -4.08 -10.36 30.54
C CYS A 127 -2.98 -9.63 31.27
C CYS A 127 -2.95 -9.68 31.28
N SER A 128 -1.87 -9.41 30.57
CA SER A 128 -0.76 -8.70 31.17
C SER A 128 -0.45 -7.46 30.33
N SER A 129 -0.51 -6.28 30.94
N SER A 129 -0.50 -6.29 30.96
CA SER A 129 -0.39 -5.06 30.16
CA SER A 129 -0.46 -5.02 30.24
C SER A 129 0.57 -4.03 30.78
C SER A 129 0.54 -4.00 30.81
N ARG A 130 0.97 -3.06 29.98
CA ARG A 130 1.83 -1.97 30.41
C ARG A 130 1.23 -0.68 29.87
N LEU A 131 1.22 0.36 30.69
CA LEU A 131 0.71 1.65 30.26
C LEU A 131 1.79 2.68 30.51
N THR A 132 2.10 3.45 29.48
CA THR A 132 3.00 4.59 29.64
C THR A 132 2.16 5.86 29.63
N THR A 133 2.33 6.68 30.67
CA THR A 133 1.63 7.96 30.73
C THR A 133 2.56 9.14 30.57
N ALA A 134 1.98 10.27 30.18
CA ALA A 134 2.70 11.54 30.16
C ALA A 134 2.16 12.45 31.26
N ILE A 135 3.06 13.13 31.98
CA ILE A 135 2.65 14.08 33.00
C ILE A 135 2.69 15.47 32.36
N LEU A 136 1.55 16.15 32.35
CA LEU A 136 1.44 17.41 31.64
C LEU A 136 1.16 18.57 32.61
N MET B 1 -7.05 -8.20 -3.40
CA MET B 1 -8.04 -8.65 -2.42
C MET B 1 -7.49 -9.68 -1.47
N ILE B 2 -7.38 -9.31 -0.19
CA ILE B 2 -6.80 -10.20 0.80
C ILE B 2 -7.79 -11.22 1.39
N TRP B 3 -9.09 -10.97 1.24
CA TRP B 3 -10.09 -11.78 1.95
C TRP B 3 -10.24 -13.18 1.37
N LYS B 4 -10.54 -14.15 2.24
CA LYS B 4 -10.80 -15.52 1.82
C LYS B 4 -12.25 -15.86 2.10
N ARG B 5 -12.88 -15.02 2.91
CA ARG B 5 -14.30 -15.16 3.15
C ARG B 5 -15.03 -13.96 2.54
N LYS B 6 -16.24 -14.21 2.07
CA LYS B 6 -17.05 -13.14 1.50
C LYS B 6 -18.23 -12.94 2.44
N ILE B 7 -18.07 -12.02 3.39
CA ILE B 7 -19.10 -11.70 4.37
C ILE B 7 -19.46 -10.24 4.25
N THR B 8 -20.75 -9.92 4.25
CA THR B 8 -21.21 -8.55 4.10
C THR B 8 -21.19 -7.76 5.42
N LEU B 9 -21.24 -6.43 5.30
CA LEU B 9 -21.30 -5.55 6.46
C LEU B 9 -22.53 -5.81 7.32
N GLU B 10 -23.63 -6.18 6.67
CA GLU B 10 -24.85 -6.42 7.41
C GLU B 10 -24.73 -7.64 8.32
N ALA B 11 -24.04 -8.69 7.85
CA ALA B 11 -23.82 -9.87 8.68
C ALA B 11 -22.87 -9.56 9.83
N LEU B 12 -21.82 -8.80 9.54
CA LEU B 12 -20.92 -8.33 10.58
C LEU B 12 -21.69 -7.55 11.63
N ASN B 13 -22.49 -6.59 11.21
CA ASN B 13 -23.21 -5.78 12.18
C ASN B 13 -24.27 -6.58 12.94
N ALA B 14 -24.78 -7.63 12.33
CA ALA B 14 -25.75 -8.49 13.01
C ALA B 14 -25.09 -9.24 14.17
N MET B 15 -23.82 -9.58 14.03
CA MET B 15 -23.09 -10.36 15.05
C MET B 15 -22.84 -9.58 16.34
N GLY B 16 -22.78 -8.26 16.24
CA GLY B 16 -22.51 -7.43 17.39
C GLY B 16 -23.68 -7.27 18.34
N GLU B 17 -24.88 -7.62 17.89
CA GLU B 17 -26.08 -7.47 18.71
C GLU B 17 -25.97 -8.29 20.00
N GLY B 18 -26.21 -7.62 21.13
CA GLY B 18 -26.23 -8.32 22.41
C GLY B 18 -24.87 -8.57 23.03
N ASN B 19 -23.80 -8.05 22.42
CA ASN B 19 -22.46 -8.14 23.04
C ASN B 19 -21.77 -6.77 23.07
N MET B 20 -20.50 -6.73 23.47
CA MET B 20 -19.83 -5.43 23.70
C MET B 20 -19.85 -4.52 22.46
N VAL B 21 -19.71 -5.12 21.29
CA VAL B 21 -19.71 -4.37 20.04
C VAL B 21 -21.03 -3.63 19.87
N GLY B 22 -22.13 -4.36 20.05
CA GLY B 22 -23.45 -3.75 20.03
C GLY B 22 -23.67 -2.74 21.14
N PHE B 23 -23.18 -3.05 22.34
CA PHE B 23 -23.36 -2.15 23.48
C PHE B 23 -22.68 -0.79 23.28
N LEU B 24 -21.54 -0.78 22.59
CA LEU B 24 -20.83 0.48 22.33
C LEU B 24 -21.22 1.14 21.00
N ASP B 25 -22.21 0.58 20.31
CA ASP B 25 -22.63 1.06 18.99
C ASP B 25 -21.47 1.14 17.97
N ILE B 26 -20.57 0.17 18.02
CA ILE B 26 -19.56 0.03 16.99
C ILE B 26 -20.26 -0.49 15.74
N ARG B 27 -20.09 0.21 14.62
CA ARG B 27 -20.74 -0.18 13.37
CA ARG B 27 -20.75 -0.16 13.38
C ARG B 27 -19.74 -0.33 12.25
N PHE B 28 -19.68 -1.52 11.66
CA PHE B 28 -18.81 -1.73 10.51
C PHE B 28 -19.43 -1.07 9.28
N GLU B 29 -18.65 -0.26 8.57
CA GLU B 29 -19.23 0.64 7.57
C GLU B 29 -18.69 0.49 6.17
N HIS B 30 -17.49 -0.09 6.03
CA HIS B 30 -16.89 -0.27 4.71
C HIS B 30 -15.90 -1.42 4.67
N ILE B 31 -15.88 -2.13 3.55
N ILE B 31 -15.87 -2.13 3.56
CA ILE B 31 -14.88 -3.15 3.27
CA ILE B 31 -14.82 -3.11 3.35
C ILE B 31 -14.23 -2.87 1.94
C ILE B 31 -14.22 -2.94 1.96
N GLY B 32 -12.91 -2.69 1.92
CA GLY B 32 -12.20 -2.52 0.67
C GLY B 32 -11.58 -3.85 0.29
N ASP B 33 -10.75 -3.84 -0.76
CA ASP B 33 -10.06 -5.06 -1.16
C ASP B 33 -8.99 -5.43 -0.15
N ASP B 34 -8.51 -4.43 0.60
CA ASP B 34 -7.50 -4.68 1.65
C ASP B 34 -7.67 -3.85 2.93
N THR B 35 -8.88 -3.34 3.17
CA THR B 35 -9.17 -2.53 4.35
C THR B 35 -10.51 -2.92 4.96
N LEU B 36 -10.66 -2.65 6.26
CA LEU B 36 -11.95 -2.82 6.90
C LEU B 36 -12.13 -1.61 7.82
N GLU B 37 -13.36 -1.10 7.90
CA GLU B 37 -13.62 0.17 8.57
C GLU B 37 -14.86 0.09 9.45
N ALA B 38 -14.77 0.63 10.66
CA ALA B 38 -15.92 0.68 11.56
C ALA B 38 -15.86 1.97 12.36
N THR B 39 -17.02 2.44 12.81
CA THR B 39 -17.08 3.69 13.56
C THR B 39 -17.63 3.41 14.94
N MET B 40 -17.45 4.36 15.85
CA MET B 40 -17.87 4.23 17.23
C MET B 40 -18.16 5.64 17.77
N PRO B 41 -19.30 5.82 18.45
CA PRO B 41 -19.58 7.15 18.99
C PRO B 41 -18.68 7.51 20.17
N VAL B 42 -18.44 8.80 20.33
CA VAL B 42 -17.87 9.31 21.56
C VAL B 42 -19.06 9.76 22.42
N ASP B 43 -19.45 8.91 23.37
CA ASP B 43 -20.62 9.20 24.19
C ASP B 43 -20.44 8.64 25.59
N SER B 44 -21.51 8.65 26.39
N SER B 44 -21.53 8.63 26.36
CA SER B 44 -21.43 8.24 27.80
CA SER B 44 -21.49 8.20 27.75
C SER B 44 -20.84 6.84 27.98
C SER B 44 -20.84 6.84 27.95
N ARG B 45 -21.11 5.93 27.04
N ARG B 45 -21.11 5.91 27.03
CA ARG B 45 -20.60 4.56 27.12
CA ARG B 45 -20.59 4.55 27.15
C ARG B 45 -19.12 4.46 26.78
C ARG B 45 -19.12 4.43 26.74
N THR B 46 -18.57 5.50 26.14
CA THR B 46 -17.17 5.49 25.73
C THR B 46 -16.33 6.65 26.24
N LYS B 47 -16.88 7.44 27.15
CA LYS B 47 -16.20 8.66 27.61
C LYS B 47 -15.48 8.48 28.94
N GLN B 48 -14.43 9.25 29.14
CA GLN B 48 -13.80 9.45 30.44
C GLN B 48 -14.74 10.33 31.26
N PRO B 49 -14.49 10.46 32.58
CA PRO B 49 -15.38 11.28 33.42
C PRO B 49 -15.60 12.71 32.92
N PHE B 50 -14.63 13.33 32.26
CA PHE B 50 -14.85 14.70 31.83
C PHE B 50 -15.04 14.94 30.33
N GLY B 51 -15.39 13.88 29.61
CA GLY B 51 -15.96 14.04 28.30
C GLY B 51 -15.11 13.62 27.11
N LEU B 52 -13.82 13.40 27.33
CA LEU B 52 -12.97 12.98 26.23
C LEU B 52 -13.10 11.50 26.02
N LEU B 53 -12.84 11.03 24.80
CA LEU B 53 -12.87 9.59 24.52
C LEU B 53 -11.94 8.81 25.46
N HIS B 54 -12.46 7.74 26.04
CA HIS B 54 -11.67 6.80 26.85
C HIS B 54 -10.73 6.04 25.93
N GLY B 55 -9.44 6.02 26.25
CA GLY B 55 -8.47 5.37 25.39
C GLY B 55 -8.73 3.88 25.24
N GLY B 56 -9.36 3.30 26.25
CA GLY B 56 -9.72 1.89 26.21
C GLY B 56 -10.80 1.61 25.17
N ALA B 57 -11.72 2.56 24.99
CA ALA B 57 -12.73 2.42 23.93
C ALA B 57 -12.09 2.35 22.53
N SER B 58 -11.07 3.15 22.29
CA SER B 58 -10.36 3.08 21.01
C SER B 58 -9.77 1.71 20.81
N VAL B 59 -9.23 1.13 21.89
CA VAL B 59 -8.65 -0.21 21.76
C VAL B 59 -9.75 -1.25 21.53
N VAL B 60 -10.92 -1.03 22.11
CA VAL B 60 -12.01 -1.97 21.84
C VAL B 60 -12.34 -1.91 20.35
N LEU B 61 -12.39 -0.71 19.80
CA LEU B 61 -12.60 -0.55 18.36
C LEU B 61 -11.51 -1.22 17.53
N ALA B 62 -10.25 -0.93 17.86
CA ALA B 62 -9.11 -1.55 17.14
C ALA B 62 -9.13 -3.08 17.19
N GLU B 63 -9.31 -3.64 18.38
CA GLU B 63 -9.32 -5.10 18.49
C GLU B 63 -10.51 -5.72 17.78
N SER B 64 -11.65 -5.06 17.82
CA SER B 64 -12.81 -5.58 17.13
C SER B 64 -12.54 -5.61 15.62
N ILE B 65 -12.03 -4.52 15.07
CA ILE B 65 -11.87 -4.47 13.62
C ILE B 65 -10.78 -5.43 13.17
N GLY B 66 -9.64 -5.42 13.88
CA GLY B 66 -8.51 -6.29 13.57
C GLY B 66 -8.83 -7.77 13.64
N SER B 67 -9.63 -8.17 14.62
CA SER B 67 -10.03 -9.58 14.76
C SER B 67 -10.94 -10.00 13.61
N VAL B 68 -11.91 -9.15 13.28
CA VAL B 68 -12.82 -9.46 12.20
C VAL B 68 -12.06 -9.56 10.89
N ALA B 69 -11.19 -8.60 10.64
CA ALA B 69 -10.41 -8.61 9.42
C ALA B 69 -9.54 -9.86 9.33
N GLY B 70 -8.87 -10.21 10.44
CA GLY B 70 -8.06 -11.42 10.46
C GLY B 70 -8.88 -12.63 10.14
N TYR B 71 -10.05 -12.73 10.75
CA TYR B 71 -10.92 -13.88 10.51
C TYR B 71 -11.33 -13.98 9.06
N LEU B 72 -11.56 -12.84 8.42
CA LEU B 72 -11.97 -12.82 7.04
C LEU B 72 -10.86 -13.31 6.12
N CYS B 73 -9.65 -13.43 6.66
CA CYS B 73 -8.49 -13.83 5.85
C CYS B 73 -8.11 -15.27 6.13
N THR B 74 -9.01 -15.99 6.79
CA THR B 74 -8.84 -17.42 7.03
C THR B 74 -9.95 -18.13 6.30
N GLU B 75 -9.93 -19.46 6.32
CA GLU B 75 -10.95 -20.20 5.59
C GLU B 75 -11.47 -21.40 6.37
N GLY B 76 -12.73 -21.76 6.12
CA GLY B 76 -13.32 -22.95 6.70
C GLY B 76 -13.36 -22.93 8.21
N GLU B 77 -12.79 -23.97 8.82
CA GLU B 77 -12.81 -24.14 10.26
C GLU B 77 -11.83 -23.24 11.00
N GLN B 78 -11.03 -22.48 10.27
CA GLN B 78 -10.02 -21.62 10.90
C GLN B 78 -10.66 -20.53 11.75
N LYS B 79 -10.02 -20.23 12.89
CA LYS B 79 -10.38 -19.12 13.77
C LYS B 79 -9.16 -18.19 13.90
N VAL B 80 -9.38 -16.93 14.25
CA VAL B 80 -8.27 -16.10 14.68
C VAL B 80 -8.49 -15.67 16.14
N VAL B 81 -7.38 -15.50 16.86
CA VAL B 81 -7.43 -15.03 18.24
C VAL B 81 -6.35 -13.97 18.47
N GLY B 82 -6.71 -12.85 19.06
CA GLY B 82 -5.73 -11.83 19.38
C GLY B 82 -4.75 -12.27 20.46
N LEU B 83 -3.47 -12.18 20.16
CA LEU B 83 -2.41 -12.53 21.10
C LEU B 83 -1.89 -11.28 21.81
N GLU B 84 -1.60 -10.25 21.01
CA GLU B 84 -0.96 -9.04 21.52
C GLU B 84 -1.59 -7.80 20.89
N ILE B 85 -1.68 -6.73 21.66
CA ILE B 85 -2.16 -5.48 21.12
C ILE B 85 -1.34 -4.34 21.69
N ASN B 86 -1.03 -3.35 20.85
CA ASN B 86 -0.43 -2.12 21.34
C ASN B 86 -1.10 -0.93 20.66
N ALA B 87 -1.14 0.20 21.34
CA ALA B 87 -1.80 1.39 20.78
C ALA B 87 -1.11 2.65 21.24
N ASN B 88 -0.97 3.60 20.32
CA ASN B 88 -0.46 4.92 20.67
C ASN B 88 -1.57 5.94 20.60
N HIS B 89 -1.80 6.65 21.69
CA HIS B 89 -2.86 7.64 21.74
C HIS B 89 -2.25 9.00 21.44
N VAL B 90 -2.41 9.48 20.21
CA VAL B 90 -1.71 10.69 19.79
C VAL B 90 -2.55 11.97 19.82
N ARG B 91 -3.87 11.82 19.80
CA ARG B 91 -4.80 12.93 19.86
C ARG B 91 -6.13 12.51 20.52
N SER B 92 -6.73 13.39 21.30
CA SER B 92 -8.00 13.07 21.96
C SER B 92 -9.20 13.30 21.04
N ALA B 93 -10.37 12.77 21.44
CA ALA B 93 -11.60 13.03 20.70
C ALA B 93 -12.72 13.36 21.67
N ARG B 94 -13.69 14.16 21.26
CA ARG B 94 -14.71 14.60 22.21
C ARG B 94 -16.16 14.46 21.73
N GLU B 95 -16.37 14.47 20.42
CA GLU B 95 -17.73 14.46 19.91
C GLU B 95 -17.86 13.68 18.62
N GLY B 96 -19.10 13.39 18.22
CA GLY B 96 -19.34 12.68 17.00
C GLY B 96 -18.90 11.22 17.09
N ARG B 97 -18.47 10.67 15.96
CA ARG B 97 -18.00 9.30 15.92
C ARG B 97 -16.53 9.28 15.50
N VAL B 98 -15.77 8.31 16.02
CA VAL B 98 -14.42 8.11 15.52
C VAL B 98 -14.50 6.96 14.53
N ARG B 99 -13.48 6.86 13.67
CA ARG B 99 -13.53 5.92 12.57
C ARG B 99 -12.26 5.10 12.53
N GLY B 100 -12.40 3.78 12.62
CA GLY B 100 -11.25 2.90 12.58
C GLY B 100 -11.00 2.31 11.19
N VAL B 101 -9.75 2.37 10.75
CA VAL B 101 -9.35 1.84 9.45
C VAL B 101 -8.21 0.84 9.67
N CYS B 102 -8.48 -0.42 9.32
CA CYS B 102 -7.57 -1.54 9.54
C CYS B 102 -6.94 -2.04 8.22
N LYS B 103 -5.61 -2.14 8.18
CA LYS B 103 -4.87 -2.62 7.02
C LYS B 103 -3.89 -3.71 7.46
N PRO B 104 -3.61 -4.68 6.59
CA PRO B 104 -2.68 -5.73 7.02
C PRO B 104 -1.22 -5.29 6.98
N LEU B 105 -0.41 -5.75 7.93
CA LEU B 105 1.04 -5.54 7.85
C LEU B 105 1.70 -6.86 7.47
N HIS B 106 1.07 -7.96 7.85
CA HIS B 106 1.56 -9.29 7.53
C HIS B 106 0.44 -10.31 7.62
N LEU B 107 0.24 -11.07 6.54
CA LEU B 107 -0.76 -12.13 6.54
C LEU B 107 -0.09 -13.49 6.40
N GLY B 108 0.13 -14.16 7.53
CA GLY B 108 0.84 -15.42 7.52
C GLY B 108 -0.08 -16.63 7.57
N SER B 109 0.50 -17.81 7.50
CA SER B 109 -0.29 -19.03 7.54
C SER B 109 -0.62 -19.33 8.98
N ARG B 110 0.14 -18.76 9.91
CA ARG B 110 0.00 -19.08 11.32
C ARG B 110 -0.29 -17.87 12.21
N HIS B 111 0.10 -16.69 11.75
CA HIS B 111 -0.20 -15.49 12.49
C HIS B 111 -0.33 -14.30 11.54
N GLN B 112 -0.95 -13.23 12.04
CA GLN B 112 -1.13 -12.01 11.25
C GLN B 112 -0.78 -10.79 12.11
N VAL B 113 -0.40 -9.71 11.45
CA VAL B 113 -0.19 -8.45 12.14
C VAL B 113 -1.07 -7.43 11.44
N TRP B 114 -1.89 -6.73 12.22
CA TRP B 114 -2.81 -5.75 11.65
C TRP B 114 -2.49 -4.37 12.18
N GLN B 115 -2.65 -3.35 11.36
CA GLN B 115 -2.53 -1.99 11.86
C GLN B 115 -3.89 -1.28 11.79
N ILE B 116 -4.31 -0.65 12.88
CA ILE B 116 -5.57 0.06 12.88
C ILE B 116 -5.33 1.52 13.21
N GLU B 117 -5.78 2.42 12.34
CA GLU B 117 -5.68 3.84 12.65
C GLU B 117 -7.08 4.37 12.96
N ILE B 118 -7.21 5.12 14.05
CA ILE B 118 -8.51 5.67 14.43
C ILE B 118 -8.49 7.18 14.29
N PHE B 119 -9.42 7.70 13.48
CA PHE B 119 -9.46 9.11 13.13
C PHE B 119 -10.68 9.76 13.76
N ASP B 120 -10.58 11.05 14.10
CA ASP B 120 -11.76 11.79 14.56
C ASP B 120 -12.62 12.18 13.36
N GLU B 121 -13.70 12.93 13.59
CA GLU B 121 -14.63 13.27 12.51
C GLU B 121 -14.05 14.25 11.49
N LYS B 122 -12.98 14.94 11.88
CA LYS B 122 -12.29 15.82 10.96
C LYS B 122 -11.15 15.13 10.22
N GLY B 123 -11.01 13.82 10.44
CA GLY B 123 -9.99 13.05 9.72
C GLY B 123 -8.60 13.10 10.33
N ARG B 124 -8.49 13.56 11.56
CA ARG B 124 -7.19 13.65 12.20
C ARG B 124 -6.88 12.36 12.96
N LEU B 125 -5.63 11.89 12.91
CA LEU B 125 -5.29 10.65 13.60
C LEU B 125 -5.36 10.84 15.12
N CYS B 126 -6.02 9.91 15.79
N CYS B 126 -6.06 9.95 15.81
CA CYS B 126 -6.15 9.95 17.24
CA CYS B 126 -6.15 10.03 17.25
C CYS B 126 -5.48 8.76 17.93
C CYS B 126 -5.46 8.84 17.95
N CYS B 127 -5.56 7.60 17.30
N CYS B 127 -5.45 7.69 17.29
CA CYS B 127 -5.00 6.40 17.87
CA CYS B 127 -4.66 6.57 17.77
C CYS B 127 -4.46 5.50 16.79
C CYS B 127 -4.39 5.56 16.67
N SER B 128 -3.23 5.02 16.97
N SER B 128 -3.18 5.02 16.72
CA SER B 128 -2.63 4.07 16.04
CA SER B 128 -2.77 3.98 15.79
C SER B 128 -2.28 2.79 16.76
C SER B 128 -2.32 2.78 16.60
N SER B 129 -2.75 1.66 16.25
N SER B 129 -2.81 1.60 16.23
CA SER B 129 -2.67 0.41 16.99
CA SER B 129 -2.60 0.42 17.03
C SER B 129 -2.20 -0.76 16.13
C SER B 129 -2.19 -0.75 16.15
N ARG B 130 -1.54 -1.73 16.76
CA ARG B 130 -1.16 -2.98 16.06
C ARG B 130 -1.73 -4.17 16.82
N LEU B 131 -2.33 -5.10 16.07
CA LEU B 131 -2.87 -6.32 16.65
C LEU B 131 -2.18 -7.51 16.01
N THR B 132 -1.67 -8.40 16.85
CA THR B 132 -1.07 -9.66 16.40
C THR B 132 -2.01 -10.80 16.75
N THR B 133 -2.39 -11.56 15.73
CA THR B 133 -3.35 -12.64 15.93
C THR B 133 -2.70 -13.96 15.66
N ALA B 134 -3.26 -15.02 16.25
CA ALA B 134 -2.85 -16.36 15.88
C ALA B 134 -3.97 -16.99 15.08
N ILE B 135 -3.62 -17.77 14.07
CA ILE B 135 -4.61 -18.56 13.35
C ILE B 135 -4.65 -19.99 13.92
N LEU B 136 -5.81 -20.42 14.41
CA LEU B 136 -5.94 -21.72 15.06
C LEU B 136 -6.99 -22.60 14.37
N MET C 1 9.19 -28.09 38.41
CA MET C 1 9.82 -27.13 37.51
C MET C 1 9.07 -27.08 36.19
N ILE C 2 9.22 -25.98 35.46
CA ILE C 2 8.51 -25.81 34.20
C ILE C 2 9.28 -26.43 33.04
N TRP C 3 10.59 -26.63 33.24
CA TRP C 3 11.43 -27.09 32.14
C TRP C 3 11.12 -28.53 31.75
N LYS C 4 11.21 -28.79 30.45
CA LYS C 4 11.03 -30.14 29.90
C LYS C 4 12.35 -30.67 29.36
N ARG C 5 13.22 -29.77 28.92
CA ARG C 5 14.54 -30.17 28.44
C ARG C 5 15.61 -29.94 29.51
N LYS C 6 16.45 -30.93 29.71
CA LYS C 6 17.46 -30.85 30.76
C LYS C 6 18.75 -30.27 30.20
N ILE C 7 19.00 -29.01 30.49
CA ILE C 7 20.13 -28.25 29.96
CA ILE C 7 20.19 -28.36 29.98
C ILE C 7 20.93 -27.66 31.13
N THR C 8 22.20 -27.35 30.93
CA THR C 8 22.98 -26.72 31.99
C THR C 8 23.39 -25.31 31.57
N LEU C 9 23.79 -24.50 32.53
CA LEU C 9 24.29 -23.17 32.25
C LEU C 9 25.52 -23.23 31.33
N GLU C 10 26.44 -24.16 31.58
CA GLU C 10 27.64 -24.20 30.77
C GLU C 10 27.32 -24.54 29.31
N ALA C 11 26.36 -25.42 29.08
CA ALA C 11 25.98 -25.75 27.71
C ALA C 11 25.32 -24.55 27.03
N LEU C 12 24.46 -23.83 27.74
CA LEU C 12 23.82 -22.64 27.18
C LEU C 12 24.91 -21.63 26.81
N ASN C 13 25.86 -21.42 27.71
CA ASN C 13 26.93 -20.48 27.42
C ASN C 13 27.86 -20.92 26.29
N ALA C 14 28.05 -22.23 26.13
CA ALA C 14 28.86 -22.72 25.02
C ALA C 14 28.15 -22.47 23.69
N MET C 15 26.83 -22.61 23.71
CA MET C 15 26.02 -22.46 22.49
C MET C 15 25.98 -21.02 21.98
N GLY C 16 26.28 -20.09 22.87
CA GLY C 16 26.29 -18.69 22.48
C GLY C 16 27.61 -18.27 21.89
N GLU C 17 28.63 -19.14 21.93
CA GLU C 17 29.94 -18.74 21.42
C GLU C 17 29.92 -18.65 19.91
N GLY C 18 30.45 -17.55 19.36
CA GLY C 18 30.54 -17.41 17.92
C GLY C 18 29.33 -16.75 17.29
N ASN C 19 28.35 -16.39 18.10
CA ASN C 19 27.18 -15.69 17.58
C ASN C 19 26.87 -14.46 18.43
N MET C 20 25.77 -13.76 18.17
CA MET C 20 25.53 -12.48 18.83
C MET C 20 25.59 -12.53 20.35
N VAL C 21 24.99 -13.56 20.93
CA VAL C 21 24.96 -13.73 22.40
C VAL C 21 26.38 -13.72 22.98
N GLY C 22 27.26 -14.54 22.41
CA GLY C 22 28.66 -14.54 22.81
C GLY C 22 29.39 -13.25 22.48
N PHE C 23 29.10 -12.65 21.33
CA PHE C 23 29.77 -11.41 20.91
C PHE C 23 29.50 -10.29 21.92
N LEU C 24 28.29 -10.26 22.47
CA LEU C 24 27.93 -9.22 23.44
C LEU C 24 28.28 -9.61 24.87
N ASP C 25 28.86 -10.79 25.04
CA ASP C 25 29.24 -11.32 26.37
C ASP C 25 28.01 -11.49 27.28
N ILE C 26 26.89 -11.90 26.68
CA ILE C 26 25.71 -12.28 27.45
C ILE C 26 25.99 -13.63 28.12
N ARG C 27 25.72 -13.73 29.41
CA ARG C 27 26.07 -14.91 30.18
C ARG C 27 24.91 -15.45 30.99
N PHE C 28 24.50 -16.68 30.72
CA PHE C 28 23.46 -17.30 31.53
C PHE C 28 24.03 -17.67 32.90
N GLU C 29 23.34 -17.28 33.97
CA GLU C 29 23.93 -17.36 35.30
C GLU C 29 23.11 -18.09 36.34
N HIS C 30 21.80 -18.18 36.11
N HIS C 30 21.80 -18.19 36.11
CA HIS C 30 20.93 -18.89 37.05
CA HIS C 30 20.95 -18.92 37.04
C HIS C 30 19.76 -19.52 36.33
C HIS C 30 19.75 -19.52 36.35
N ILE C 31 19.44 -20.76 36.70
CA ILE C 31 18.19 -21.38 36.26
C ILE C 31 17.48 -21.92 37.49
N GLY C 32 16.30 -21.39 37.76
CA GLY C 32 15.52 -21.80 38.92
C GLY C 32 14.45 -22.74 38.44
N ASP C 33 13.50 -23.08 39.32
CA ASP C 33 12.43 -23.98 38.93
C ASP C 33 11.50 -23.35 37.88
N ASP C 34 11.39 -22.02 37.90
CA ASP C 34 10.57 -21.35 36.91
C ASP C 34 11.13 -19.99 36.51
N THR C 35 12.44 -19.80 36.61
CA THR C 35 13.05 -18.56 36.15
C THR C 35 14.39 -18.84 35.47
N LEU C 36 14.81 -17.95 34.58
CA LEU C 36 16.11 -18.05 33.93
C LEU C 36 16.75 -16.67 33.98
N GLU C 37 18.04 -16.61 34.29
CA GLU C 37 18.71 -15.32 34.44
C GLU C 37 20.02 -15.25 33.65
N ALA C 38 20.26 -14.11 33.02
CA ALA C 38 21.51 -13.88 32.31
C ALA C 38 21.97 -12.43 32.49
N THR C 39 23.27 -12.21 32.45
CA THR C 39 23.83 -10.87 32.60
C THR C 39 24.51 -10.42 31.32
N MET C 40 24.68 -9.10 31.19
CA MET C 40 25.26 -8.53 29.98
C MET C 40 25.99 -7.27 30.41
N PRO C 41 27.23 -7.08 29.90
CA PRO C 41 28.00 -5.89 30.25
C PRO C 41 27.51 -4.64 29.54
N VAL C 42 27.65 -3.50 30.21
CA VAL C 42 27.52 -2.20 29.55
C VAL C 42 28.92 -1.82 29.09
N ASP C 43 29.22 -2.00 27.81
CA ASP C 43 30.55 -1.66 27.31
C ASP C 43 30.46 -1.22 25.86
N SER C 44 31.61 -1.11 25.19
N SER C 44 31.63 -1.14 25.20
CA SER C 44 31.64 -0.52 23.85
CA SER C 44 31.73 -0.68 23.83
C SER C 44 30.75 -1.23 22.84
C SER C 44 30.74 -1.34 22.89
N ARG C 45 30.51 -2.54 23.05
N ARG C 45 30.55 -2.65 23.05
CA ARG C 45 29.68 -3.32 22.13
CA ARG C 45 29.68 -3.41 22.16
C ARG C 45 28.19 -3.17 22.42
C ARG C 45 28.19 -3.21 22.43
N THR C 46 27.86 -2.61 23.58
CA THR C 46 26.46 -2.45 23.98
C THR C 46 26.08 -1.01 24.31
N LYS C 47 26.93 -0.05 23.95
CA LYS C 47 26.68 1.34 24.33
C LYS C 47 26.20 2.23 23.19
N GLN C 48 25.48 3.30 23.53
N GLN C 48 25.48 3.30 23.53
CA GLN C 48 25.20 4.38 22.61
CA GLN C 48 25.19 4.38 22.60
C GLN C 48 26.47 5.21 22.48
C GLN C 48 26.46 5.21 22.49
N PRO C 49 26.53 6.12 21.49
CA PRO C 49 27.73 6.96 21.34
C PRO C 49 28.24 7.67 22.59
N PHE C 50 27.37 8.12 23.49
CA PHE C 50 27.93 8.81 24.64
C PHE C 50 28.02 8.02 25.94
N GLY C 51 28.01 6.70 25.83
CA GLY C 51 28.40 5.85 26.94
C GLY C 51 27.27 5.20 27.71
N LEU C 52 26.02 5.53 27.38
CA LEU C 52 24.89 4.85 28.04
C LEU C 52 24.56 3.53 27.34
N LEU C 53 23.96 2.59 28.08
CA LEU C 53 23.46 1.34 27.50
C LEU C 53 22.50 1.61 26.33
N HIS C 54 22.79 0.99 25.19
CA HIS C 54 21.90 1.06 24.01
C HIS C 54 20.65 0.25 24.31
N GLY C 55 19.47 0.85 24.15
CA GLY C 55 18.22 0.17 24.43
C GLY C 55 18.05 -1.14 23.65
N GLY C 56 18.63 -1.19 22.46
CA GLY C 56 18.60 -2.39 21.65
C GLY C 56 19.36 -3.55 22.27
N ALA C 57 20.40 -3.25 23.04
CA ALA C 57 21.16 -4.30 23.71
C ALA C 57 20.32 -4.97 24.80
N SER C 58 19.50 -4.19 25.49
CA SER C 58 18.61 -4.75 26.52
C SER C 58 17.59 -5.66 25.87
N VAL C 59 17.13 -5.28 24.69
CA VAL C 59 16.18 -6.13 23.97
C VAL C 59 16.85 -7.40 23.45
N VAL C 60 18.10 -7.32 23.02
CA VAL C 60 18.83 -8.54 22.66
C VAL C 60 18.91 -9.50 23.85
N LEU C 61 19.22 -8.95 25.01
CA LEU C 61 19.29 -9.76 26.24
C LEU C 61 17.91 -10.34 26.54
N ALA C 62 16.88 -9.50 26.53
CA ALA C 62 15.54 -10.00 26.83
C ALA C 62 15.08 -11.09 25.86
N GLU C 63 15.24 -10.87 24.56
CA GLU C 63 14.83 -11.87 23.56
C GLU C 63 15.67 -13.16 23.65
N SER C 64 16.95 -13.02 23.99
CA SER C 64 17.80 -14.20 24.18
C SER C 64 17.31 -15.06 25.33
N ILE C 65 17.09 -14.46 26.49
CA ILE C 65 16.71 -15.25 27.66
C ILE C 65 15.32 -15.85 27.42
N GLY C 66 14.40 -15.03 26.91
CA GLY C 66 13.04 -15.48 26.65
C GLY C 66 12.95 -16.62 25.65
N SER C 67 13.74 -16.55 24.59
CA SER C 67 13.75 -17.59 23.55
C SER C 67 14.28 -18.91 24.06
N VAL C 68 15.36 -18.86 24.82
CA VAL C 68 15.92 -20.05 25.45
C VAL C 68 14.94 -20.69 26.40
N ALA C 69 14.38 -19.87 27.30
CA ALA C 69 13.43 -20.36 28.29
C ALA C 69 12.26 -21.07 27.60
N GLY C 70 11.73 -20.42 26.57
CA GLY C 70 10.66 -21.00 25.77
C GLY C 70 11.02 -22.35 25.17
N TYR C 71 12.20 -22.44 24.59
CA TYR C 71 12.66 -23.69 24.01
C TYR C 71 12.78 -24.77 25.08
N LEU C 72 13.27 -24.39 26.26
CA LEU C 72 13.45 -25.35 27.35
C LEU C 72 12.14 -25.90 27.87
N CYS C 73 11.04 -25.25 27.51
CA CYS C 73 9.73 -25.67 27.98
C CYS C 73 8.93 -26.47 26.96
N THR C 74 9.58 -26.82 25.86
CA THR C 74 8.95 -27.67 24.86
C THR C 74 9.72 -28.99 24.88
N GLU C 75 9.34 -29.94 24.03
CA GLU C 75 10.03 -31.23 24.05
C GLU C 75 10.17 -31.82 22.66
N GLY C 76 11.11 -32.74 22.52
CA GLY C 76 11.28 -33.47 21.28
C GLY C 76 11.58 -32.60 20.09
N GLU C 77 10.84 -32.80 19.00
CA GLU C 77 11.09 -32.10 17.75
C GLU C 77 10.53 -30.67 17.74
N GLN C 78 9.84 -30.28 18.80
CA GLN C 78 9.23 -28.95 18.84
C GLN C 78 10.28 -27.87 18.75
N LYS C 79 9.93 -26.78 18.08
CA LYS C 79 10.79 -25.59 17.98
C LYS C 79 10.04 -24.39 18.55
N VAL C 80 10.79 -23.37 18.97
CA VAL C 80 10.20 -22.12 19.47
C VAL C 80 10.73 -20.95 18.66
N VAL C 81 9.85 -20.04 18.26
CA VAL C 81 10.28 -18.89 17.51
C VAL C 81 9.66 -17.58 18.06
N GLY C 82 10.51 -16.56 18.21
CA GLY C 82 10.05 -15.25 18.65
C GLY C 82 9.11 -14.63 17.63
N LEU C 83 7.93 -14.23 18.11
CA LEU C 83 6.87 -13.72 17.27
C LEU C 83 6.71 -12.20 17.42
N GLU C 84 6.52 -11.75 18.66
CA GLU C 84 6.41 -10.31 18.97
C GLU C 84 7.22 -10.05 20.24
N ILE C 85 7.86 -8.88 20.30
CA ILE C 85 8.63 -8.51 21.49
C ILE C 85 8.31 -7.06 21.78
N ASN C 86 8.19 -6.71 23.06
CA ASN C 86 7.97 -5.30 23.38
C ASN C 86 8.74 -4.96 24.61
N ALA C 87 9.16 -3.70 24.74
CA ALA C 87 9.97 -3.34 25.88
C ALA C 87 9.71 -1.91 26.28
N ASN C 88 9.84 -1.64 27.57
CA ASN C 88 9.80 -0.29 28.06
C ASN C 88 11.09 0.02 28.78
N HIS C 89 11.75 1.10 28.36
CA HIS C 89 13.03 1.49 28.95
C HIS C 89 12.79 2.55 30.01
N VAL C 90 12.91 2.15 31.28
CA VAL C 90 12.60 3.04 32.42
C VAL C 90 13.82 3.73 33.06
N ARG C 91 15.01 3.17 32.85
CA ARG C 91 16.22 3.73 33.42
C ARG C 91 17.40 3.29 32.57
N SER C 92 18.42 4.13 32.41
CA SER C 92 19.57 3.62 31.67
C SER C 92 20.66 3.12 32.60
N ALA C 93 21.79 2.73 32.02
CA ALA C 93 22.92 2.22 32.80
C ALA C 93 24.17 2.65 32.07
N ARG C 94 25.27 2.76 32.79
CA ARG C 94 26.51 3.30 32.23
C ARG C 94 27.71 2.36 32.43
N GLU C 95 27.61 1.47 33.42
CA GLU C 95 28.75 0.67 33.82
C GLU C 95 28.34 -0.67 34.43
N GLY C 96 29.31 -1.56 34.58
CA GLY C 96 29.07 -2.86 35.19
C GLY C 96 28.27 -3.75 34.26
N ARG C 97 27.41 -4.58 34.85
CA ARG C 97 26.62 -5.52 34.07
C ARG C 97 25.15 -5.35 34.46
N VAL C 98 24.27 -5.63 33.52
CA VAL C 98 22.84 -5.63 33.82
C VAL C 98 22.37 -7.09 33.86
N ARG C 99 21.35 -7.36 34.66
N ARG C 99 21.33 -7.36 34.64
CA ARG C 99 20.86 -8.73 34.81
CA ARG C 99 20.87 -8.74 34.79
C ARG C 99 19.42 -8.87 34.34
C ARG C 99 19.42 -8.89 34.36
N GLY C 100 19.17 -9.81 33.44
CA GLY C 100 17.82 -10.07 32.98
C GLY C 100 17.21 -11.24 33.73
N VAL C 101 15.98 -11.07 34.21
CA VAL C 101 15.26 -12.12 34.94
C VAL C 101 13.98 -12.49 34.21
N CYS C 102 13.86 -13.75 33.80
CA CYS C 102 12.78 -14.16 32.92
C CYS C 102 11.84 -15.18 33.59
N LYS C 103 10.54 -14.87 33.60
N LYS C 103 10.55 -14.88 33.56
CA LYS C 103 9.56 -15.80 34.15
CA LYS C 103 9.53 -15.74 34.15
C LYS C 103 8.40 -15.95 33.19
C LYS C 103 8.37 -15.94 33.18
N PRO C 104 7.70 -17.10 33.26
CA PRO C 104 6.60 -17.34 32.32
C PRO C 104 5.32 -16.57 32.66
N LEU C 105 4.60 -16.07 31.64
CA LEU C 105 3.26 -15.56 31.85
C LEU C 105 2.26 -16.56 31.30
N HIS C 106 2.67 -17.30 30.27
CA HIS C 106 1.81 -18.30 29.65
C HIS C 106 2.65 -19.37 28.96
N LEU C 107 2.36 -20.63 29.28
CA LEU C 107 3.03 -21.73 28.64
C LEU C 107 1.95 -22.54 27.95
N GLY C 108 1.74 -22.25 26.67
CA GLY C 108 0.66 -22.90 25.94
C GLY C 108 1.16 -24.05 25.11
N SER C 109 0.25 -24.68 24.37
CA SER C 109 0.62 -25.81 23.54
C SER C 109 1.09 -25.32 22.19
N ARG C 110 0.74 -24.07 21.84
CA ARG C 110 1.15 -23.49 20.57
C ARG C 110 1.78 -22.11 20.71
N HIS C 111 1.61 -21.46 21.87
CA HIS C 111 2.20 -20.12 22.09
C HIS C 111 2.68 -19.99 23.52
N GLN C 112 3.63 -19.09 23.76
CA GLN C 112 4.06 -18.79 25.13
C GLN C 112 4.24 -17.29 25.24
N VAL C 113 4.14 -16.79 26.47
CA VAL C 113 4.46 -15.39 26.75
C VAL C 113 5.44 -15.34 27.92
N TRP C 114 6.55 -14.63 27.72
CA TRP C 114 7.56 -14.53 28.75
C TRP C 114 7.70 -13.08 29.18
N GLN C 115 7.92 -12.86 30.46
CA GLN C 115 8.24 -11.53 30.98
C GLN C 115 9.70 -11.51 31.37
N ILE C 116 10.43 -10.52 30.85
CA ILE C 116 11.82 -10.36 31.21
C ILE C 116 12.01 -8.95 31.81
N GLU C 117 12.51 -8.90 33.05
CA GLU C 117 12.86 -7.64 33.67
C GLU C 117 14.38 -7.56 33.75
N ILE C 118 14.92 -6.39 33.43
CA ILE C 118 16.37 -6.20 33.41
C ILE C 118 16.76 -5.15 34.45
N PHE C 119 17.69 -5.51 35.34
CA PHE C 119 18.09 -4.66 36.46
C PHE C 119 19.55 -4.24 36.37
N ASP C 120 19.89 -3.06 36.89
CA ASP C 120 21.28 -2.65 37.05
C ASP C 120 21.89 -3.27 38.30
N GLU C 121 23.15 -2.95 38.59
CA GLU C 121 23.85 -3.57 39.73
C GLU C 121 23.39 -3.14 41.12
N LYS C 122 22.53 -2.13 41.21
CA LYS C 122 21.98 -1.73 42.49
C LYS C 122 20.57 -2.29 42.61
N GLY C 123 20.21 -3.17 41.66
CA GLY C 123 18.92 -3.84 41.67
C GLY C 123 17.74 -3.00 41.20
N ARG C 124 18.02 -1.92 40.49
CA ARG C 124 16.96 -1.05 40.01
C ARG C 124 16.50 -1.46 38.62
N LEU C 125 15.21 -1.44 38.40
CA LEU C 125 14.66 -1.82 37.10
C LEU C 125 15.09 -0.84 36.02
N CYS C 126 15.57 -1.39 34.90
N CYS C 126 15.54 -1.35 34.88
CA CYS C 126 16.02 -0.58 33.77
CA CYS C 126 15.88 -0.44 33.79
C CYS C 126 15.13 -0.82 32.55
C CYS C 126 15.15 -0.75 32.48
N CYS C 127 14.67 -2.04 32.38
N CYS C 127 14.70 -1.99 32.31
CA CYS C 127 13.89 -2.39 31.19
CA CYS C 127 13.89 -2.38 31.15
C CYS C 127 12.89 -3.49 31.53
C CYS C 127 12.90 -3.49 31.52
N SER C 128 11.65 -3.32 31.09
CA SER C 128 10.62 -4.35 31.31
C SER C 128 10.12 -4.81 29.95
N SER C 129 10.13 -6.12 29.71
N SER C 129 10.15 -6.12 29.71
CA SER C 129 9.76 -6.59 28.38
CA SER C 129 9.86 -6.68 28.38
C SER C 129 8.86 -7.84 28.42
C SER C 129 8.89 -7.87 28.41
N ARG C 130 8.17 -8.06 27.31
CA ARG C 130 7.34 -9.26 27.13
C ARG C 130 7.65 -9.84 25.78
N LEU C 131 7.85 -11.15 25.74
CA LEU C 131 8.16 -11.85 24.48
C LEU C 131 7.07 -12.86 24.24
N THR C 132 6.55 -12.85 23.02
CA THR C 132 5.53 -13.81 22.64
C THR C 132 6.18 -14.76 21.66
N THR C 133 6.05 -16.06 21.92
CA THR C 133 6.63 -17.04 21.01
C THR C 133 5.58 -17.92 20.38
N ALA C 134 5.97 -18.56 19.28
CA ALA C 134 5.15 -19.57 18.64
C ALA C 134 5.84 -20.92 18.78
N ILE C 135 5.06 -21.95 19.07
CA ILE C 135 5.58 -23.31 19.16
C ILE C 135 5.30 -24.02 17.84
N LEU C 136 6.36 -24.46 17.17
CA LEU C 136 6.26 -25.07 15.86
C LEU C 136 6.93 -26.45 15.82
N MET D 1 10.35 19.03 4.34
CA MET D 1 10.95 17.91 5.08
C MET D 1 10.57 17.99 6.55
N ILE D 2 10.64 16.86 7.25
CA ILE D 2 10.28 16.81 8.67
C ILE D 2 11.44 17.24 9.55
N TRP D 3 12.66 17.16 9.01
CA TRP D 3 13.87 17.42 9.80
C TRP D 3 14.02 18.88 10.24
N LYS D 4 14.49 19.07 11.47
CA LYS D 4 14.82 20.41 11.95
C LYS D 4 16.32 20.60 12.11
N ARG D 5 17.06 19.48 12.05
CA ARG D 5 18.53 19.53 12.15
C ARG D 5 19.05 19.03 10.83
N LYS D 6 20.27 19.46 10.46
CA LYS D 6 20.90 18.95 9.24
C LYS D 6 22.03 18.00 9.57
N ILE D 7 22.07 16.88 8.86
CA ILE D 7 23.12 15.90 9.10
C ILE D 7 23.54 15.33 7.76
N THR D 8 24.71 14.72 7.73
CA THR D 8 25.08 13.95 6.57
C THR D 8 25.09 12.51 7.02
N LEU D 9 24.93 11.59 6.06
CA LEU D 9 25.03 10.17 6.35
C LEU D 9 26.43 9.84 6.86
N GLU D 10 27.42 10.53 6.30
CA GLU D 10 28.82 10.31 6.66
C GLU D 10 29.06 10.61 8.14
N ALA D 11 28.46 11.70 8.61
CA ALA D 11 28.61 12.11 10.02
C ALA D 11 27.96 11.09 10.97
N LEU D 12 26.78 10.59 10.60
CA LEU D 12 26.08 9.60 11.42
C LEU D 12 26.94 8.37 11.52
N ASN D 13 27.46 7.93 10.38
CA ASN D 13 28.29 6.74 10.34
C ASN D 13 29.57 6.92 11.13
N ALA D 14 30.15 8.11 11.08
CA ALA D 14 31.33 8.41 11.86
C ALA D 14 31.04 8.31 13.36
N MET D 15 29.84 8.72 13.76
CA MET D 15 29.49 8.77 15.19
C MET D 15 29.22 7.38 15.77
N GLY D 16 29.05 6.40 14.89
CA GLY D 16 28.81 5.05 15.33
C GLY D 16 30.08 4.32 15.70
N GLU D 17 31.23 4.85 15.26
CA GLU D 17 32.49 4.15 15.49
C GLU D 17 32.83 4.08 16.98
N GLY D 18 33.15 2.88 17.47
CA GLY D 18 33.56 2.71 18.85
C GLY D 18 32.40 2.40 19.80
N ASN D 19 31.19 2.36 19.26
CA ASN D 19 30.02 1.99 20.07
C ASN D 19 29.19 0.92 19.35
N MET D 20 28.02 0.58 19.89
CA MET D 20 27.28 -0.60 19.39
C MET D 20 26.97 -0.55 17.90
N VAL D 21 26.59 0.62 17.41
CA VAL D 21 26.27 0.77 15.99
C VAL D 21 27.47 0.41 15.11
N GLY D 22 28.65 0.89 15.50
CA GLY D 22 29.84 0.63 14.70
C GLY D 22 30.21 -0.84 14.75
N PHE D 23 30.05 -1.44 15.92
CA PHE D 23 30.48 -2.82 16.08
C PHE D 23 29.59 -3.78 15.31
N LEU D 24 28.33 -3.41 15.09
CA LEU D 24 27.45 -4.26 14.29
C LEU D 24 27.45 -3.90 12.80
N ASP D 25 28.32 -2.97 12.40
CA ASP D 25 28.40 -2.48 11.01
C ASP D 25 27.05 -1.98 10.52
N ILE D 26 26.34 -1.24 11.37
CA ILE D 26 25.13 -0.55 10.94
C ILE D 26 25.59 0.66 10.15
N ARG D 27 25.04 0.84 8.95
CA ARG D 27 25.44 1.96 8.12
C ARG D 27 24.23 2.75 7.66
N PHE D 28 24.17 4.04 7.98
CA PHE D 28 23.11 4.86 7.43
C PHE D 28 23.35 5.09 5.93
N GLU D 29 22.31 4.89 5.12
CA GLU D 29 22.50 4.86 3.67
C GLU D 29 21.62 5.80 2.86
N HIS D 30 20.52 6.27 3.44
N HIS D 30 20.54 6.27 3.46
CA HIS D 30 19.64 7.22 2.75
CA HIS D 30 19.67 7.24 2.80
C HIS D 30 18.85 8.10 3.72
C HIS D 30 18.87 8.07 3.79
N ILE D 31 18.73 9.40 3.41
N ILE D 31 18.59 9.32 3.41
CA ILE D 31 17.73 10.25 4.06
CA ILE D 31 17.66 10.15 4.15
C ILE D 31 16.84 10.85 2.99
C ILE D 31 16.85 10.98 3.16
N GLY D 32 15.53 10.80 3.19
CA GLY D 32 14.61 11.48 2.29
C GLY D 32 13.96 12.61 3.05
N ASP D 33 12.87 13.15 2.50
CA ASP D 33 12.15 14.25 3.14
C ASP D 33 11.51 13.84 4.46
N ASP D 34 11.15 12.57 4.58
CA ASP D 34 10.47 12.07 5.75
C ASP D 34 10.83 10.61 6.01
N THR D 35 12.00 10.18 5.57
N THR D 35 12.03 10.20 5.62
CA THR D 35 12.45 8.80 5.77
CA THR D 35 12.46 8.82 5.74
C THR D 35 13.94 8.75 6.06
C THR D 35 13.95 8.74 6.05
N LEU D 36 14.34 7.76 6.86
CA LEU D 36 15.75 7.55 7.18
C LEU D 36 16.02 6.06 7.06
N GLU D 37 17.10 5.68 6.37
CA GLU D 37 17.41 4.26 6.15
C GLU D 37 18.83 3.87 6.59
N ALA D 38 18.96 2.65 7.11
CA ALA D 38 20.27 2.09 7.46
C ALA D 38 20.28 0.58 7.25
N THR D 39 21.46 0.04 6.94
CA THR D 39 21.58 -1.40 6.69
C THR D 39 22.44 -2.05 7.77
N MET D 40 22.39 -3.37 7.83
CA MET D 40 23.08 -4.11 8.87
C MET D 40 23.35 -5.49 8.30
N PRO D 41 24.56 -6.02 8.53
CA PRO D 41 24.87 -7.36 8.03
C PRO D 41 24.18 -8.47 8.82
N VAL D 42 23.86 -9.56 8.14
CA VAL D 42 23.45 -10.78 8.82
C VAL D 42 24.68 -11.66 8.89
N ASP D 43 25.38 -11.63 10.03
CA ASP D 43 26.63 -12.39 10.16
C ASP D 43 26.82 -12.81 11.62
N SER D 44 28.02 -13.27 11.97
CA SER D 44 28.23 -13.84 13.31
C SER D 44 27.88 -12.89 14.45
N ARG D 45 28.00 -11.58 14.21
N ARG D 45 27.98 -11.58 14.21
CA ARG D 45 27.71 -10.57 15.24
CA ARG D 45 27.70 -10.59 15.25
C ARG D 45 26.22 -10.33 15.46
C ARG D 45 26.21 -10.34 15.46
N THR D 46 25.40 -10.70 14.48
CA THR D 46 23.96 -10.44 14.54
C THR D 46 23.10 -11.71 14.40
N LYS D 47 23.75 -12.87 14.38
CA LYS D 47 23.05 -14.14 14.22
C LYS D 47 22.78 -14.84 15.55
N GLN D 48 21.73 -15.65 15.59
CA GLN D 48 21.54 -16.57 16.70
C GLN D 48 22.21 -17.89 16.30
N PRO D 49 22.32 -18.86 17.23
CA PRO D 49 23.22 -19.99 16.90
C PRO D 49 22.82 -20.82 15.69
N PHE D 50 21.58 -20.74 15.24
CA PHE D 50 21.14 -21.53 14.10
C PHE D 50 21.40 -20.83 12.77
N GLY D 51 22.03 -19.67 12.81
CA GLY D 51 22.44 -19.00 11.59
C GLY D 51 21.45 -18.01 11.04
N LEU D 52 20.40 -17.75 11.81
CA LEU D 52 19.39 -16.79 11.43
C LEU D 52 19.69 -15.47 12.12
N LEU D 53 19.25 -14.37 11.52
CA LEU D 53 19.27 -13.06 12.17
C LEU D 53 18.59 -13.14 13.54
N HIS D 54 19.28 -12.67 14.57
CA HIS D 54 18.76 -12.60 15.93
C HIS D 54 17.69 -11.51 15.94
N GLY D 55 16.51 -11.80 16.49
CA GLY D 55 15.44 -10.80 16.54
C GLY D 55 15.85 -9.53 17.29
N GLY D 56 16.73 -9.69 18.27
CA GLY D 56 17.24 -8.55 19.01
C GLY D 56 18.05 -7.63 18.11
N ALA D 57 18.76 -8.20 17.15
CA ALA D 57 19.58 -7.39 16.27
C ALA D 57 18.68 -6.51 15.42
N SER D 58 17.55 -7.05 14.99
CA SER D 58 16.58 -6.24 14.25
C SER D 58 16.12 -5.07 15.09
N VAL D 59 15.89 -5.29 16.38
CA VAL D 59 15.45 -4.21 17.25
C VAL D 59 16.57 -3.19 17.51
N VAL D 60 17.81 -3.65 17.59
CA VAL D 60 18.93 -2.72 17.65
C VAL D 60 18.92 -1.82 16.44
N LEU D 61 18.75 -2.41 15.26
CA LEU D 61 18.68 -1.59 14.04
C LEU D 61 17.51 -0.61 14.10
N ALA D 62 16.34 -1.11 14.48
CA ALA D 62 15.14 -0.27 14.55
C ALA D 62 15.28 0.89 15.53
N GLU D 63 15.75 0.57 16.73
N GLU D 63 15.76 0.59 16.72
CA GLU D 63 15.91 1.61 17.74
CA GLU D 63 15.93 1.59 17.78
C GLU D 63 16.97 2.63 17.35
C GLU D 63 17.02 2.61 17.43
N SER D 64 18.06 2.17 16.73
CA SER D 64 19.12 3.07 16.29
C SER D 64 18.58 4.06 15.24
N ILE D 65 17.94 3.56 14.20
CA ILE D 65 17.41 4.44 13.17
C ILE D 65 16.34 5.39 13.74
N GLY D 66 15.41 4.85 14.51
CA GLY D 66 14.33 5.66 15.06
C GLY D 66 14.79 6.74 16.04
N SER D 67 15.80 6.44 16.86
CA SER D 67 16.30 7.42 17.80
C SER D 67 16.97 8.58 17.07
N VAL D 68 17.75 8.25 16.05
CA VAL D 68 18.39 9.28 15.24
C VAL D 68 17.35 10.14 14.51
N ALA D 69 16.38 9.48 13.89
CA ALA D 69 15.33 10.20 13.17
C ALA D 69 14.60 11.13 14.11
N GLY D 70 14.20 10.61 15.26
CA GLY D 70 13.59 11.44 16.27
C GLY D 70 14.39 12.66 16.66
N TYR D 71 15.70 12.47 16.90
CA TYR D 71 16.55 13.60 17.30
C TYR D 71 16.64 14.63 16.20
N LEU D 72 16.64 14.16 14.95
CA LEU D 72 16.76 15.08 13.82
C LEU D 72 15.54 15.97 13.66
N CYS D 73 14.45 15.60 14.32
CA CYS D 73 13.20 16.37 14.24
C CYS D 73 13.02 17.29 15.44
N THR D 74 14.07 17.42 16.27
CA THR D 74 14.02 18.38 17.35
C THR D 74 15.01 19.48 17.03
N GLU D 75 15.21 20.42 17.95
CA GLU D 75 16.13 21.53 17.68
C GLU D 75 16.77 22.02 18.97
N GLY D 76 17.91 22.69 18.83
CA GLY D 76 18.63 23.21 19.98
C GLY D 76 18.97 22.21 21.08
N GLU D 77 18.67 22.59 22.31
CA GLU D 77 19.03 21.80 23.48
C GLU D 77 18.13 20.58 23.72
N GLN D 78 17.08 20.45 22.90
CA GLN D 78 16.13 19.33 23.04
C GLN D 78 16.81 17.97 22.89
N LYS D 79 16.41 17.01 23.72
CA LYS D 79 16.89 15.62 23.61
C LYS D 79 15.74 14.66 23.31
N VAL D 80 16.06 13.50 22.75
CA VAL D 80 15.04 12.50 22.42
C VAL D 80 15.46 11.21 23.09
N VAL D 81 14.54 10.53 23.76
CA VAL D 81 14.85 9.26 24.40
CA VAL D 81 14.82 9.27 24.44
C VAL D 81 13.75 8.24 24.08
N GLY D 82 14.16 7.02 23.79
CA GLY D 82 13.20 5.97 23.49
C GLY D 82 12.54 5.49 24.76
N LEU D 83 11.21 5.44 24.77
CA LEU D 83 10.44 5.02 25.93
C LEU D 83 9.98 3.58 25.78
N GLU D 84 9.39 3.31 24.62
CA GLU D 84 8.75 2.02 24.38
C GLU D 84 9.10 1.55 22.97
N ILE D 85 9.28 0.25 22.82
CA ILE D 85 9.55 -0.32 21.51
C ILE D 85 8.79 -1.62 21.39
N ASN D 86 8.22 -1.89 20.21
CA ASN D 86 7.66 -3.19 19.96
C ASN D 86 8.01 -3.61 18.57
N ALA D 87 8.07 -4.92 18.32
CA ALA D 87 8.55 -5.40 17.04
C ALA D 87 7.92 -6.73 16.74
N ASN D 88 7.45 -6.89 15.51
CA ASN D 88 6.95 -8.18 15.03
C ASN D 88 7.95 -8.82 14.09
N HIS D 89 8.31 -10.07 14.37
CA HIS D 89 9.29 -10.77 13.57
C HIS D 89 8.50 -11.67 12.63
N VAL D 90 8.35 -11.24 11.37
CA VAL D 90 7.43 -11.91 10.46
C VAL D 90 8.12 -12.80 9.42
N ARG D 91 9.44 -12.64 9.28
CA ARG D 91 10.22 -13.46 8.36
C ARG D 91 11.66 -13.48 8.85
N SER D 92 12.33 -14.62 8.67
CA SER D 92 13.74 -14.74 9.05
C SER D 92 14.70 -14.26 7.95
N ALA D 93 15.94 -13.99 8.32
CA ALA D 93 16.97 -13.59 7.36
C ALA D 93 18.25 -14.37 7.68
N ARG D 94 19.02 -14.72 6.65
CA ARG D 94 20.14 -15.65 6.82
C ARG D 94 21.50 -15.18 6.30
N GLU D 95 21.49 -14.19 5.43
CA GLU D 95 22.72 -13.77 4.77
C GLU D 95 22.53 -12.37 4.21
N GLY D 96 23.62 -11.78 3.71
CA GLY D 96 23.57 -10.45 3.15
C GLY D 96 23.36 -9.39 4.22
N ARG D 97 22.64 -8.33 3.83
CA ARG D 97 22.34 -7.26 4.74
C ARG D 97 20.84 -7.05 4.78
N VAL D 98 20.31 -6.61 5.91
CA VAL D 98 18.93 -6.17 5.96
C VAL D 98 18.95 -4.64 5.93
N ARG D 99 17.83 -4.05 5.51
CA ARG D 99 17.71 -2.61 5.37
C ARG D 99 16.53 -2.12 6.17
N GLY D 100 16.79 -1.18 7.09
CA GLY D 100 15.72 -0.64 7.91
C GLY D 100 15.25 0.68 7.33
N VAL D 101 13.93 0.86 7.26
CA VAL D 101 13.36 2.08 6.70
C VAL D 101 12.47 2.72 7.74
N CYS D 102 12.80 3.95 8.14
CA CYS D 102 12.09 4.61 9.24
C CYS D 102 11.27 5.81 8.77
N LYS D 103 9.99 5.80 9.14
CA LYS D 103 9.04 6.86 8.81
C LYS D 103 8.26 7.26 10.04
N PRO D 104 7.86 8.53 10.13
CA PRO D 104 7.08 8.99 11.29
C PRO D 104 5.63 8.55 11.26
N LEU D 105 5.11 8.12 12.41
CA LEU D 105 3.68 7.94 12.58
C LEU D 105 3.08 9.20 13.20
N HIS D 106 3.84 9.84 14.07
CA HIS D 106 3.39 11.06 14.73
C HIS D 106 4.55 11.85 15.26
N LEU D 107 4.59 13.13 14.93
CA LEU D 107 5.64 13.98 15.43
C LEU D 107 5.00 15.02 16.33
N GLY D 108 5.10 14.83 17.65
CA GLY D 108 4.47 15.75 18.56
C GLY D 108 5.47 16.68 19.21
N SER D 109 4.97 17.53 20.12
CA SER D 109 5.88 18.44 20.80
C SER D 109 6.50 17.77 22.02
N ARG D 110 5.82 16.74 22.55
CA ARG D 110 6.28 16.05 23.75
C ARG D 110 6.75 14.63 23.46
N HIS D 111 6.25 14.06 22.38
CA HIS D 111 6.59 12.68 22.04
C HIS D 111 6.48 12.42 20.56
N GLN D 112 7.03 11.30 20.12
CA GLN D 112 7.03 10.93 18.72
C GLN D 112 6.75 9.44 18.64
N VAL D 113 6.15 9.03 17.54
CA VAL D 113 5.98 7.60 17.28
C VAL D 113 6.56 7.33 15.90
N TRP D 114 7.48 6.38 15.83
CA TRP D 114 8.20 6.07 14.60
C TRP D 114 7.94 4.65 14.22
N GLN D 115 7.73 4.38 12.94
N GLN D 115 7.75 4.38 12.92
CA GLN D 115 7.68 2.99 12.49
CA GLN D 115 7.67 3.02 12.40
C GLN D 115 8.92 2.65 11.64
C GLN D 115 8.94 2.66 11.63
N ILE D 116 9.52 1.50 11.94
CA ILE D 116 10.69 1.03 11.20
C ILE D 116 10.37 -0.34 10.59
N GLU D 117 10.46 -0.43 9.27
CA GLU D 117 10.31 -1.71 8.57
C GLU D 117 11.67 -2.20 8.09
N ILE D 118 11.94 -3.48 8.34
CA ILE D 118 13.25 -4.04 8.02
C ILE D 118 13.08 -5.13 6.98
N PHE D 119 13.71 -4.93 5.82
CA PHE D 119 13.58 -5.82 4.68
C PHE D 119 14.86 -6.60 4.43
N ASP D 120 14.72 -7.83 3.93
CA ASP D 120 15.88 -8.60 3.47
C ASP D 120 16.36 -8.13 2.08
N GLU D 121 17.28 -8.86 1.45
N GLU D 121 17.28 -8.87 1.46
CA GLU D 121 17.85 -8.43 0.18
CA GLU D 121 17.86 -8.45 0.18
C GLU D 121 16.94 -8.67 -1.03
C GLU D 121 16.95 -8.67 -1.02
N LYS D 122 15.89 -9.46 -0.84
CA LYS D 122 14.90 -9.66 -1.89
C LYS D 122 13.77 -8.64 -1.75
N GLY D 123 13.87 -7.75 -0.76
CA GLY D 123 12.87 -6.72 -0.57
C GLY D 123 11.69 -7.16 0.28
N ARG D 124 11.81 -8.35 0.88
CA ARG D 124 10.74 -8.90 1.70
C ARG D 124 10.79 -8.39 3.14
N LEU D 125 9.63 -8.04 3.68
CA LEU D 125 9.55 -7.57 5.06
C LEU D 125 9.94 -8.67 6.04
N CYS D 126 10.87 -8.38 6.95
CA CYS D 126 11.30 -9.35 7.96
CA CYS D 126 11.23 -9.37 7.94
C CYS D 126 10.88 -8.92 9.36
N CYS D 127 10.92 -7.61 9.60
CA CYS D 127 10.56 -7.10 10.94
C CYS D 127 9.88 -5.75 10.84
N SER D 128 8.78 -5.61 11.58
CA SER D 128 8.03 -4.35 11.59
C SER D 128 7.96 -3.88 13.02
N SER D 129 8.36 -2.64 13.27
N SER D 129 8.39 -2.64 13.26
CA SER D 129 8.49 -2.18 14.64
CA SER D 129 8.56 -2.15 14.62
C SER D 129 8.01 -0.76 14.82
C SER D 129 8.02 -0.74 14.81
N ARG D 130 7.63 -0.43 16.05
CA ARG D 130 7.23 0.95 16.41
C ARG D 130 8.06 1.41 17.58
N LEU D 131 8.56 2.63 17.49
CA LEU D 131 9.31 3.22 18.59
C LEU D 131 8.56 4.45 19.03
N THR D 132 8.36 4.57 20.35
CA THR D 132 7.78 5.76 20.95
C THR D 132 8.88 6.48 21.74
N THR D 133 9.10 7.76 21.44
CA THR D 133 10.19 8.50 22.06
C THR D 133 9.60 9.66 22.83
N ALA D 134 10.32 10.10 23.86
CA ALA D 134 9.95 11.31 24.59
C ALA D 134 10.89 12.42 24.16
N ILE D 135 10.37 13.64 24.05
CA ILE D 135 11.19 14.81 23.75
C ILE D 135 11.41 15.53 25.06
N LEU D 136 12.66 15.64 25.50
CA LEU D 136 12.98 16.17 26.82
C LEU D 136 13.82 17.44 26.74
N MET E 1 -0.49 -20.82 -5.88
CA MET E 1 0.17 -19.88 -6.78
C MET E 1 -0.49 -19.87 -8.17
N ILE E 2 -0.29 -18.79 -8.90
CA ILE E 2 -0.82 -18.68 -10.25
C ILE E 2 0.01 -19.41 -11.31
N TRP E 3 1.31 -19.61 -11.03
CA TRP E 3 2.23 -20.16 -12.03
C TRP E 3 1.92 -21.59 -12.43
N LYS E 4 2.10 -21.92 -13.71
CA LYS E 4 1.95 -23.28 -14.19
C LYS E 4 3.29 -23.86 -14.64
N ARG E 5 4.29 -23.00 -14.77
CA ARG E 5 5.63 -23.45 -15.13
C ARG E 5 6.55 -23.19 -13.96
N LYS E 6 7.58 -24.02 -13.83
CA LYS E 6 8.55 -23.83 -12.77
C LYS E 6 9.83 -23.27 -13.36
N ILE E 7 10.13 -22.04 -13.00
CA ILE E 7 11.37 -21.40 -13.43
C ILE E 7 12.11 -20.93 -12.19
N THR E 8 13.39 -20.67 -12.34
CA THR E 8 14.16 -20.05 -11.26
C THR E 8 14.61 -18.67 -11.72
N LEU E 9 14.87 -17.78 -10.77
CA LEU E 9 15.40 -16.45 -11.08
C LEU E 9 16.71 -16.54 -11.85
N GLU E 10 17.57 -17.49 -11.44
CA GLU E 10 18.85 -17.74 -12.10
C GLU E 10 18.70 -17.99 -13.60
N ALA E 11 17.76 -18.85 -13.94
CA ALA E 11 17.49 -19.23 -15.32
C ALA E 11 16.92 -18.07 -16.13
N LEU E 12 16.03 -17.30 -15.53
CA LEU E 12 15.45 -16.14 -16.21
C LEU E 12 16.57 -15.17 -16.56
N ASN E 13 17.42 -14.88 -15.57
CA ASN E 13 18.50 -13.93 -15.77
C ASN E 13 19.51 -14.44 -16.81
N ALA E 14 19.68 -15.75 -16.85
CA ALA E 14 20.60 -16.35 -17.83
C ALA E 14 20.07 -16.19 -19.25
N MET E 15 18.74 -16.27 -19.40
CA MET E 15 18.10 -16.19 -20.71
C MET E 15 18.17 -14.79 -21.30
N GLY E 16 18.31 -13.79 -20.45
CA GLY E 16 18.37 -12.42 -20.93
C GLY E 16 19.72 -12.04 -21.51
N GLU E 17 20.75 -12.84 -21.23
CA GLU E 17 22.08 -12.50 -21.73
C GLU E 17 22.15 -12.53 -23.26
N GLY E 18 22.76 -11.51 -23.85
CA GLY E 18 22.90 -11.47 -25.29
C GLY E 18 21.71 -10.82 -25.97
N ASN E 19 20.70 -10.42 -25.19
CA ASN E 19 19.54 -9.72 -25.75
C ASN E 19 19.20 -8.45 -24.98
N MET E 20 18.09 -7.79 -25.34
CA MET E 20 17.82 -6.46 -24.78
C MET E 20 17.82 -6.45 -23.26
N VAL E 21 17.14 -7.43 -22.67
CA VAL E 21 17.09 -7.56 -21.21
C VAL E 21 18.46 -7.55 -20.55
N GLY E 22 19.39 -8.34 -21.07
CA GLY E 22 20.75 -8.37 -20.55
C GLY E 22 21.53 -7.10 -20.82
N PHE E 23 21.29 -6.49 -21.98
CA PHE E 23 22.03 -5.28 -22.31
C PHE E 23 21.65 -4.09 -21.44
N LEU E 24 20.43 -4.08 -20.92
CA LEU E 24 19.99 -3.00 -20.04
C LEU E 24 20.14 -3.38 -18.57
N ASP E 25 20.71 -4.57 -18.32
CA ASP E 25 20.92 -5.09 -16.96
C ASP E 25 19.62 -5.22 -16.16
N ILE E 26 18.54 -5.62 -16.84
CA ILE E 26 17.30 -5.93 -16.15
C ILE E 26 17.50 -7.25 -15.40
N ARG E 27 17.18 -7.26 -14.10
CA ARG E 27 17.40 -8.47 -13.31
C ARG E 27 16.14 -8.91 -12.61
N PHE E 28 15.75 -10.15 -12.81
CA PHE E 28 14.63 -10.67 -12.06
C PHE E 28 15.10 -10.98 -10.65
N GLU E 29 14.33 -10.54 -9.65
CA GLU E 29 14.82 -10.56 -8.28
C GLU E 29 13.89 -11.24 -7.28
N HIS E 30 12.61 -11.34 -7.62
CA HIS E 30 11.68 -12.03 -6.76
C HIS E 30 10.54 -12.63 -7.53
N ILE E 31 10.19 -13.86 -7.19
CA ILE E 31 8.94 -14.44 -7.67
C ILE E 31 8.10 -14.93 -6.50
N GLY E 32 6.94 -14.30 -6.31
CA GLY E 32 6.04 -14.68 -5.23
C GLY E 32 5.01 -15.63 -5.80
N ASP E 33 3.95 -15.88 -5.04
CA ASP E 33 2.94 -16.82 -5.52
C ASP E 33 2.05 -16.19 -6.58
N ASP E 34 2.07 -14.87 -6.68
CA ASP E 34 1.24 -14.20 -7.67
C ASP E 34 1.83 -12.87 -8.09
N THR E 35 3.12 -12.67 -7.84
N THR E 35 3.14 -12.72 -7.91
CA THR E 35 3.81 -11.48 -8.34
CA THR E 35 3.84 -11.50 -8.28
C THR E 35 5.18 -11.84 -8.87
C THR E 35 5.22 -11.82 -8.83
N LEU E 36 5.74 -10.98 -9.72
CA LEU E 36 7.07 -11.16 -10.29
C LEU E 36 7.71 -9.81 -10.24
N GLU E 37 8.96 -9.76 -9.81
CA GLU E 37 9.66 -8.48 -9.67
C GLU E 37 11.03 -8.50 -10.34
N ALA E 38 11.36 -7.39 -11.00
CA ALA E 38 12.69 -7.22 -11.59
C ALA E 38 13.16 -5.78 -11.46
N THR E 39 14.47 -5.58 -11.42
CA THR E 39 15.04 -4.24 -11.32
C THR E 39 15.83 -3.82 -12.55
N MET E 40 16.09 -2.53 -12.68
CA MET E 40 16.78 -2.00 -13.86
C MET E 40 17.53 -0.77 -13.43
N PRO E 41 18.78 -0.62 -13.88
CA PRO E 41 19.54 0.57 -13.51
C PRO E 41 19.06 1.81 -14.24
N VAL E 42 19.24 2.95 -13.58
CA VAL E 42 19.02 4.23 -14.21
C VAL E 42 20.41 4.77 -14.55
N ASP E 43 20.87 4.47 -15.76
CA ASP E 43 22.18 4.96 -16.18
C ASP E 43 22.19 5.35 -17.64
N SER E 44 23.37 5.45 -18.25
CA SER E 44 23.44 5.97 -19.61
C SER E 44 22.69 5.11 -20.63
N ARG E 45 22.54 3.81 -20.34
N ARG E 45 22.55 3.82 -20.35
CA ARG E 45 21.84 2.90 -21.26
CA ARG E 45 21.85 2.91 -21.25
C ARG E 45 20.34 3.12 -21.23
C ARG E 45 20.34 3.11 -21.21
N THR E 46 19.85 3.77 -20.16
CA THR E 46 18.41 3.92 -19.95
C THR E 46 17.97 5.36 -19.72
N LYS E 47 18.87 6.31 -19.92
CA LYS E 47 18.54 7.71 -19.64
C LYS E 47 18.16 8.51 -20.87
N GLN E 48 17.46 9.62 -20.61
CA GLN E 48 17.23 10.66 -21.61
C GLN E 48 18.50 11.49 -21.67
N PRO E 49 18.62 12.37 -22.67
CA PRO E 49 19.87 13.14 -22.78
C PRO E 49 20.18 14.00 -21.54
N PHE E 50 19.17 14.44 -20.81
CA PHE E 50 19.43 15.34 -19.70
C PHE E 50 19.49 14.67 -18.34
N GLY E 51 19.45 13.34 -18.33
CA GLY E 51 19.82 12.60 -17.14
C GLY E 51 18.73 11.83 -16.41
N LEU E 52 17.48 11.97 -16.83
CA LEU E 52 16.41 11.27 -16.15
C LEU E 52 16.18 9.96 -16.89
N LEU E 53 15.51 9.02 -16.23
CA LEU E 53 15.14 7.76 -16.83
C LEU E 53 14.25 8.00 -18.06
N HIS E 54 14.58 7.33 -19.17
CA HIS E 54 13.80 7.41 -20.41
C HIS E 54 12.51 6.64 -20.16
N GLY E 55 11.36 7.25 -20.46
CA GLY E 55 10.08 6.61 -20.25
C GLY E 55 9.98 5.28 -20.97
N GLY E 56 10.66 5.18 -22.11
CA GLY E 56 10.66 3.95 -22.89
C GLY E 56 11.31 2.81 -22.15
N ALA E 57 12.31 3.11 -21.33
CA ALA E 57 13.04 2.08 -20.61
C ALA E 57 12.14 1.45 -19.55
N SER E 58 11.31 2.28 -18.91
N SER E 58 11.30 2.28 -18.92
CA SER E 58 10.33 1.75 -17.96
CA SER E 58 10.35 1.76 -17.95
C SER E 58 9.40 0.79 -18.67
C SER E 58 9.35 0.83 -18.63
N VAL E 59 9.00 1.15 -19.88
CA VAL E 59 8.11 0.28 -20.63
C VAL E 59 8.82 -1.01 -21.06
N VAL E 60 10.12 -0.93 -21.39
CA VAL E 60 10.89 -2.16 -21.63
C VAL E 60 10.81 -3.05 -20.39
N LEU E 61 10.99 -2.45 -19.22
CA LEU E 61 10.97 -3.22 -17.98
C LEU E 61 9.61 -3.86 -17.77
N ALA E 62 8.54 -3.09 -17.94
CA ALA E 62 7.18 -3.59 -17.76
C ALA E 62 6.76 -4.68 -18.75
N GLU E 63 7.05 -4.50 -20.03
CA GLU E 63 6.73 -5.54 -21.00
C GLU E 63 7.57 -6.81 -20.79
N SER E 64 8.82 -6.66 -20.35
CA SER E 64 9.64 -7.83 -20.07
C SER E 64 9.07 -8.60 -18.88
N ILE E 65 8.83 -7.92 -17.76
CA ILE E 65 8.29 -8.61 -16.61
C ILE E 65 6.91 -9.22 -16.92
N GLY E 66 6.06 -8.46 -17.60
CA GLY E 66 4.71 -8.91 -17.91
C GLY E 66 4.68 -10.12 -18.83
N SER E 67 5.54 -10.12 -19.84
CA SER E 67 5.56 -11.22 -20.80
C SER E 67 6.08 -12.49 -20.14
N VAL E 68 7.06 -12.35 -19.26
CA VAL E 68 7.56 -13.53 -18.56
C VAL E 68 6.50 -14.11 -17.63
N ALA E 69 5.85 -13.24 -16.85
CA ALA E 69 4.79 -13.68 -15.93
C ALA E 69 3.71 -14.40 -16.72
N GLY E 70 3.31 -13.79 -17.84
CA GLY E 70 2.27 -14.37 -18.67
C GLY E 70 2.66 -15.75 -19.14
N TYR E 71 3.90 -15.89 -19.59
CA TYR E 71 4.33 -17.17 -20.10
C TYR E 71 4.38 -18.23 -18.99
N LEU E 72 4.79 -17.81 -17.80
CA LEU E 72 4.83 -18.74 -16.67
C LEU E 72 3.45 -19.23 -16.26
N CYS E 73 2.39 -18.58 -16.76
CA CYS E 73 1.02 -18.96 -16.43
C CYS E 73 0.33 -19.79 -17.52
N THR E 74 1.11 -20.24 -18.49
CA THR E 74 0.57 -21.13 -19.52
C THR E 74 1.29 -22.46 -19.42
N GLU E 75 1.03 -23.36 -20.36
CA GLU E 75 1.70 -24.65 -20.31
C GLU E 75 1.88 -25.27 -21.68
N GLY E 76 2.71 -26.31 -21.71
CA GLY E 76 2.99 -27.03 -22.93
C GLY E 76 3.43 -26.11 -24.05
N GLU E 77 2.79 -26.28 -25.20
CA GLU E 77 3.15 -25.60 -26.42
C GLU E 77 2.63 -24.17 -26.50
N GLN E 78 1.85 -23.75 -25.51
CA GLN E 78 1.33 -22.38 -25.50
C GLN E 78 2.41 -21.29 -25.51
N LYS E 79 2.14 -20.23 -26.28
CA LYS E 79 3.03 -19.07 -26.35
C LYS E 79 2.26 -17.84 -25.89
N VAL E 80 2.97 -16.88 -25.32
N VAL E 80 2.99 -16.86 -25.37
CA VAL E 80 2.32 -15.61 -24.99
CA VAL E 80 2.40 -15.60 -24.93
C VAL E 80 3.01 -14.48 -25.72
C VAL E 80 3.04 -14.44 -25.69
N VAL E 81 2.21 -13.58 -26.28
CA VAL E 81 2.71 -12.43 -27.01
CA VAL E 81 2.66 -12.44 -27.06
C VAL E 81 1.95 -11.18 -26.55
N GLY E 82 2.68 -10.09 -26.34
CA GLY E 82 2.05 -8.84 -25.94
C GLY E 82 1.27 -8.25 -27.11
N LEU E 83 0.01 -7.86 -26.87
CA LEU E 83 -0.82 -7.25 -27.90
C LEU E 83 -0.88 -5.73 -27.72
N GLU E 84 -1.05 -5.29 -26.47
CA GLU E 84 -1.19 -3.85 -26.18
C GLU E 84 -0.49 -3.54 -24.88
N ILE E 85 0.19 -2.40 -24.85
CA ILE E 85 0.82 -1.95 -23.61
C ILE E 85 0.45 -0.49 -23.44
N ASN E 86 0.25 -0.07 -22.20
CA ASN E 86 -0.01 1.35 -21.96
C ASN E 86 0.63 1.72 -20.65
N ALA E 87 1.06 2.97 -20.51
CA ALA E 87 1.71 3.40 -19.28
C ALA E 87 1.52 4.88 -18.98
N ASN E 88 1.45 5.21 -17.69
CA ASN E 88 1.44 6.61 -17.26
C ASN E 88 2.75 6.85 -16.51
N HIS E 89 3.49 7.88 -16.92
CA HIS E 89 4.74 8.24 -16.26
C HIS E 89 4.47 9.35 -15.25
N VAL E 90 4.52 9.01 -13.96
CA VAL E 90 4.06 9.94 -12.94
C VAL E 90 5.18 10.62 -12.17
N ARG E 91 6.37 10.02 -12.22
CA ARG E 91 7.52 10.60 -11.52
C ARG E 91 8.80 10.19 -12.21
N SER E 92 9.76 11.12 -12.25
CA SER E 92 11.07 10.84 -12.82
C SER E 92 11.95 10.02 -11.88
N ALA E 93 12.97 9.38 -12.46
CA ALA E 93 13.99 8.69 -11.69
C ALA E 93 15.33 9.17 -12.21
N ARG E 94 16.32 9.29 -11.33
CA ARG E 94 17.59 9.90 -11.72
C ARG E 94 18.81 9.03 -11.43
N GLU E 95 18.65 8.05 -10.55
CA GLU E 95 19.82 7.30 -10.09
C GLU E 95 19.42 5.97 -9.48
N GLY E 96 20.40 5.12 -9.21
CA GLY E 96 20.13 3.84 -8.59
C GLY E 96 19.43 2.89 -9.56
N ARG E 97 18.52 2.10 -9.03
CA ARG E 97 17.76 1.16 -9.83
C ARG E 97 16.28 1.38 -9.53
N VAL E 98 15.44 1.13 -10.53
CA VAL E 98 14.00 1.12 -10.33
C VAL E 98 13.56 -0.34 -10.23
N ARG E 99 12.41 -0.57 -9.58
CA ARG E 99 11.92 -1.93 -9.40
C ARG E 99 10.52 -2.08 -9.98
N GLY E 100 10.35 -3.09 -10.84
CA GLY E 100 9.06 -3.37 -11.42
C GLY E 100 8.36 -4.46 -10.64
N VAL E 101 7.08 -4.26 -10.36
CA VAL E 101 6.31 -5.22 -9.60
C VAL E 101 5.06 -5.59 -10.39
N CYS E 102 4.96 -6.87 -10.77
CA CYS E 102 3.92 -7.28 -11.73
C CYS E 102 2.88 -8.23 -11.13
N LYS E 103 1.60 -7.89 -11.25
CA LYS E 103 0.54 -8.72 -10.72
C LYS E 103 -0.55 -8.92 -11.77
N PRO E 104 -1.27 -10.05 -11.72
CA PRO E 104 -2.29 -10.29 -12.77
C PRO E 104 -3.59 -9.55 -12.49
N LEU E 105 -4.24 -9.08 -13.55
CA LEU E 105 -5.58 -8.50 -13.42
C LEU E 105 -6.56 -9.48 -14.04
N HIS E 106 -6.06 -10.26 -14.99
CA HIS E 106 -6.87 -11.29 -15.63
C HIS E 106 -5.98 -12.41 -16.19
N LEU E 107 -6.29 -13.65 -15.82
CA LEU E 107 -5.59 -14.82 -16.35
C LEU E 107 -6.62 -15.68 -17.06
N GLY E 108 -6.74 -15.53 -18.37
CA GLY E 108 -7.79 -16.23 -19.09
C GLY E 108 -7.23 -17.34 -19.94
N SER E 109 -8.11 -18.02 -20.67
CA SER E 109 -7.67 -19.10 -21.55
C SER E 109 -7.08 -18.58 -22.86
N ARG E 110 -7.43 -17.35 -23.23
CA ARG E 110 -7.06 -16.79 -24.53
C ARG E 110 -6.26 -15.48 -24.43
N HIS E 111 -6.42 -14.76 -23.33
N HIS E 111 -6.42 -14.78 -23.31
CA HIS E 111 -5.65 -13.53 -23.15
CA HIS E 111 -5.77 -13.48 -23.13
C HIS E 111 -5.45 -13.28 -21.67
C HIS E 111 -5.43 -13.30 -21.65
N GLN E 112 -4.48 -12.42 -21.36
CA GLN E 112 -4.18 -12.09 -19.97
C GLN E 112 -4.04 -10.59 -19.87
N VAL E 113 -4.21 -10.05 -18.67
CA VAL E 113 -3.90 -8.65 -18.41
C VAL E 113 -3.04 -8.54 -17.18
N TRP E 114 -1.95 -7.81 -17.30
CA TRP E 114 -0.99 -7.70 -16.23
C TRP E 114 -0.83 -6.24 -15.84
N GLN E 115 -0.70 -5.99 -14.55
N GLN E 115 -0.68 -6.00 -14.55
CA GLN E 115 -0.40 -4.64 -14.07
CA GLN E 115 -0.40 -4.66 -14.05
C GLN E 115 1.04 -4.61 -13.57
C GLN E 115 1.04 -4.61 -13.55
N ILE E 116 1.81 -3.65 -14.05
CA ILE E 116 3.20 -3.53 -13.63
C ILE E 116 3.39 -2.11 -13.11
N GLU E 117 3.78 -2.00 -11.84
CA GLU E 117 4.08 -0.71 -11.27
C GLU E 117 5.59 -0.61 -11.11
N ILE E 118 6.15 0.54 -11.44
CA ILE E 118 7.58 0.71 -11.36
C ILE E 118 7.94 1.78 -10.34
N PHE E 119 8.75 1.40 -9.35
CA PHE E 119 9.10 2.27 -8.21
C PHE E 119 10.58 2.64 -8.23
N ASP E 120 10.89 3.85 -7.75
CA ASP E 120 12.29 4.25 -7.57
C ASP E 120 12.84 3.61 -6.30
N GLU E 121 14.07 3.96 -5.93
CA GLU E 121 14.75 3.36 -4.79
C GLU E 121 14.33 3.97 -3.45
N LYS E 122 13.14 4.57 -3.41
CA LYS E 122 12.57 5.06 -2.16
C LYS E 122 11.16 4.52 -2.04
N GLY E 123 10.73 3.75 -3.04
CA GLY E 123 9.42 3.15 -3.03
C GLY E 123 8.35 4.05 -3.61
N ARG E 124 8.77 5.13 -4.27
CA ARG E 124 7.83 6.05 -4.88
C ARG E 124 7.44 5.56 -6.29
N LEU E 125 6.15 5.56 -6.58
CA LEU E 125 5.66 5.13 -7.90
C LEU E 125 6.19 6.06 -8.97
N CYS E 126 6.78 5.49 -10.02
CA CYS E 126 7.34 6.26 -11.13
C CYS E 126 6.55 6.03 -12.41
N CYS E 127 6.04 4.80 -12.58
N CYS E 127 6.05 4.81 -12.58
CA CYS E 127 5.30 4.43 -13.78
CA CYS E 127 5.26 4.46 -13.75
C CYS E 127 4.29 3.35 -13.46
C CYS E 127 4.23 3.42 -13.36
N SER E 128 3.07 3.48 -13.99
CA SER E 128 2.03 2.48 -13.78
C SER E 128 1.62 2.01 -15.17
N SER E 129 1.65 0.71 -15.40
N SER E 129 1.65 0.70 -15.39
CA SER E 129 1.35 0.19 -16.72
CA SER E 129 1.35 0.19 -16.72
C SER E 129 0.47 -1.05 -16.72
C SER E 129 0.45 -1.05 -16.71
N ARG E 130 -0.17 -1.31 -17.86
CA ARG E 130 -1.01 -2.48 -18.05
C ARG E 130 -0.55 -3.11 -19.36
N LEU E 131 -0.44 -4.43 -19.38
CA LEU E 131 -0.05 -5.16 -20.58
C LEU E 131 -1.12 -6.18 -20.85
N THR E 132 -1.60 -6.22 -22.08
CA THR E 132 -2.54 -7.26 -22.49
C THR E 132 -1.81 -8.24 -23.40
N THR E 133 -1.89 -9.52 -23.09
CA THR E 133 -1.24 -10.52 -23.95
C THR E 133 -2.26 -11.38 -24.63
N ALA E 134 -1.82 -12.04 -25.70
CA ALA E 134 -2.61 -13.09 -26.33
C ALA E 134 -1.93 -14.44 -26.08
N ILE E 135 -2.72 -15.46 -25.76
CA ILE E 135 -2.17 -16.80 -25.63
C ILE E 135 -2.37 -17.48 -26.99
N LEU E 136 -1.27 -17.88 -27.62
CA LEU E 136 -1.29 -18.43 -28.97
C LEU E 136 -1.07 -19.93 -28.97
N MET F 1 3.77 24.38 -42.13
CA MET F 1 4.38 23.32 -41.33
C MET F 1 4.03 23.52 -39.86
N ILE F 2 3.99 22.44 -39.12
CA ILE F 2 3.56 22.49 -37.73
C ILE F 2 4.65 22.95 -36.77
N TRP F 3 5.89 22.94 -37.24
CA TRP F 3 7.04 23.20 -36.37
C TRP F 3 7.17 24.68 -35.98
N LYS F 4 7.61 24.93 -34.75
CA LYS F 4 7.89 26.28 -34.28
C LYS F 4 9.38 26.46 -34.08
N ARG F 5 10.08 25.35 -33.96
CA ARG F 5 11.53 25.37 -33.83
C ARG F 5 12.15 24.85 -35.11
N LYS F 6 13.28 25.44 -35.49
CA LYS F 6 14.04 24.92 -36.61
C LYS F 6 15.32 24.27 -36.12
N ILE F 7 15.25 22.96 -35.93
CA ILE F 7 16.37 22.17 -35.45
C ILE F 7 16.62 21.10 -36.52
N THR F 8 17.87 20.89 -36.87
CA THR F 8 18.20 19.94 -37.95
C THR F 8 18.35 18.51 -37.45
N LEU F 9 18.33 17.56 -38.38
CA LEU F 9 18.49 16.15 -38.06
C LEU F 9 19.83 15.90 -37.40
N GLU F 10 20.87 16.59 -37.85
CA GLU F 10 22.19 16.36 -37.27
C GLU F 10 22.23 16.75 -35.80
N ALA F 11 21.57 17.85 -35.45
CA ALA F 11 21.52 18.29 -34.06
C ALA F 11 20.74 17.27 -33.22
N LEU F 12 19.65 16.76 -33.75
CA LEU F 12 18.85 15.74 -33.06
C LEU F 12 19.68 14.50 -32.81
N ASN F 13 20.44 14.08 -33.82
CA ASN F 13 21.24 12.87 -33.69
C ASN F 13 22.43 13.07 -32.78
N ALA F 14 22.97 14.29 -32.76
CA ALA F 14 24.03 14.63 -31.84
C ALA F 14 23.59 14.46 -30.39
N MET F 15 22.33 14.80 -30.13
CA MET F 15 21.74 14.75 -28.79
C MET F 15 21.60 13.33 -28.20
N GLY F 16 21.51 12.33 -29.06
CA GLY F 16 21.33 10.97 -28.59
C GLY F 16 22.61 10.34 -28.08
N GLU F 17 23.74 10.96 -28.38
CA GLU F 17 25.02 10.35 -28.01
C GLU F 17 25.22 10.24 -26.48
N GLY F 18 25.54 9.05 -26.01
CA GLY F 18 25.83 8.86 -24.59
C GLY F 18 24.62 8.53 -23.74
N ASN F 19 23.43 8.50 -24.36
CA ASN F 19 22.22 8.12 -23.62
C ASN F 19 21.48 7.00 -24.35
N MET F 20 20.27 6.66 -23.90
CA MET F 20 19.57 5.48 -24.45
C MET F 20 19.36 5.51 -25.96
N VAL F 21 19.06 6.70 -26.49
CA VAL F 21 18.80 6.86 -27.92
C VAL F 21 20.03 6.43 -28.73
N GLY F 22 21.20 6.92 -28.35
CA GLY F 22 22.44 6.57 -29.03
C GLY F 22 22.80 5.11 -28.79
N PHE F 23 22.55 4.62 -27.58
CA PHE F 23 22.86 3.25 -27.22
C PHE F 23 22.13 2.24 -28.11
N LEU F 24 20.89 2.56 -28.50
CA LEU F 24 20.11 1.65 -29.34
C LEU F 24 20.23 1.99 -30.82
N ASP F 25 21.11 2.94 -31.15
CA ASP F 25 21.32 3.39 -32.53
C ASP F 25 20.04 3.87 -33.22
N ILE F 26 19.19 4.56 -32.45
CA ILE F 26 18.04 5.26 -33.04
C ILE F 26 18.57 6.48 -33.79
N ARG F 27 18.21 6.59 -35.07
CA ARG F 27 18.70 7.70 -35.89
C ARG F 27 17.56 8.48 -36.48
N PHE F 28 17.51 9.79 -36.28
CA PHE F 28 16.49 10.59 -36.96
C PHE F 28 16.85 10.78 -38.43
N GLU F 29 15.88 10.56 -39.31
CA GLU F 29 16.18 10.46 -40.74
C GLU F 29 15.44 11.42 -41.66
N HIS F 30 14.27 11.88 -41.24
N HIS F 30 14.20 11.79 -41.32
CA HIS F 30 13.46 12.78 -42.08
CA HIS F 30 13.44 12.69 -42.18
C HIS F 30 12.55 13.70 -41.26
C HIS F 30 12.60 13.62 -41.32
N ILE F 31 12.50 14.97 -41.67
N ILE F 31 12.49 14.87 -41.75
CA ILE F 31 11.53 15.91 -41.15
CA ILE F 31 11.51 15.79 -41.17
C ILE F 31 10.73 16.49 -42.31
C ILE F 31 10.72 16.50 -42.27
N GLY F 32 9.42 16.25 -42.29
CA GLY F 32 8.54 16.82 -43.31
C GLY F 32 7.76 17.97 -42.71
N ASP F 33 6.76 18.47 -43.43
CA ASP F 33 5.96 19.60 -42.95
C ASP F 33 5.24 19.29 -41.65
N ASP F 34 4.81 18.04 -41.51
CA ASP F 34 4.07 17.62 -40.32
C ASP F 34 4.42 16.19 -39.90
N THR F 35 5.61 15.72 -40.24
CA THR F 35 6.03 14.37 -39.90
CA THR F 35 6.03 14.36 -39.94
C THR F 35 7.48 14.33 -39.45
N LEU F 36 7.78 13.43 -38.53
CA LEU F 36 9.15 13.22 -38.07
C LEU F 36 9.38 11.72 -38.10
N GLU F 37 10.50 11.30 -38.69
CA GLU F 37 10.83 9.89 -38.83
C GLU F 37 12.22 9.53 -38.30
N ALA F 38 12.32 8.36 -37.68
CA ALA F 38 13.59 7.85 -37.16
C ALA F 38 13.61 6.34 -37.32
N THR F 39 14.80 5.76 -37.50
CA THR F 39 14.94 4.31 -37.64
C THR F 39 15.69 3.70 -36.46
N MET F 40 15.56 2.38 -36.31
CA MET F 40 16.19 1.67 -35.20
C MET F 40 16.52 0.27 -35.68
N PRO F 41 17.73 -0.24 -35.38
CA PRO F 41 17.98 -1.61 -35.85
C PRO F 41 17.29 -2.66 -35.00
N VAL F 42 17.03 -3.81 -35.61
CA VAL F 42 16.62 -4.99 -34.86
C VAL F 42 17.92 -5.76 -34.66
N ASP F 43 18.47 -5.70 -33.45
CA ASP F 43 19.74 -6.35 -33.16
C ASP F 43 19.80 -6.77 -31.69
N SER F 44 20.97 -7.24 -31.25
N SER F 44 20.97 -7.23 -31.27
CA SER F 44 21.09 -7.79 -29.90
CA SER F 44 21.15 -7.75 -29.92
C SER F 44 20.62 -6.84 -28.80
C SER F 44 20.60 -6.85 -28.82
N ARG F 45 20.70 -5.53 -29.03
CA ARG F 45 20.25 -4.56 -28.02
C ARG F 45 18.74 -4.28 -28.00
N THR F 46 18.03 -4.71 -29.04
CA THR F 46 16.59 -4.45 -29.14
C THR F 46 15.79 -5.74 -29.35
N LYS F 47 16.46 -6.88 -29.23
CA LYS F 47 15.82 -8.18 -29.46
C LYS F 47 15.31 -8.89 -28.20
N GLN F 48 14.30 -9.73 -28.41
CA GLN F 48 13.91 -10.72 -27.41
C GLN F 48 14.93 -11.86 -27.45
N PRO F 49 14.93 -12.72 -26.42
CA PRO F 49 15.85 -13.87 -26.38
C PRO F 49 15.90 -14.67 -27.69
N PHE F 50 14.80 -14.81 -28.41
CA PHE F 50 14.90 -15.61 -29.64
C PHE F 50 14.89 -14.88 -30.99
N GLY F 51 15.21 -13.59 -30.96
CA GLY F 51 15.54 -12.88 -32.19
C GLY F 51 14.52 -11.88 -32.66
N LEU F 52 13.30 -11.94 -32.15
CA LEU F 52 12.28 -10.99 -32.59
C LEU F 52 12.51 -9.64 -31.92
N LEU F 53 12.04 -8.57 -32.55
CA LEU F 53 12.11 -7.24 -31.93
C LEU F 53 11.36 -7.19 -30.59
N HIS F 54 12.01 -6.67 -29.56
CA HIS F 54 11.40 -6.49 -28.25
C HIS F 54 10.36 -5.37 -28.34
N GLY F 55 9.14 -5.63 -27.86
CA GLY F 55 8.07 -4.64 -27.96
C GLY F 55 8.41 -3.34 -27.24
N GLY F 56 9.20 -3.47 -26.18
CA GLY F 56 9.66 -2.31 -25.42
C GLY F 56 10.57 -1.41 -26.24
N ALA F 57 11.36 -2.02 -27.12
CA ALA F 57 12.23 -1.25 -28.01
C ALA F 57 11.40 -0.37 -28.96
N SER F 58 10.27 -0.90 -29.45
CA SER F 58 9.39 -0.11 -30.31
C SER F 58 8.84 1.09 -29.53
N VAL F 59 8.50 0.89 -28.25
CA VAL F 59 7.97 2.00 -27.45
C VAL F 59 9.06 3.04 -27.16
N VAL F 60 10.29 2.60 -26.95
CA VAL F 60 11.38 3.55 -26.83
C VAL F 60 11.50 4.43 -28.07
N LEU F 61 11.38 3.82 -29.25
CA LEU F 61 11.45 4.55 -30.51
C LEU F 61 10.27 5.51 -30.62
N ALA F 62 9.08 5.01 -30.33
CA ALA F 62 7.87 5.84 -30.38
C ALA F 62 7.90 7.00 -29.39
N GLU F 63 8.31 6.76 -28.14
CA GLU F 63 8.40 7.85 -27.18
C GLU F 63 9.48 8.84 -27.55
N SER F 64 10.61 8.35 -28.06
CA SER F 64 11.69 9.25 -28.48
C SER F 64 11.27 10.18 -29.62
N ILE F 65 10.69 9.62 -30.67
CA ILE F 65 10.21 10.46 -31.76
C ILE F 65 9.10 11.42 -31.32
N GLY F 66 8.10 10.92 -30.61
CA GLY F 66 6.99 11.76 -30.20
C GLY F 66 7.44 12.91 -29.32
N SER F 67 8.35 12.64 -28.38
CA SER F 67 8.82 13.70 -27.49
C SER F 67 9.56 14.77 -28.27
N VAL F 68 10.38 14.36 -29.23
CA VAL F 68 11.14 15.31 -30.02
C VAL F 68 10.20 16.14 -30.89
N ALA F 69 9.24 15.48 -31.53
CA ALA F 69 8.29 16.22 -32.37
C ALA F 69 7.48 17.22 -31.54
N GLY F 70 7.01 16.79 -30.37
CA GLY F 70 6.31 17.68 -29.47
C GLY F 70 7.14 18.89 -29.08
N TYR F 71 8.39 18.66 -28.75
CA TYR F 71 9.29 19.77 -28.43
C TYR F 71 9.44 20.72 -29.61
N LEU F 72 9.59 20.17 -30.82
CA LEU F 72 9.74 21.01 -32.01
C LEU F 72 8.50 21.85 -32.31
N CYS F 73 7.40 21.57 -31.58
CA CYS F 73 6.16 22.31 -31.79
C CYS F 73 5.90 23.28 -30.66
N THR F 74 6.91 23.51 -29.83
CA THR F 74 6.84 24.52 -28.78
C THR F 74 7.88 25.58 -29.09
N GLU F 75 7.96 26.63 -28.27
CA GLU F 75 8.90 27.71 -28.54
C GLU F 75 9.54 28.24 -27.25
N GLY F 76 10.71 28.86 -27.38
CA GLY F 76 11.37 29.47 -26.23
C GLY F 76 11.74 28.49 -25.13
N GLU F 77 11.39 28.83 -23.90
CA GLU F 77 11.72 28.00 -22.75
C GLU F 77 10.70 26.90 -22.47
N GLN F 78 9.69 26.76 -23.34
CA GLN F 78 8.73 25.67 -23.23
C GLN F 78 9.41 24.31 -23.35
N LYS F 79 8.94 23.35 -22.57
CA LYS F 79 9.40 21.97 -22.65
C LYS F 79 8.19 21.07 -22.90
N VAL F 80 8.43 19.83 -23.34
CA VAL F 80 7.35 18.84 -23.30
C VAL F 80 7.81 17.64 -22.49
N VAL F 81 6.85 16.96 -21.87
CA VAL F 81 7.10 15.74 -21.14
C VAL F 81 5.99 14.75 -21.48
N GLY F 82 6.34 13.48 -21.66
CA GLY F 82 5.37 12.43 -21.87
C GLY F 82 4.59 12.05 -20.62
N LEU F 83 3.27 12.10 -20.72
CA LEU F 83 2.41 11.76 -19.60
C LEU F 83 1.95 10.33 -19.70
N GLU F 84 1.59 9.94 -20.93
CA GLU F 84 0.95 8.66 -21.15
C GLU F 84 1.37 8.14 -22.50
N ILE F 85 1.57 6.83 -22.59
CA ILE F 85 1.92 6.22 -23.87
C ILE F 85 1.07 4.96 -24.01
N ASN F 86 0.56 4.68 -25.21
CA ASN F 86 0.01 3.35 -25.46
C ASN F 86 0.47 2.82 -26.80
N ALA F 87 0.48 1.51 -26.97
CA ALA F 87 1.03 0.95 -28.20
C ALA F 87 0.41 -0.37 -28.47
N ASN F 88 0.11 -0.61 -29.74
CA ASN F 88 -0.45 -1.88 -30.20
C ASN F 88 0.60 -2.60 -31.05
N HIS F 89 1.03 -3.78 -30.63
CA HIS F 89 1.99 -4.56 -31.39
C HIS F 89 1.24 -5.50 -32.35
N VAL F 90 1.22 -5.15 -33.63
CA VAL F 90 0.38 -5.86 -34.60
C VAL F 90 1.16 -6.77 -35.53
N ARG F 91 2.48 -6.62 -35.53
CA ARG F 91 3.34 -7.47 -36.34
C ARG F 91 4.76 -7.48 -35.77
N SER F 92 5.38 -8.65 -35.74
CA SER F 92 6.75 -8.75 -35.25
C SER F 92 7.76 -8.34 -36.33
N ALA F 93 8.98 -8.01 -35.93
CA ALA F 93 10.06 -7.69 -36.86
C ALA F 93 11.28 -8.49 -36.48
N ARG F 94 12.10 -8.88 -37.47
CA ARG F 94 13.19 -9.79 -37.17
C ARG F 94 14.59 -9.35 -37.62
N GLU F 95 14.65 -8.43 -38.58
CA GLU F 95 15.95 -7.98 -39.08
C GLU F 95 15.89 -6.61 -39.72
N GLY F 96 17.06 -6.12 -40.13
CA GLY F 96 17.17 -4.80 -40.70
C GLY F 96 16.85 -3.73 -39.68
N ARG F 97 16.28 -2.63 -40.15
CA ARG F 97 15.90 -1.54 -39.27
C ARG F 97 14.41 -1.33 -39.39
N VAL F 98 13.78 -0.90 -38.30
CA VAL F 98 12.38 -0.49 -38.36
C VAL F 98 12.35 1.02 -38.45
N ARG F 99 11.24 1.56 -38.93
CA ARG F 99 11.12 3.01 -39.17
C ARG F 99 9.87 3.58 -38.51
N GLY F 100 10.06 4.54 -37.59
CA GLY F 100 8.93 5.17 -36.94
C GLY F 100 8.57 6.46 -37.65
N VAL F 101 7.27 6.66 -37.85
CA VAL F 101 6.74 7.84 -38.53
C VAL F 101 5.73 8.50 -37.60
N CYS F 102 6.01 9.73 -37.21
CA CYS F 102 5.24 10.43 -36.18
C CYS F 102 4.50 11.63 -36.76
N LYS F 103 3.19 11.65 -36.51
N LYS F 103 3.19 11.67 -36.56
CA LYS F 103 2.28 12.71 -36.99
CA LYS F 103 2.40 12.82 -37.00
C LYS F 103 1.40 13.19 -35.83
C LYS F 103 1.41 13.19 -35.90
N PRO F 104 0.97 14.46 -35.88
CA PRO F 104 0.15 14.98 -34.78
C PRO F 104 -1.30 14.55 -34.86
N LEU F 105 -1.88 14.21 -33.72
CA LEU F 105 -3.33 14.02 -33.62
C LEU F 105 -3.96 15.29 -33.04
N HIS F 106 -3.23 15.99 -32.19
CA HIS F 106 -3.69 17.24 -31.60
C HIS F 106 -2.53 18.05 -31.06
N LEU F 107 -2.46 19.32 -31.48
CA LEU F 107 -1.45 20.23 -30.95
C LEU F 107 -2.15 21.33 -30.16
N GLY F 108 -2.15 21.22 -28.83
CA GLY F 108 -2.81 22.20 -27.99
C GLY F 108 -1.83 23.18 -27.37
N SER F 109 -2.34 24.17 -26.65
CA SER F 109 -1.46 25.11 -25.98
C SER F 109 -0.86 24.50 -24.71
N ARG F 110 -1.46 23.44 -24.18
CA ARG F 110 -0.99 22.88 -22.92
C ARG F 110 -0.71 21.38 -22.99
N HIS F 111 -1.25 20.72 -24.00
CA HIS F 111 -0.93 19.30 -24.21
C HIS F 111 -0.95 18.95 -25.68
N GLN F 112 -0.37 17.79 -26.01
CA GLN F 112 -0.31 17.32 -27.38
C GLN F 112 -0.61 15.83 -27.40
N VAL F 113 -1.08 15.34 -28.54
CA VAL F 113 -1.27 13.90 -28.74
C VAL F 113 -0.60 13.56 -30.04
N TRP F 114 0.32 12.59 -30.01
CA TRP F 114 1.06 12.19 -31.21
C TRP F 114 0.77 10.76 -31.56
N GLN F 115 0.69 10.45 -32.85
N GLN F 115 0.73 10.47 -32.86
CA GLN F 115 0.61 9.06 -33.25
CA GLN F 115 0.61 9.11 -33.35
C GLN F 115 1.92 8.67 -33.93
C GLN F 115 1.94 8.68 -33.94
N ILE F 116 2.47 7.54 -33.53
CA ILE F 116 3.70 7.00 -34.14
C ILE F 116 3.41 5.61 -34.68
N GLU F 117 3.65 5.43 -35.97
CA GLU F 117 3.55 4.13 -36.59
C GLU F 117 4.94 3.63 -36.91
N ILE F 118 5.19 2.36 -36.58
CA ILE F 118 6.51 1.78 -36.76
C ILE F 118 6.43 0.65 -37.79
N PHE F 119 7.20 0.78 -38.87
CA PHE F 119 7.13 -0.12 -40.02
C PHE F 119 8.38 -0.97 -40.17
N ASP F 120 8.24 -2.17 -40.73
CA ASP F 120 9.42 -2.99 -41.03
C ASP F 120 10.06 -2.50 -42.34
N GLU F 121 11.11 -3.17 -42.81
CA GLU F 121 11.80 -2.70 -44.02
C GLU F 121 10.98 -2.93 -45.29
N LYS F 122 9.97 -3.80 -45.21
CA LYS F 122 9.02 -3.98 -46.32
C LYS F 122 7.90 -2.95 -46.28
N GLY F 123 7.86 -2.13 -45.25
CA GLY F 123 6.81 -1.13 -45.15
C GLY F 123 5.55 -1.63 -44.46
N ARG F 124 5.64 -2.81 -43.82
CA ARG F 124 4.48 -3.34 -43.11
C ARG F 124 4.42 -2.81 -41.67
N LEU F 125 3.23 -2.39 -41.25
CA LEU F 125 3.04 -1.84 -39.91
C LEU F 125 3.28 -2.90 -38.85
N CYS F 126 4.14 -2.58 -37.89
CA CYS F 126 4.45 -3.49 -36.79
C CYS F 126 3.90 -3.01 -35.46
N CYS F 127 3.91 -1.70 -35.27
CA CYS F 127 3.48 -1.11 -33.99
C CYS F 127 2.83 0.22 -34.22
N SER F 128 1.66 0.41 -33.62
CA SER F 128 0.96 1.69 -33.70
C SER F 128 0.82 2.22 -32.29
N SER F 129 1.26 3.46 -32.08
N SER F 129 1.24 3.45 -32.06
CA SER F 129 1.42 4.04 -30.75
CA SER F 129 1.29 3.97 -30.71
C SER F 129 0.88 5.45 -30.64
C SER F 129 0.85 5.42 -30.63
N ARG F 130 0.38 5.82 -29.45
CA ARG F 130 -0.06 7.20 -29.19
C ARG F 130 0.74 7.72 -28.00
N LEU F 131 1.20 8.96 -28.10
CA LEU F 131 1.87 9.60 -26.97
C LEU F 131 1.14 10.88 -26.63
N THR F 132 0.83 11.06 -25.34
CA THR F 132 0.24 12.29 -24.84
C THR F 132 1.30 13.02 -24.02
N THR F 133 1.52 14.29 -24.37
CA THR F 133 2.56 15.04 -23.71
C THR F 133 1.93 16.23 -23.04
N ALA F 134 2.62 16.77 -22.05
CA ALA F 134 2.22 18.02 -21.42
C ALA F 134 3.26 19.05 -21.81
N ILE F 135 2.80 20.24 -22.16
CA ILE F 135 3.70 21.36 -22.42
C ILE F 135 3.91 22.12 -21.12
N LEU F 136 5.17 22.28 -20.73
CA LEU F 136 5.49 22.85 -19.42
C LEU F 136 6.46 24.03 -19.54
N MET G 1 -5.92 13.16 5.14
CA MET G 1 -6.67 12.88 3.93
C MET G 1 -6.08 13.66 2.76
N ILE G 2 -6.32 13.19 1.54
CA ILE G 2 -5.77 13.84 0.35
C ILE G 2 -6.67 15.00 -0.10
N TRP G 3 -7.92 14.98 0.32
CA TRP G 3 -8.91 15.97 -0.13
C TRP G 3 -8.62 17.37 0.41
N LYS G 4 -8.92 18.37 -0.40
CA LYS G 4 -8.77 19.76 0.00
C LYS G 4 -10.12 20.45 0.07
N ARG G 5 -11.08 19.91 -0.66
CA ARG G 5 -12.43 20.45 -0.67
C ARG G 5 -13.36 19.58 0.17
N LYS G 6 -13.94 20.19 1.21
CA LYS G 6 -14.84 19.44 2.10
C LYS G 6 -16.22 19.32 1.48
N ILE G 7 -16.59 18.10 1.14
CA ILE G 7 -17.84 17.82 0.46
CA ILE G 7 -17.88 17.86 0.51
C ILE G 7 -18.48 16.60 1.13
N THR G 8 -19.76 16.37 0.92
CA THR G 8 -20.39 15.18 1.45
C THR G 8 -20.87 14.33 0.30
N LEU G 9 -21.06 13.04 0.57
CA LEU G 9 -21.62 12.15 -0.43
C LEU G 9 -22.98 12.66 -0.90
N GLU G 10 -23.78 13.19 0.02
CA GLU G 10 -25.14 13.60 -0.36
C GLU G 10 -25.09 14.77 -1.35
N ALA G 11 -24.14 15.67 -1.14
CA ALA G 11 -23.99 16.79 -2.07
C ALA G 11 -23.49 16.32 -3.44
N LEU G 12 -22.57 15.36 -3.47
CA LEU G 12 -22.14 14.79 -4.75
C LEU G 12 -23.31 14.20 -5.50
N ASN G 13 -24.13 13.42 -4.80
CA ASN G 13 -25.26 12.80 -5.45
C ASN G 13 -26.29 13.82 -5.92
N ALA G 14 -26.42 14.91 -5.15
CA ALA G 14 -27.30 16.01 -5.54
C ALA G 14 -26.81 16.64 -6.84
N MET G 15 -25.49 16.79 -6.97
CA MET G 15 -24.90 17.41 -8.16
C MET G 15 -25.08 16.60 -9.45
N GLY G 16 -25.38 15.31 -9.31
CA GLY G 16 -25.51 14.43 -10.46
C GLY G 16 -26.92 14.42 -11.00
N GLU G 17 -27.85 15.00 -10.24
CA GLU G 17 -29.24 14.99 -10.67
C GLU G 17 -29.42 15.81 -11.93
N GLY G 18 -30.10 15.24 -12.91
CA GLY G 18 -30.41 15.97 -14.12
C GLY G 18 -29.34 15.84 -15.19
N ASN G 19 -28.24 15.16 -14.89
CA ASN G 19 -27.18 14.97 -15.89
C ASN G 19 -26.82 13.48 -16.05
N MET G 20 -25.79 13.15 -16.84
CA MET G 20 -25.52 11.75 -17.18
C MET G 20 -25.37 10.88 -15.96
N VAL G 21 -24.64 11.38 -14.97
CA VAL G 21 -24.45 10.66 -13.72
C VAL G 21 -25.76 10.30 -13.06
N GLY G 22 -26.66 11.27 -12.90
CA GLY G 22 -27.99 10.97 -12.40
C GLY G 22 -28.82 10.07 -13.30
N PHE G 23 -28.75 10.27 -14.62
CA PHE G 23 -29.49 9.44 -15.56
C PHE G 23 -29.11 7.96 -15.46
N LEU G 24 -27.85 7.65 -15.13
CA LEU G 24 -27.43 6.25 -15.07
C LEU G 24 -27.54 5.69 -13.66
N ASP G 25 -28.04 6.50 -12.74
CA ASP G 25 -28.17 6.14 -11.32
C ASP G 25 -26.81 5.75 -10.72
N ILE G 26 -25.78 6.49 -11.10
CA ILE G 26 -24.49 6.35 -10.44
C ILE G 26 -24.60 7.02 -9.06
N ARG G 27 -24.19 6.32 -8.02
CA ARG G 27 -24.32 6.85 -6.65
C ARG G 27 -23.01 6.85 -5.91
N PHE G 28 -22.57 8.02 -5.45
CA PHE G 28 -21.36 8.05 -4.65
C PHE G 28 -21.68 7.45 -3.28
N GLU G 29 -20.83 6.54 -2.82
CA GLU G 29 -21.18 5.74 -1.63
C GLU G 29 -20.16 5.75 -0.52
N HIS G 30 -18.90 6.03 -0.85
CA HIS G 30 -17.89 6.04 0.18
C HIS G 30 -16.79 6.99 -0.19
N ILE G 31 -16.37 7.78 0.79
CA ILE G 31 -15.18 8.60 0.63
C ILE G 31 -14.22 8.29 1.79
N GLY G 32 -13.05 7.76 1.46
CA GLY G 32 -12.09 7.39 2.48
C GLY G 32 -11.07 8.49 2.59
N ASP G 33 -9.97 8.22 3.29
CA ASP G 33 -8.91 9.19 3.45
C ASP G 33 -8.17 9.41 2.12
N ASP G 34 -8.22 8.41 1.25
CA ASP G 34 -7.57 8.52 -0.06
C ASP G 34 -8.25 7.72 -1.18
N THR G 35 -9.51 7.37 -0.96
CA THR G 35 -10.27 6.64 -1.97
C THR G 35 -11.65 7.25 -2.09
N LEU G 36 -12.25 7.11 -3.27
CA LEU G 36 -13.62 7.53 -3.50
C LEU G 36 -14.30 6.38 -4.25
N GLU G 37 -15.54 6.08 -3.87
CA GLU G 37 -16.29 4.98 -4.48
C GLU G 37 -17.72 5.32 -4.88
N ALA G 38 -18.15 4.77 -6.01
CA ALA G 38 -19.53 4.93 -6.46
C ALA G 38 -20.03 3.65 -7.12
N THR G 39 -21.34 3.43 -7.09
CA THR G 39 -21.92 2.24 -7.71
C THR G 39 -22.81 2.62 -8.88
N MET G 40 -23.12 1.62 -9.72
CA MET G 40 -23.93 1.85 -10.91
C MET G 40 -24.71 0.60 -11.22
N PRO G 41 -26.02 0.74 -11.55
CA PRO G 41 -26.77 -0.45 -11.92
C PRO G 41 -26.36 -1.04 -13.26
N VAL G 42 -26.49 -2.35 -13.37
CA VAL G 42 -26.42 -3.03 -14.65
C VAL G 42 -27.86 -3.25 -15.08
N ASP G 43 -28.38 -2.34 -15.90
CA ASP G 43 -29.76 -2.48 -16.38
C ASP G 43 -29.87 -1.92 -17.80
N SER G 44 -31.09 -1.71 -18.28
N SER G 44 -31.10 -1.68 -18.24
CA SER G 44 -31.28 -1.32 -19.69
CA SER G 44 -31.34 -1.21 -19.60
C SER G 44 -30.53 -0.05 -20.07
C SER G 44 -30.49 -0.01 -20.00
N ARG G 45 -30.39 0.87 -19.13
N ARG G 45 -30.38 0.96 -19.09
CA ARG G 45 -29.69 2.14 -19.40
CA ARG G 45 -29.65 2.19 -19.36
C ARG G 45 -28.19 1.97 -19.55
C ARG G 45 -28.17 1.96 -19.58
N THR G 46 -27.65 0.85 -19.08
CA THR G 46 -26.21 0.61 -19.09
C THR G 46 -25.81 -0.69 -19.78
N LYS G 47 -26.77 -1.41 -20.33
CA LYS G 47 -26.47 -2.69 -20.99
C LYS G 47 -26.29 -2.54 -22.49
N GLN G 48 -25.62 -3.51 -23.10
CA GLN G 48 -25.65 -3.61 -24.54
C GLN G 48 -26.77 -4.59 -24.93
N PRO G 49 -27.10 -4.72 -26.24
CA PRO G 49 -28.32 -5.47 -26.58
C PRO G 49 -28.32 -6.91 -26.08
N PHE G 50 -27.16 -7.52 -25.86
CA PHE G 50 -27.10 -8.92 -25.44
C PHE G 50 -27.38 -9.07 -23.94
N GLY G 51 -27.59 -7.96 -23.25
CA GLY G 51 -27.97 -8.01 -21.85
C GLY G 51 -26.82 -7.92 -20.86
N LEU G 52 -25.61 -7.67 -21.36
CA LEU G 52 -24.45 -7.45 -20.49
C LEU G 52 -24.16 -5.98 -20.31
N LEU G 53 -23.40 -5.64 -19.27
CA LEU G 53 -22.96 -4.27 -19.04
C LEU G 53 -22.17 -3.77 -20.25
N HIS G 54 -22.55 -2.61 -20.76
CA HIS G 54 -21.88 -1.94 -21.89
C HIS G 54 -20.55 -1.40 -21.35
N GLY G 55 -19.44 -1.68 -22.04
CA GLY G 55 -18.14 -1.29 -21.54
C GLY G 55 -18.02 0.22 -21.43
N GLY G 56 -18.76 0.93 -22.26
CA GLY G 56 -18.76 2.38 -22.18
C GLY G 56 -19.35 2.89 -20.89
N ALA G 57 -20.30 2.15 -20.32
CA ALA G 57 -20.90 2.54 -19.06
C ALA G 57 -19.85 2.46 -17.96
N SER G 58 -19.02 1.42 -17.99
CA SER G 58 -17.94 1.29 -17.00
C SER G 58 -17.00 2.48 -17.04
N VAL G 59 -16.71 2.96 -18.25
CA VAL G 59 -15.81 4.11 -18.39
C VAL G 59 -16.49 5.42 -17.93
N VAL G 60 -17.79 5.54 -18.14
CA VAL G 60 -18.51 6.69 -17.60
C VAL G 60 -18.38 6.70 -16.08
N LEU G 61 -18.54 5.53 -15.47
CA LEU G 61 -18.38 5.41 -14.03
C LEU G 61 -16.96 5.77 -13.63
N ALA G 62 -15.97 5.21 -14.34
CA ALA G 62 -14.58 5.47 -14.00
C ALA G 62 -14.24 6.95 -14.11
N GLU G 63 -14.59 7.57 -15.24
CA GLU G 63 -14.30 8.99 -15.42
C GLU G 63 -15.08 9.88 -14.46
N SER G 64 -16.31 9.50 -14.13
CA SER G 64 -17.10 10.27 -13.16
C SER G 64 -16.42 10.30 -11.79
N ILE G 65 -16.02 9.12 -11.29
CA ILE G 65 -15.39 9.07 -9.98
C ILE G 65 -14.03 9.78 -10.00
N GLY G 66 -13.21 9.47 -10.99
CA GLY G 66 -11.89 10.09 -11.10
C GLY G 66 -11.89 11.60 -11.23
N SER G 67 -12.79 12.14 -12.05
CA SER G 67 -12.86 13.59 -12.23
C SER G 67 -13.29 14.27 -10.93
N VAL G 68 -14.20 13.64 -10.19
CA VAL G 68 -14.66 14.22 -8.93
C VAL G 68 -13.54 14.18 -7.89
N ALA G 69 -12.91 13.02 -7.77
CA ALA G 69 -11.80 12.85 -6.86
C ALA G 69 -10.72 13.87 -7.17
N GLY G 70 -10.41 14.06 -8.45
CA GLY G 70 -9.38 15.01 -8.82
C GLY G 70 -9.73 16.43 -8.44
N TYR G 71 -10.98 16.83 -8.69
CA TYR G 71 -11.45 18.15 -8.27
C TYR G 71 -11.32 18.35 -6.77
N LEU G 72 -11.66 17.32 -6.00
CA LEU G 72 -11.62 17.40 -4.55
C LEU G 72 -10.21 17.57 -4.01
N CYS G 73 -9.21 17.31 -4.85
CA CYS G 73 -7.82 17.46 -4.43
C CYS G 73 -7.20 18.77 -4.92
N THR G 74 -8.03 19.65 -5.46
CA THR G 74 -7.55 20.98 -5.82
C THR G 74 -8.22 22.01 -4.91
N GLU G 75 -7.80 23.26 -4.99
CA GLU G 75 -8.37 24.28 -4.09
C GLU G 75 -8.76 25.57 -4.79
N GLY G 76 -9.62 26.33 -4.13
CA GLY G 76 -10.02 27.63 -4.62
C GLY G 76 -10.61 27.59 -6.01
N GLU G 77 -10.10 28.45 -6.89
CA GLU G 77 -10.68 28.54 -8.23
C GLU G 77 -10.02 27.58 -9.25
N GLN G 78 -9.15 26.69 -8.78
CA GLN G 78 -8.60 25.67 -9.67
C GLN G 78 -9.71 24.80 -10.26
N LYS G 79 -9.50 24.34 -11.49
CA LYS G 79 -10.41 23.41 -12.13
C LYS G 79 -9.64 22.15 -12.51
N VAL G 80 -10.38 21.07 -12.75
CA VAL G 80 -9.79 19.82 -13.21
C VAL G 80 -10.57 19.31 -14.40
N VAL G 81 -9.89 18.95 -15.48
CA VAL G 81 -10.55 18.30 -16.60
CA VAL G 81 -10.55 18.30 -16.60
C VAL G 81 -9.81 17.03 -17.00
N GLY G 82 -10.56 16.01 -17.39
CA GLY G 82 -9.98 14.76 -17.84
C GLY G 82 -9.28 14.93 -19.18
N LEU G 83 -8.08 14.40 -19.28
CA LEU G 83 -7.26 14.61 -20.47
C LEU G 83 -7.19 13.32 -21.29
N GLU G 84 -6.95 12.20 -20.61
CA GLU G 84 -6.82 10.89 -21.26
C GLU G 84 -7.42 9.86 -20.34
N ILE G 85 -8.16 8.90 -20.89
CA ILE G 85 -8.68 7.82 -20.06
C ILE G 85 -8.39 6.52 -20.78
N ASN G 86 -8.08 5.47 -20.03
CA ASN G 86 -7.87 4.16 -20.65
C ASN G 86 -8.40 3.07 -19.76
N ALA G 87 -8.80 1.94 -20.35
CA ALA G 87 -9.48 0.93 -19.56
C ALA G 87 -9.35 -0.43 -20.19
N ASN G 88 -9.22 -1.44 -19.35
CA ASN G 88 -9.23 -2.81 -19.81
C ASN G 88 -10.46 -3.48 -19.23
N HIS G 89 -11.25 -4.12 -20.10
CA HIS G 89 -12.45 -4.83 -19.69
C HIS G 89 -12.13 -6.32 -19.50
N VAL G 90 -12.05 -6.77 -18.25
CA VAL G 90 -11.60 -8.15 -17.99
C VAL G 90 -12.74 -9.13 -17.70
N ARG G 91 -13.88 -8.61 -17.29
CA ARG G 91 -15.03 -9.44 -16.99
C ARG G 91 -16.32 -8.65 -17.20
N SER G 92 -17.38 -9.30 -17.66
CA SER G 92 -18.64 -8.57 -17.78
C SER G 92 -19.55 -8.77 -16.59
N ALA G 93 -20.73 -8.18 -16.68
CA ALA G 93 -21.70 -8.22 -15.59
C ALA G 93 -23.07 -8.30 -16.23
N ARG G 94 -24.02 -8.97 -15.58
CA ARG G 94 -25.38 -9.08 -16.12
C ARG G 94 -26.45 -8.46 -15.23
N GLU G 95 -26.16 -8.32 -13.95
CA GLU G 95 -27.20 -7.89 -13.01
C GLU G 95 -26.63 -7.21 -11.77
N GLY G 96 -27.53 -6.67 -10.96
CA GLY G 96 -27.14 -5.99 -9.74
C GLY G 96 -26.43 -4.68 -10.05
N ARG G 97 -25.45 -4.34 -9.22
CA ARG G 97 -24.71 -3.10 -9.40
C ARG G 97 -23.22 -3.41 -9.47
N VAL G 98 -22.46 -2.52 -10.11
CA VAL G 98 -21.00 -2.60 -10.04
C VAL G 98 -20.49 -1.47 -9.15
N ARG G 99 -19.30 -1.63 -8.59
CA ARG G 99 -18.75 -0.63 -7.69
C ARG G 99 -17.40 -0.17 -8.19
N GLY G 100 -17.24 1.14 -8.33
CA GLY G 100 -15.98 1.68 -8.80
C GLY G 100 -15.18 2.20 -7.62
N VAL G 101 -13.91 1.86 -7.58
CA VAL G 101 -13.04 2.27 -6.49
C VAL G 101 -11.90 3.06 -7.06
N CYS G 102 -11.75 4.30 -6.60
CA CYS G 102 -10.80 5.25 -7.18
C CYS G 102 -9.70 5.65 -6.20
N LYS G 103 -8.45 5.48 -6.61
CA LYS G 103 -7.31 5.82 -5.77
C LYS G 103 -6.28 6.61 -6.58
N PRO G 104 -5.54 7.52 -5.93
CA PRO G 104 -4.55 8.37 -6.61
C PRO G 104 -3.27 7.61 -6.95
N LEU G 105 -2.71 7.85 -8.13
CA LEU G 105 -1.38 7.38 -8.49
C LEU G 105 -0.45 8.57 -8.47
N HIS G 106 -0.99 9.74 -8.74
CA HIS G 106 -0.18 10.96 -8.76
C HIS G 106 -1.03 12.21 -8.53
N LEU G 107 -0.63 13.04 -7.57
CA LEU G 107 -1.32 14.27 -7.25
C LEU G 107 -0.35 15.41 -7.47
N GLY G 108 -0.31 15.95 -8.67
CA GLY G 108 0.66 16.99 -8.98
C GLY G 108 0.07 18.38 -8.91
N SER G 109 0.88 19.38 -9.27
CA SER G 109 0.43 20.76 -9.26
C SER G 109 -0.29 21.12 -10.55
N ARG G 110 -0.03 20.35 -11.60
CA ARG G 110 -0.63 20.67 -12.90
C ARG G 110 -1.35 19.48 -13.53
N HIS G 111 -1.07 18.27 -13.03
CA HIS G 111 -1.72 17.06 -13.53
C HIS G 111 -1.94 16.05 -12.42
N GLN G 112 -2.85 15.12 -12.65
CA GLN G 112 -3.10 14.05 -11.71
C GLN G 112 -3.33 12.77 -12.49
N VAL G 113 -3.07 11.65 -11.83
CA VAL G 113 -3.39 10.36 -12.38
C VAL G 113 -4.17 9.58 -11.35
N TRP G 114 -5.30 9.03 -11.78
CA TRP G 114 -6.18 8.27 -10.91
C TRP G 114 -6.31 6.86 -11.45
N GLN G 115 -6.27 5.86 -10.56
CA GLN G 115 -6.59 4.49 -10.92
C GLN G 115 -7.99 4.17 -10.44
N ILE G 116 -8.85 3.69 -11.34
CA ILE G 116 -10.20 3.29 -10.94
C ILE G 116 -10.42 1.82 -11.30
N GLU G 117 -10.77 1.01 -10.31
CA GLU G 117 -11.10 -0.39 -10.55
C GLU G 117 -12.59 -0.59 -10.32
N ILE G 118 -13.23 -1.34 -11.21
CA ILE G 118 -14.66 -1.55 -11.12
C ILE G 118 -14.97 -3.03 -10.91
N PHE G 119 -15.74 -3.31 -9.86
CA PHE G 119 -15.99 -4.67 -9.38
C PHE G 119 -17.45 -5.05 -9.46
N ASP G 120 -17.75 -6.31 -9.77
CA ASP G 120 -19.14 -6.80 -9.68
C ASP G 120 -19.51 -7.05 -8.22
N GLU G 121 -20.69 -7.63 -8.00
CA GLU G 121 -21.18 -7.88 -6.64
C GLU G 121 -20.42 -9.00 -5.91
N LYS G 122 -19.82 -9.93 -6.66
CA LYS G 122 -19.06 -11.00 -6.03
C LYS G 122 -17.65 -10.53 -5.70
N GLY G 123 -17.38 -9.25 -5.95
CA GLY G 123 -16.08 -8.68 -5.65
C GLY G 123 -15.02 -8.96 -6.71
N ARG G 124 -15.46 -9.42 -7.88
CA ARG G 124 -14.53 -9.77 -8.95
C ARG G 124 -14.27 -8.56 -9.83
N LEU G 125 -13.00 -8.37 -10.22
CA LEU G 125 -12.64 -7.25 -11.09
C LEU G 125 -13.36 -7.34 -12.42
N CYS G 126 -13.96 -6.24 -12.87
CA CYS G 126 -14.58 -6.23 -14.19
C CYS G 126 -13.86 -5.29 -15.18
N CYS G 127 -13.34 -4.19 -14.65
N CYS G 127 -13.36 -4.18 -14.66
CA CYS G 127 -12.68 -3.19 -15.49
CA CYS G 127 -12.65 -3.22 -15.49
C CYS G 127 -11.58 -2.53 -14.69
C CYS G 127 -11.56 -2.56 -14.67
N SER G 128 -10.43 -2.30 -15.32
CA SER G 128 -9.35 -1.60 -14.65
C SER G 128 -9.00 -0.40 -15.52
N SER G 129 -8.96 0.78 -14.94
N SER G 129 -8.95 0.78 -14.92
CA SER G 129 -8.77 1.99 -15.74
CA SER G 129 -8.86 2.03 -15.67
C SER G 129 -7.87 3.02 -15.07
C SER G 129 -7.89 3.05 -15.05
N ARG G 130 -7.32 3.91 -15.89
CA ARG G 130 -6.53 5.03 -15.40
C ARG G 130 -7.05 6.30 -16.05
N LEU G 131 -7.10 7.39 -15.28
CA LEU G 131 -7.52 8.67 -15.81
C LEU G 131 -6.44 9.71 -15.54
N THR G 132 -6.07 10.44 -16.59
CA THR G 132 -5.10 11.53 -16.44
C THR G 132 -5.87 12.84 -16.54
N THR G 133 -5.67 13.70 -15.56
CA THR G 133 -6.33 14.99 -15.53
C THR G 133 -5.37 16.14 -15.69
N ALA G 134 -5.90 17.28 -16.11
CA ALA G 134 -5.16 18.53 -16.14
C ALA G 134 -5.75 19.50 -15.12
N ILE G 135 -4.90 20.21 -14.38
CA ILE G 135 -5.36 21.23 -13.44
C ILE G 135 -5.21 22.60 -14.08
N LEU G 136 -6.34 23.30 -14.23
CA LEU G 136 -6.40 24.55 -14.98
C LEU G 136 -6.83 25.73 -14.10
N MET H 1 -14.83 -3.50 -49.91
CA MET H 1 -15.14 -3.03 -48.58
C MET H 1 -14.49 -3.96 -47.56
N ILE H 2 -14.27 -3.46 -46.34
CA ILE H 2 -13.66 -4.28 -45.31
C ILE H 2 -14.70 -5.22 -44.68
N TRP H 3 -15.98 -4.88 -44.84
CA TRP H 3 -17.08 -5.57 -44.17
C TRP H 3 -17.28 -6.99 -44.72
N LYS H 4 -17.45 -7.95 -43.81
CA LYS H 4 -17.80 -9.31 -44.20
C LYS H 4 -19.28 -9.62 -43.95
N ARG H 5 -19.86 -9.00 -42.94
CA ARG H 5 -21.28 -9.21 -42.66
C ARG H 5 -22.06 -8.05 -43.24
N LYS H 6 -23.15 -8.35 -43.94
CA LYS H 6 -23.89 -7.33 -44.69
C LYS H 6 -25.12 -6.87 -43.93
N ILE H 7 -25.02 -5.69 -43.35
CA ILE H 7 -26.10 -5.18 -42.52
C ILE H 7 -26.53 -3.81 -43.04
N THR H 8 -27.52 -3.21 -42.40
CA THR H 8 -27.95 -1.88 -42.76
C THR H 8 -27.89 -1.00 -41.53
N LEU H 9 -27.77 0.30 -41.74
CA LEU H 9 -27.84 1.27 -40.66
C LEU H 9 -29.15 1.13 -39.89
N GLU H 10 -30.25 0.91 -40.60
CA GLU H 10 -31.54 0.84 -39.93
C GLU H 10 -31.62 -0.39 -39.01
N ALA H 11 -31.00 -1.49 -39.41
CA ALA H 11 -30.98 -2.70 -38.56
C ALA H 11 -30.18 -2.44 -37.29
N LEU H 12 -29.02 -1.81 -37.45
CA LEU H 12 -28.19 -1.45 -36.30
C LEU H 12 -28.98 -0.55 -35.34
N ASN H 13 -29.69 0.42 -35.90
CA ASN H 13 -30.44 1.33 -35.05
C ASN H 13 -31.59 0.60 -34.37
N ALA H 14 -32.18 -0.36 -35.06
CA ALA H 14 -33.22 -1.20 -34.43
C ALA H 14 -32.64 -1.99 -33.25
N MET H 15 -31.37 -2.40 -33.37
CA MET H 15 -30.75 -3.25 -32.36
C MET H 15 -30.44 -2.48 -31.08
N GLY H 16 -30.30 -1.17 -31.18
CA GLY H 16 -29.95 -0.35 -30.04
C GLY H 16 -31.16 0.05 -29.23
N GLU H 17 -32.36 -0.20 -29.75
CA GLU H 17 -33.56 0.21 -29.05
C GLU H 17 -33.74 -0.57 -27.75
N GLY H 18 -33.96 0.15 -26.66
CA GLY H 18 -34.24 -0.50 -25.39
C GLY H 18 -32.98 -0.82 -24.64
N ASN H 19 -31.84 -0.38 -25.16
CA ASN H 19 -30.60 -0.55 -24.41
C ASN H 19 -29.80 0.77 -24.41
N MET H 20 -28.56 0.75 -23.90
CA MET H 20 -27.86 2.01 -23.63
C MET H 20 -27.73 2.90 -24.85
N VAL H 21 -27.44 2.27 -25.98
CA VAL H 21 -27.29 2.98 -27.26
C VAL H 21 -28.56 3.75 -27.59
N GLY H 22 -29.71 3.08 -27.47
CA GLY H 22 -30.98 3.73 -27.76
C GLY H 22 -31.29 4.81 -26.77
N PHE H 23 -30.96 4.57 -25.52
CA PHE H 23 -31.29 5.55 -24.48
C PHE H 23 -30.43 6.80 -24.58
N LEU H 24 -29.23 6.71 -25.15
CA LEU H 24 -28.45 7.93 -25.36
C LEU H 24 -28.74 8.56 -26.73
N ASP H 25 -29.67 7.98 -27.48
CA ASP H 25 -29.99 8.42 -28.85
C ASP H 25 -28.76 8.42 -29.76
N ILE H 26 -27.93 7.40 -29.62
CA ILE H 26 -26.85 7.19 -30.57
C ILE H 26 -27.48 6.63 -31.85
N ARG H 27 -27.18 7.25 -32.99
N ARG H 27 -27.18 7.25 -32.99
CA ARG H 27 -27.73 6.80 -34.26
CA ARG H 27 -27.73 6.78 -34.25
C ARG H 27 -26.63 6.53 -35.27
C ARG H 27 -26.62 6.52 -35.26
N PHE H 28 -26.55 5.30 -35.77
CA PHE H 28 -25.60 4.99 -36.83
C PHE H 28 -26.09 5.66 -38.11
N GLU H 29 -25.22 6.39 -38.79
CA GLU H 29 -25.65 7.27 -39.87
C GLU H 29 -24.92 7.08 -41.18
N HIS H 30 -23.78 6.39 -41.14
CA HIS H 30 -23.05 6.16 -42.39
C HIS H 30 -22.17 4.94 -42.31
N ILE H 31 -22.19 4.16 -43.38
CA ILE H 31 -21.23 3.08 -43.52
C ILE H 31 -20.60 3.19 -44.90
N GLY H 32 -19.28 3.38 -44.92
CA GLY H 32 -18.57 3.50 -46.18
C GLY H 32 -17.78 2.24 -46.42
N ASP H 33 -16.84 2.29 -47.37
CA ASP H 33 -16.02 1.14 -47.73
C ASP H 33 -15.23 0.63 -46.54
N ASP H 34 -14.74 1.54 -45.70
CA ASP H 34 -13.88 1.16 -44.57
C ASP H 34 -14.07 2.11 -43.39
N THR H 35 -15.27 2.67 -43.29
N THR H 35 -15.27 2.68 -43.30
CA THR H 35 -15.59 3.60 -42.23
CA THR H 35 -15.60 3.65 -42.27
C THR H 35 -17.01 3.36 -41.74
C THR H 35 -17.03 3.41 -41.75
N LEU H 36 -17.22 3.55 -40.44
CA LEU H 36 -18.57 3.47 -39.85
C LEU H 36 -18.77 4.71 -38.97
N GLU H 37 -19.96 5.30 -39.05
CA GLU H 37 -20.25 6.54 -38.31
C GLU H 37 -21.57 6.52 -37.57
N ALA H 38 -21.56 7.15 -36.40
CA ALA H 38 -22.76 7.30 -35.58
C ALA H 38 -22.69 8.63 -34.87
N THR H 39 -23.85 9.22 -34.61
CA THR H 39 -23.92 10.52 -33.93
C THR H 39 -24.60 10.34 -32.58
N MET H 40 -24.48 11.37 -31.73
CA MET H 40 -25.02 11.31 -30.39
C MET H 40 -25.33 12.74 -29.97
N PRO H 41 -26.49 12.98 -29.34
CA PRO H 41 -26.74 14.34 -28.87
C PRO H 41 -25.90 14.72 -27.67
N VAL H 42 -25.58 16.00 -27.57
CA VAL H 42 -25.06 16.59 -26.34
C VAL H 42 -26.23 17.19 -25.55
N ASP H 43 -26.79 16.42 -24.63
CA ASP H 43 -27.95 16.88 -23.85
C ASP H 43 -27.88 16.33 -22.42
N SER H 44 -28.99 16.43 -21.69
CA SER H 44 -28.98 16.09 -20.28
C SER H 44 -28.49 14.65 -20.02
N ARG H 45 -28.79 13.73 -20.95
N ARG H 45 -28.78 13.73 -20.94
CA ARG H 45 -28.40 12.33 -20.81
CA ARG H 45 -28.36 12.34 -20.74
C ARG H 45 -26.90 12.11 -20.98
C ARG H 45 -26.87 12.10 -20.96
N THR H 46 -26.20 13.05 -21.61
CA THR H 46 -24.78 12.87 -21.94
C THR H 46 -23.89 13.98 -21.43
N LYS H 47 -24.45 14.88 -20.61
CA LYS H 47 -23.70 16.02 -20.10
C LYS H 47 -23.21 15.77 -18.69
N GLN H 48 -22.14 16.45 -18.31
CA GLN H 48 -21.74 16.50 -16.92
C GLN H 48 -22.41 17.74 -16.32
N PRO H 49 -22.27 17.95 -15.00
CA PRO H 49 -23.07 19.02 -14.39
C PRO H 49 -22.85 20.43 -14.95
N PHE H 50 -21.69 20.71 -15.54
CA PHE H 50 -21.43 22.06 -16.03
C PHE H 50 -22.00 22.31 -17.42
N GLY H 51 -22.63 21.30 -18.00
CA GLY H 51 -23.29 21.48 -19.27
C GLY H 51 -22.47 21.08 -20.48
N LEU H 52 -21.29 20.52 -20.22
CA LEU H 52 -20.45 20.00 -21.30
C LEU H 52 -20.74 18.52 -21.51
N LEU H 53 -20.43 18.02 -22.69
CA LEU H 53 -20.42 16.57 -22.95
C LEU H 53 -19.55 15.83 -21.92
N HIS H 54 -20.11 14.80 -21.31
CA HIS H 54 -19.38 13.95 -20.37
C HIS H 54 -18.36 13.14 -21.18
N GLY H 55 -17.09 13.17 -20.80
CA GLY H 55 -16.08 12.41 -21.51
C GLY H 55 -16.40 10.92 -21.61
N GLY H 56 -17.09 10.39 -20.61
CA GLY H 56 -17.51 9.00 -20.67
C GLY H 56 -18.53 8.75 -21.77
N ALA H 57 -19.36 9.75 -22.09
CA ALA H 57 -20.34 9.60 -23.16
C ALA H 57 -19.60 9.42 -24.48
N SER H 58 -18.52 10.17 -24.67
CA SER H 58 -17.72 10.02 -25.87
C SER H 58 -17.18 8.62 -25.98
N VAL H 59 -16.74 8.06 -24.85
CA VAL H 59 -16.22 6.70 -24.87
C VAL H 59 -17.33 5.69 -25.13
N VAL H 60 -18.53 5.95 -24.62
CA VAL H 60 -19.67 5.09 -24.94
C VAL H 60 -19.90 5.08 -26.44
N LEU H 61 -19.84 6.27 -27.04
CA LEU H 61 -20.00 6.37 -28.49
C LEU H 61 -18.88 5.61 -29.22
N ALA H 62 -17.64 5.85 -28.83
CA ALA H 62 -16.49 5.19 -29.48
C ALA H 62 -16.54 3.66 -29.41
N GLU H 63 -16.76 3.14 -28.20
N GLU H 63 -16.75 3.13 -28.21
CA GLU H 63 -16.86 1.68 -28.01
CA GLU H 63 -16.86 1.68 -28.01
C GLU H 63 -18.06 1.06 -28.73
C GLU H 63 -18.04 1.06 -28.75
N SER H 64 -19.17 1.77 -28.80
CA SER H 64 -20.33 1.30 -29.54
C SER H 64 -20.01 1.16 -31.04
N ILE H 65 -19.44 2.21 -31.64
CA ILE H 65 -19.15 2.14 -33.07
C ILE H 65 -18.06 1.10 -33.34
N GLY H 66 -16.99 1.14 -32.55
CA GLY H 66 -15.87 0.24 -32.74
C GLY H 66 -16.21 -1.23 -32.58
N SER H 67 -17.08 -1.56 -31.63
CA SER H 67 -17.41 -2.96 -31.37
C SER H 67 -18.24 -3.48 -32.52
N VAL H 68 -19.17 -2.65 -33.00
CA VAL H 68 -19.98 -2.99 -34.17
C VAL H 68 -19.12 -3.18 -35.42
N ALA H 69 -18.27 -2.20 -35.72
CA ALA H 69 -17.40 -2.30 -36.91
C ALA H 69 -16.55 -3.58 -36.87
N GLY H 70 -15.92 -3.83 -35.73
CA GLY H 70 -15.13 -5.03 -35.54
C GLY H 70 -15.92 -6.30 -35.80
N TYR H 71 -17.13 -6.37 -35.28
CA TYR H 71 -17.97 -7.55 -35.50
C TYR H 71 -18.26 -7.72 -36.99
N LEU H 72 -18.56 -6.60 -37.66
CA LEU H 72 -18.90 -6.60 -39.08
C LEU H 72 -17.77 -7.10 -39.97
N CYS H 73 -16.54 -7.12 -39.42
N CYS H 73 -16.54 -7.12 -39.44
CA CYS H 73 -15.38 -7.55 -40.17
CA CYS H 73 -15.40 -7.57 -40.24
C CYS H 73 -15.02 -9.01 -39.93
C CYS H 73 -15.00 -9.01 -39.92
N THR H 74 -15.86 -9.73 -39.19
CA THR H 74 -15.65 -11.15 -38.95
C THR H 74 -16.77 -11.93 -39.62
N GLU H 75 -16.68 -13.26 -39.63
CA GLU H 75 -17.70 -14.04 -40.33
C GLU H 75 -18.28 -15.20 -39.52
N GLY H 76 -19.45 -15.67 -39.94
CA GLY H 76 -20.07 -16.82 -39.32
C GLY H 76 -20.23 -16.72 -37.82
N GLU H 77 -19.75 -17.76 -37.13
CA GLU H 77 -19.92 -17.87 -35.68
C GLU H 77 -18.89 -17.08 -34.87
N GLN H 78 -17.91 -16.47 -35.53
CA GLN H 78 -16.94 -15.63 -34.83
C GLN H 78 -17.60 -14.55 -33.98
N LYS H 79 -17.01 -14.27 -32.82
CA LYS H 79 -17.46 -13.18 -31.95
C LYS H 79 -16.35 -12.13 -31.84
N VAL H 80 -16.72 -10.91 -31.45
CA VAL H 80 -15.76 -9.85 -31.23
C VAL H 80 -16.05 -9.19 -29.89
N VAL H 81 -15.05 -9.08 -29.02
CA VAL H 81 -15.21 -8.36 -27.75
C VAL H 81 -14.10 -7.32 -27.56
N GLY H 82 -14.47 -6.15 -27.04
CA GLY H 82 -13.50 -5.10 -26.76
C GLY H 82 -12.66 -5.45 -25.54
N LEU H 83 -11.34 -5.33 -25.67
CA LEU H 83 -10.43 -5.65 -24.57
C LEU H 83 -9.93 -4.38 -23.90
N GLU H 84 -9.48 -3.46 -24.74
CA GLU H 84 -8.80 -2.27 -24.24
C GLU H 84 -9.34 -1.07 -24.98
N ILE H 85 -9.45 0.05 -24.27
CA ILE H 85 -9.90 1.29 -24.90
C ILE H 85 -9.11 2.42 -24.32
N ASN H 86 -8.74 3.39 -25.15
CA ASN H 86 -8.14 4.60 -24.64
C ASN H 86 -8.69 5.78 -25.40
N ALA H 87 -8.70 6.94 -24.77
CA ALA H 87 -9.34 8.08 -25.39
C ALA H 87 -8.66 9.34 -24.92
N ASN H 88 -8.44 10.26 -25.86
CA ASN H 88 -7.93 11.58 -25.52
C ASN H 88 -9.03 12.61 -25.72
N HIS H 89 -9.32 13.37 -24.68
CA HIS H 89 -10.35 14.39 -24.75
C HIS H 89 -9.68 15.74 -25.07
N VAL H 90 -9.78 16.19 -26.32
CA VAL H 90 -8.97 17.32 -26.77
C VAL H 90 -9.75 18.62 -26.95
N ARG H 91 -11.07 18.54 -27.01
CA ARG H 91 -11.93 19.72 -27.05
C ARG H 91 -13.28 19.38 -26.42
N SER H 92 -13.90 20.35 -25.76
CA SER H 92 -15.21 20.11 -25.15
C SER H 92 -16.32 20.35 -26.19
N ALA H 93 -17.51 19.86 -25.90
CA ALA H 93 -18.67 20.17 -26.74
C ALA H 93 -19.84 20.50 -25.83
N ARG H 94 -20.74 21.37 -26.28
CA ARG H 94 -21.77 21.92 -25.40
C ARG H 94 -23.19 21.81 -25.91
N GLU H 95 -23.36 21.55 -27.20
CA GLU H 95 -24.69 21.57 -27.80
C GLU H 95 -24.71 20.79 -29.12
N GLY H 96 -25.90 20.57 -29.66
CA GLY H 96 -26.04 19.85 -30.92
C GLY H 96 -25.73 18.35 -30.78
N ARG H 97 -25.14 17.77 -31.83
CA ARG H 97 -24.79 16.36 -31.84
C ARG H 97 -23.31 16.21 -32.18
N VAL H 98 -22.65 15.19 -31.64
CA VAL H 98 -21.26 14.91 -31.99
C VAL H 98 -21.28 13.71 -32.92
N ARG H 99 -20.25 13.57 -33.77
CA ARG H 99 -20.21 12.49 -34.73
C ARG H 99 -18.96 11.65 -34.56
N GLY H 100 -19.15 10.35 -34.38
CA GLY H 100 -18.02 9.43 -34.27
C GLY H 100 -17.70 8.80 -35.62
N VAL H 101 -16.42 8.80 -35.98
CA VAL H 101 -15.98 8.24 -37.24
C VAL H 101 -14.93 7.18 -36.96
N CYS H 102 -15.24 5.94 -37.35
CA CYS H 102 -14.42 4.78 -37.00
C CYS H 102 -13.71 4.17 -38.20
N LYS H 103 -12.38 4.07 -38.12
CA LYS H 103 -11.56 3.49 -39.17
C LYS H 103 -10.69 2.40 -38.58
N PRO H 104 -10.39 1.36 -39.38
CA PRO H 104 -9.48 0.32 -38.91
C PRO H 104 -8.03 0.78 -38.89
N LEU H 105 -7.29 0.39 -37.86
CA LEU H 105 -5.85 0.57 -37.84
C LEU H 105 -5.18 -0.78 -38.17
N HIS H 106 -5.81 -1.86 -37.77
CA HIS H 106 -5.32 -3.22 -38.02
C HIS H 106 -6.47 -4.21 -37.93
N LEU H 107 -6.66 -4.99 -38.99
CA LEU H 107 -7.65 -6.06 -38.99
C LEU H 107 -6.94 -7.40 -39.05
N GLY H 108 -6.77 -8.03 -37.89
CA GLY H 108 -6.08 -9.30 -37.82
C GLY H 108 -7.02 -10.49 -37.78
N SER H 109 -6.48 -11.68 -37.66
CA SER H 109 -7.32 -12.86 -37.54
C SER H 109 -7.63 -13.17 -36.07
N ARG H 110 -6.85 -12.62 -35.14
CA ARG H 110 -7.01 -12.86 -33.69
C ARG H 110 -7.49 -11.60 -32.95
N HIS H 111 -7.17 -10.43 -33.50
CA HIS H 111 -7.53 -9.19 -32.82
C HIS H 111 -7.63 -8.06 -33.83
N GLN H 112 -8.26 -6.95 -33.43
CA GLN H 112 -8.35 -5.78 -34.30
C GLN H 112 -8.03 -4.52 -33.50
N VAL H 113 -7.63 -3.46 -34.20
CA VAL H 113 -7.44 -2.16 -33.56
C VAL H 113 -8.21 -1.14 -34.37
N TRP H 114 -9.10 -0.40 -33.70
CA TRP H 114 -9.96 0.57 -34.37
C TRP H 114 -9.62 1.97 -33.88
N GLN H 115 -9.67 2.94 -34.79
N GLN H 115 -9.66 2.94 -34.78
CA GLN H 115 -9.55 4.34 -34.39
CA GLN H 115 -9.56 4.33 -34.37
C GLN H 115 -10.91 5.02 -34.52
C GLN H 115 -10.91 5.04 -34.53
N ILE H 116 -11.40 5.64 -33.45
CA ILE H 116 -12.64 6.41 -33.53
C ILE H 116 -12.29 7.86 -33.18
N GLU H 117 -12.59 8.77 -34.11
CA GLU H 117 -12.47 10.19 -33.82
C GLU H 117 -13.87 10.81 -33.74
N ILE H 118 -14.09 11.66 -32.74
CA ILE H 118 -15.41 12.19 -32.50
C ILE H 118 -15.37 13.69 -32.72
N PHE H 119 -16.27 14.17 -33.58
CA PHE H 119 -16.27 15.54 -34.04
C PHE H 119 -17.49 16.31 -33.58
N ASP H 120 -17.34 17.60 -33.28
CA ASP H 120 -18.53 18.43 -33.03
C ASP H 120 -19.24 18.81 -34.34
N GLU H 121 -20.34 19.56 -34.23
N GLU H 121 -20.33 19.57 -34.23
CA GLU H 121 -21.14 19.93 -35.40
CA GLU H 121 -21.13 19.95 -35.38
C GLU H 121 -20.43 20.91 -36.32
C GLU H 121 -20.40 20.87 -36.35
N LYS H 122 -19.33 21.49 -35.85
CA LYS H 122 -18.49 22.34 -36.70
C LYS H 122 -17.40 21.53 -37.37
N GLY H 123 -17.32 20.23 -37.07
CA GLY H 123 -16.28 19.39 -37.63
C GLY H 123 -14.96 19.48 -36.89
N ARG H 124 -14.99 19.98 -35.66
CA ARG H 124 -13.76 20.08 -34.89
C ARG H 124 -13.56 18.82 -34.07
N LEU H 125 -12.31 18.33 -34.00
CA LEU H 125 -12.04 17.11 -33.25
C LEU H 125 -12.23 17.34 -31.74
N CYS H 126 -12.95 16.42 -31.08
CA CYS H 126 -13.21 16.55 -29.64
C CYS H 126 -12.60 15.40 -28.87
N CYS H 127 -12.60 14.23 -29.48
CA CYS H 127 -12.13 13.04 -28.78
C CYS H 127 -11.49 12.14 -29.80
N SER H 128 -10.32 11.61 -29.45
CA SER H 128 -9.61 10.65 -30.29
C SER H 128 -9.40 9.36 -29.49
N SER H 129 -9.86 8.23 -30.02
N SER H 129 -9.86 8.24 -30.04
CA SER H 129 -9.83 6.99 -29.24
CA SER H 129 -9.88 6.98 -29.27
C SER H 129 -9.37 5.78 -30.06
C SER H 129 -9.40 5.77 -30.06
N ARG H 130 -8.87 4.77 -29.35
CA ARG H 130 -8.50 3.47 -29.97
C ARG H 130 -9.19 2.33 -29.22
N LEU H 131 -9.81 1.42 -29.95
CA LEU H 131 -10.41 0.24 -29.34
C LEU H 131 -9.65 -0.98 -29.84
N THR H 132 -9.21 -1.82 -28.91
CA THR H 132 -8.56 -3.08 -29.27
C THR H 132 -9.54 -4.20 -28.96
N THR H 133 -9.88 -5.00 -29.96
CA THR H 133 -10.85 -6.09 -29.79
C THR H 133 -10.18 -7.44 -29.91
N ALA H 134 -10.80 -8.45 -29.32
CA ALA H 134 -10.40 -9.84 -29.54
C ALA H 134 -11.44 -10.52 -30.42
N ILE H 135 -10.97 -11.36 -31.34
CA ILE H 135 -11.86 -12.18 -32.14
C ILE H 135 -11.90 -13.58 -31.51
N LEU H 136 -13.09 -13.98 -31.05
CA LEU H 136 -13.23 -15.21 -30.28
C LEU H 136 -13.96 -16.28 -31.07
N1A UOQ I . -30.22 -13.01 35.85
O1A UOQ I . -25.77 -13.32 30.50
P1A UOQ I . -24.70 -12.44 29.95
C1B UOQ I . -26.23 -14.04 33.55
S1P UOQ I . -29.39 -15.64 16.97
C2A UOQ I . -29.93 -13.14 34.54
O2A UOQ I . -24.98 -10.98 30.32
P2A UOQ I . -24.94 -13.92 27.65
C2B UOQ I . -25.75 -15.42 33.13
O2B UOQ I . -26.42 -15.81 31.97
C2P UOQ I . -29.35 -14.24 18.04
N3A UOQ I . -28.71 -13.42 34.11
O3A UOQ I . -24.71 -12.53 28.41
C3B UOQ I . -24.36 -15.21 32.90
O3B UOQ I . -23.76 -15.97 31.83
P3B UOQ I . -22.27 -16.46 32.07
C3P UOQ I . -29.08 -12.84 17.42
C4A UOQ I . -27.67 -13.57 35.00
O4A UOQ I . -24.57 -15.13 28.52
C4B UOQ I . -24.13 -13.78 32.84
O4B UOQ I . -25.27 -13.04 33.17
N4P UOQ I . -27.98 -12.07 17.91
C5A UOQ I . -27.92 -13.44 36.36
O5A UOQ I . -26.39 -14.06 27.23
C5B UOQ I . -23.09 -13.20 31.85
O5B UOQ I . -23.32 -12.89 30.53
C5P UOQ I . -26.66 -12.25 17.37
O5P UOQ I . -26.51 -13.08 16.48
C6A UOQ I . -29.25 -13.14 36.78
N6A UOQ I . -29.56 -13.00 38.15
O6A UOQ I . -24.02 -13.92 26.37
C6P UOQ I . -25.45 -11.44 17.89
N7A UOQ I . -26.72 -13.65 36.98
O7A UOQ I . -21.53 -16.59 30.76
C7P UOQ I . -24.49 -12.05 18.90
C8A UOQ I . -25.75 -13.90 36.05
O8A UOQ I . -22.28 -17.79 32.73
N8P UOQ I . -24.97 -12.34 20.25
N9A UOQ I . -26.32 -13.86 34.85
O9A UOQ I . -21.56 -15.45 32.96
C9P UOQ I . -24.11 -12.29 21.43
O9P UOQ I . -22.97 -12.00 21.37
CAP UOQ I . -24.71 -12.60 22.85
OAP UOQ I . -25.59 -11.63 23.29
CBP UOQ I . -23.78 -13.37 23.97
CBW UOQ I . -30.55 -15.30 15.64
CBX UOQ I . -31.83 -16.02 15.65
CBY UOQ I . -31.65 -17.41 16.23
CBZ UOQ I . -30.85 -18.44 15.38
CCA UOQ I . -29.54 -17.98 14.67
CCB UOQ I . -29.66 -17.41 13.24
CCC UOQ I . -28.39 -17.14 12.47
CCD UOQ I . -27.61 -15.88 12.84
CCE UOQ I . -26.25 -15.63 12.15
CCF UOQ I . -26.26 -15.27 10.68
CCG UOQ I . -25.55 -14.01 10.30
OCH UOQ I . -32.68 -15.34 16.45
CCP UOQ I . -24.53 -13.25 25.28
CDP UOQ I . -23.61 -14.81 23.63
CEP UOQ I . -22.33 -12.72 24.18
CL CL J . -5.60 13.68 34.75
N1A UOQ K . -13.51 -22.58 25.57
O1A UOQ K . -3.21 -22.37 26.12
P1A UOQ K . -3.39 -23.42 25.08
C1B UOQ K . -8.32 -23.12 25.06
S1P UOQ K . -10.06 -11.88 20.50
C2A UOQ K . -12.66 -21.86 24.81
O2A UOQ K . -2.55 -24.65 25.42
P2A UOQ K . -1.99 -21.74 23.36
C2B UOQ K . -8.36 -22.95 23.55
O2B UOQ K . -8.17 -21.61 23.19
C2P UOQ K . -8.83 -10.94 21.33
N3A UOQ K . -11.35 -22.11 24.79
O3A UOQ K . -3.04 -22.90 23.67
C3B UOQ K . -7.34 -23.76 23.02
O3B UOQ K . -6.23 -22.95 22.53
P3B UOQ K . -5.42 -23.31 21.21
C3P UOQ K . -8.45 -11.38 22.77
C4A UOQ K . -10.81 -23.12 25.54
O4A UOQ K . -1.56 -21.09 24.67
C4B UOQ K . -6.91 -24.63 24.09
O4B UOQ K . -7.27 -24.07 25.31
N4P UOQ K . -7.63 -12.55 22.89
C5A UOQ K . -11.66 -23.89 26.33
O5A UOQ K . -0.75 -22.29 22.70
C5B UOQ K . -5.39 -24.69 24.14
O5B UOQ K . -4.88 -23.86 25.08
C5P UOQ K . -7.87 -13.54 23.89
O5P UOQ K . -8.79 -13.44 24.69
C6A UOQ K . -13.05 -23.60 26.33
N6A UOQ K . -13.93 -24.35 27.13
O6A UOQ K . -2.63 -20.62 22.47
C6P UOQ K . -6.96 -14.76 23.96
N7A UOQ K . -10.86 -24.81 26.96
O7A UOQ K . -4.18 -24.10 21.52
C7P UOQ K . -6.60 -15.37 25.31
C8A UOQ K . -9.57 -24.63 26.57
O8A UOQ K . -5.01 -22.05 20.55
N8P UOQ K . -5.44 -16.19 25.16
N9A UOQ K . -9.52 -23.62 25.71
O9A UOQ K . -6.28 -24.11 20.24
C9P UOQ K . -5.55 -17.61 25.07
O9P UOQ K . -6.62 -18.12 25.14
CAP UOQ K . -4.25 -18.43 24.86
OAP UOQ K . -3.00 -17.73 25.26
CBP UOQ K . -4.07 -18.73 23.25
CBW UOQ K . -11.24 -10.74 19.76
CBX UOQ K . -11.67 -9.63 20.61
CBY UOQ K . -13.11 -9.29 20.29
CBZ UOQ K . -13.76 -10.02 19.09
CCA UOQ K . -14.53 -9.12 18.09
CCB UOQ K . -16.04 -9.32 17.89
CCC UOQ K . -16.68 -8.61 16.72
CCD UOQ K . -17.80 -9.34 15.95
CCE UOQ K . -18.57 -8.53 14.92
CCF UOQ K . -19.81 -7.82 15.45
CCG UOQ K . -20.12 -6.47 14.88
OCH UOQ K . -11.61 -10.00 21.92
CCP UOQ K . -2.70 -19.33 22.99
CDP UOQ K . -5.19 -19.61 22.79
CEP UOQ K . -4.16 -17.34 22.48
N1A UOQ L . 8.57 -27.04 6.37
O1A UOQ L . 5.10 -16.08 5.67
P1A UOQ L . 4.52 -17.10 6.60
C1B UOQ L . 5.28 -22.98 6.05
S1P UOQ L . 14.36 -16.39 16.33
C2A UOQ L . 8.54 -26.05 5.45
O2A UOQ L . 3.17 -17.55 6.04
P2A UOQ L . 3.75 -17.40 9.17
C2B UOQ L . 6.38 -22.34 5.23
O2B UOQ L . 6.32 -22.72 3.89
C2P UOQ L . 14.68 -14.92 15.40
N3A UOQ L . 7.63 -25.07 5.50
O3A UOQ L . 4.30 -16.47 8.00
C3B UOQ L . 6.18 -20.95 5.39
O3B UOQ L . 5.19 -20.51 4.42
P3B UOQ L . 5.58 -19.52 3.24
C3P UOQ L . 13.54 -13.87 15.41
C4A UOQ L . 6.69 -25.04 6.50
O4A UOQ L . 2.87 -16.63 10.16
C4B UOQ L . 5.65 -20.86 6.71
O4B UOQ L . 4.80 -21.94 6.92
N4P UOQ L . 12.28 -14.39 15.01
C5A UOQ L . 6.69 -26.04 7.47
O5A UOQ L . 2.86 -18.47 8.60
C5B UOQ L . 4.88 -19.56 6.90
O5B UOQ L . 5.45 -18.34 6.69
C5P UOQ L . 12.23 -14.86 13.66
O5P UOQ L . 13.21 -14.77 12.92
C6A UOQ L . 7.67 -27.06 7.38
N6A UOQ L . 7.72 -28.10 8.34
O6A UOQ L . 4.95 -18.12 9.92
C6P UOQ L . 10.94 -15.45 13.10
N7A UOQ L . 5.67 -25.75 8.33
O7A UOQ L . 5.29 -18.08 3.66
C7P UOQ L . 10.48 -14.82 11.81
C8A UOQ L . 5.03 -24.60 7.91
O8A UOQ L . 4.76 -19.84 2.05
N8P UOQ L . 9.13 -15.10 11.54
N9A UOQ L . 5.63 -24.17 6.81
O9A UOQ L . 7.06 -19.66 2.92
C9P UOQ L . 8.77 -16.32 10.86
O9P UOQ L . 9.59 -17.10 10.51
CAP UOQ L . 7.25 -16.58 10.61
OAP UOQ L . 6.45 -15.35 10.78
CBP UOQ L . 6.67 -17.75 11.59
CBW UOQ L . 14.62 -15.83 18.01
CBX UOQ L . 16.02 -15.50 18.30
CBY UOQ L . 16.39 -15.94 19.69
CBZ UOQ L . 17.89 -15.85 20.05
CCA UOQ L . 18.51 -17.15 20.63
CCB UOQ L . 19.74 -17.00 21.53
CCC UOQ L . 20.14 -18.21 22.31
CCD UOQ L . 21.53 -18.79 22.03
CCE UOQ L . 22.55 -18.71 23.16
CCF UOQ L . 22.29 -19.59 24.35
CCG UOQ L . 21.63 -20.90 24.03
OCH UOQ L . 16.26 -14.17 18.17
CCP UOQ L . 5.20 -17.93 11.28
CDP UOQ L . 7.41 -19.02 11.29
CEP UOQ L . 6.92 -17.30 13.10
N1A UOQ M . -0.79 20.13 28.95
O1A UOQ M . 0.99 16.90 18.70
P1A UOQ M . 1.15 17.66 19.96
C1B UOQ M . -2.50 20.09 23.97
S1P UOQ M . -6.36 8.99 28.72
C2A UOQ M . -0.24 20.76 27.89
O2A UOQ M . 1.41 19.13 19.60
P2A UOQ M . 2.15 15.72 21.61
C2B UOQ M . -3.60 19.52 23.11
O2B UOQ M . -4.54 20.44 22.66
C2P UOQ M . -7.00 8.69 27.10
N3A UOQ M . -0.78 20.67 26.67
O3A UOQ M . 2.29 17.11 20.86
C3B UOQ M . -3.01 18.68 22.16
O3B UOQ M . -3.41 18.83 20.76
P3B UOQ M . -3.31 20.17 19.92
C3P UOQ M . -5.97 8.23 26.06
C4A UOQ M . -1.92 19.92 26.44
O4A UOQ M . 1.44 14.71 20.71
C4B UOQ M . -1.61 18.64 22.46
O4B UOQ M . -1.27 19.63 23.39
N4P UOQ M . -4.93 9.17 25.86
C5A UOQ M . -2.51 19.26 27.52
O5A UOQ M . 3.50 15.16 22.02
C5B UOQ M . -0.73 18.72 21.22
O5B UOQ M . -0.17 17.57 20.77
C5P UOQ M . -5.21 10.24 24.98
O5P UOQ M . -6.29 10.31 24.41
C6A UOQ M . -1.91 19.39 28.79
N6A UOQ M . -2.49 18.71 29.90
O6A UOQ M . 1.26 15.91 22.90
C6P UOQ M . -4.15 11.29 24.72
N7A UOQ M . -3.60 18.59 27.02
O7A UOQ M . -4.69 20.54 19.41
C7P UOQ M . -4.00 11.64 23.26
C8A UOQ M . -3.71 18.84 25.69
O8A UOQ M . -2.40 19.92 18.76
N8P UOQ M . -2.71 12.19 23.02
N9A UOQ M . -2.70 19.63 25.33
O9A UOQ M . -2.77 21.30 20.76
C9P UOQ M . -2.48 13.60 23.16
O9P UOQ M . -3.35 14.34 23.44
CAP UOQ M . -1.02 14.06 22.90
OAP UOQ M . -0.25 12.96 22.30
CBP UOQ M . -0.21 14.47 24.27
CBW UOQ M . -6.38 7.42 29.57
CBX UOQ M . -7.70 6.88 29.93
CBY UOQ M . -8.24 7.51 31.19
CBZ UOQ M . -9.51 6.82 31.74
CCA UOQ M . -9.78 7.04 33.24
CCB UOQ M . -11.10 6.47 33.78
CCC UOQ M . -11.25 6.52 35.28
CCD UOQ M . -12.42 7.36 35.80
CCE UOQ M . -12.21 8.20 37.07
CCF UOQ M . -12.67 7.55 38.36
CCG UOQ M . -13.55 6.36 38.17
OCH UOQ M . -8.64 7.15 28.99
CCP UOQ M . 1.17 14.90 23.86
CDP UOQ M . -0.94 15.58 24.97
CEP UOQ M . -0.13 13.16 25.15
N1A UOQ N . 11.40 19.41 33.86
O1A UOQ N . 14.78 11.50 35.18
P1A UOQ N . 13.34 11.30 35.53
C1B UOQ N . 14.59 16.16 36.41
S1P UOQ N . 17.42 5.81 23.78
C2A UOQ N . 11.46 18.06 33.82
O2A UOQ N . 13.19 9.82 35.83
P2A UOQ N . 11.28 10.71 33.79
C2B UOQ N . 15.96 15.53 36.26
O2B UOQ N . 16.89 16.11 37.12
C2P UOQ N . 16.60 4.26 23.82
N3A UOQ N . 12.33 17.36 34.53
O3A UOQ N . 12.41 11.71 34.35
C3B UOQ N . 15.66 14.21 36.66
O3B UOQ N . 15.66 14.12 38.11
P3B UOQ N . 16.84 13.45 38.92
C3P UOQ N . 16.61 3.52 25.18
C4A UOQ N . 13.24 17.99 35.36
O4A UOQ N . 10.90 9.67 34.83
C4B UOQ N . 14.33 14.00 36.14
O4B UOQ N . 13.71 15.20 35.82
N4P UOQ N . 15.98 4.31 26.17
C5A UOQ N . 13.21 19.39 35.44
O5A UOQ N . 10.05 11.44 33.32
C5B UOQ N . 13.49 13.26 37.15
O5B UOQ N . 12.85 12.12 36.76
C5P UOQ N . 16.52 4.54 27.47
O5P UOQ N . 17.56 4.01 27.84
C6A UOQ N . 12.25 20.08 34.66
N6A UOQ N . 12.18 21.50 34.70
O6A UOQ N . 11.90 9.88 32.61
C6P UOQ N . 15.71 5.44 28.42
N7A UOQ N . 14.19 19.73 36.33
O7A UOQ N . 16.35 12.16 39.55
C7P UOQ N . 15.54 4.92 29.82
C8A UOQ N . 14.82 18.61 36.78
O8A UOQ N . 17.29 14.39 39.98
N8P UOQ N . 14.64 5.69 30.62
N9A UOQ N . 14.27 17.56 36.20
O9A UOQ N . 18.00 13.14 37.99
C9P UOQ N . 15.16 6.77 31.40
O9P UOQ N . 16.32 7.04 31.41
CAP UOQ N . 14.11 7.58 32.22
OAP UOQ N . 12.79 6.92 32.16
CBP UOQ N . 14.02 9.11 31.61
CBW UOQ N . 19.15 5.41 23.71
CBX UOQ N . 19.66 4.56 22.64
CBY UOQ N . 19.30 5.08 21.26
CBZ UOQ N . 20.25 4.58 20.15
CCA UOQ N . 21.30 5.58 19.62
CCB UOQ N . 22.11 5.10 18.42
CCC UOQ N . 23.17 6.03 17.91
CCD UOQ N . 23.18 6.28 16.39
CCE UOQ N . 24.52 6.11 15.68
CCF UOQ N . 25.06 7.35 15.03
CCG UOQ N . 24.58 8.64 15.62
OCH UOQ N . 19.19 3.30 22.73
CCP UOQ N . 13.29 9.96 32.59
CDP UOQ N . 15.38 9.74 31.47
CEP UOQ N . 13.29 9.07 30.20
N1A UOQ O . 27.63 -21.39 3.16
O1A UOQ O . 29.25 -15.80 10.95
P1A UOQ O . 29.17 -16.35 9.58
C1B UOQ O . 30.18 -17.04 4.44
S1P UOQ O . 27.27 -26.14 20.58
C2A UOQ O . 28.52 -21.19 4.15
O2A UOQ O . 27.71 -16.23 9.14
P2A UOQ O . 30.50 -18.36 10.90
C2B UOQ O . 31.24 -18.02 4.90
O2B UOQ O . 32.37 -17.95 4.07
C2P UOQ O . 28.91 -25.65 20.97
N3A UOQ O . 29.09 -20.01 4.36
O3A UOQ O . 29.67 -17.83 9.62
C3B UOQ O . 31.52 -17.70 6.24
O3B UOQ O . 32.73 -16.89 6.31
P3B UOQ O . 33.79 -17.03 7.49
C3P UOQ O . 29.53 -24.75 19.87
C4A UOQ O . 28.80 -18.93 3.56
O4A UOQ O . 31.18 -19.71 10.63
C4B UOQ O . 30.36 -17.00 6.72
O4B UOQ O . 29.61 -16.51 5.65
N4P UOQ O . 28.59 -23.79 19.42
C5A UOQ O . 27.89 -19.10 2.51
O5A UOQ O . 31.54 -17.35 11.36
C5B UOQ O . 30.79 -15.85 7.61
O5B UOQ O . 30.03 -15.42 8.66
C5P UOQ O . 28.26 -23.45 18.07
O5P UOQ O . 28.78 -23.99 17.10
C6A UOQ O . 27.30 -20.38 2.33
N6A UOQ O . 26.37 -20.58 1.28
O6A UOQ O . 29.51 -18.59 12.10
C6P UOQ O . 27.21 -22.36 17.88
N7A UOQ O . 27.79 -17.89 1.89
O7A UOQ O . 33.58 -15.94 8.52
C7P UOQ O . 26.51 -22.26 16.55
C8A UOQ O . 28.62 -16.98 2.51
O8A UOQ O . 35.16 -16.92 6.92
N8P UOQ O . 27.29 -21.75 15.45
N9A UOQ O . 29.22 -17.60 3.52
O9A UOQ O . 33.63 -18.38 8.17
C9P UOQ O . 27.53 -20.34 15.44
O9P UOQ O . 27.11 -19.66 16.31
CAP UOQ O . 28.35 -19.69 14.28
OAP UOQ O . 29.45 -18.83 14.74
CBP UOQ O . 27.36 -18.96 13.18
CBW UOQ O . 27.33 -26.82 18.93
CBX UOQ O . 27.97 -28.12 18.86
CBY UOQ O . 27.35 -29.08 19.88
CBZ UOQ O . 27.99 -29.26 21.27
CCA UOQ O . 29.06 -30.37 21.42
CCB UOQ O . 29.28 -31.32 20.22
CCC UOQ O . 29.88 -30.81 18.93
CCD UOQ O . 28.92 -30.72 17.74
CCE UOQ O . 29.46 -30.72 16.31
CCF UOQ O . 30.77 -30.03 15.98
CCG UOQ O . 31.29 -30.31 14.60
OCH UOQ O . 29.31 -28.03 19.13
CCP UOQ O . 28.13 -18.68 11.91
CDP UOQ O . 26.25 -19.90 12.83
CEP UOQ O . 26.79 -17.60 13.80
N1A UOQ P . 30.04 8.50 -8.98
O1A UOQ P . 26.97 7.77 -15.00
P1A UOQ P . 25.83 7.37 -15.89
C1B UOQ P . 26.75 5.23 -11.23
S1P UOQ P . 31.01 18.68 -25.50
C2A UOQ P . 28.71 8.40 -8.83
O2A UOQ P . 26.20 6.08 -16.63
P2A UOQ P . 25.82 10.03 -16.74
C2B UOQ P . 26.38 3.99 -12.02
O2B UOQ P . 25.97 2.95 -11.18
C2P UOQ P . 29.46 18.10 -24.87
N3A UOQ P . 27.99 7.49 -9.49
O3A UOQ P . 25.55 8.47 -16.95
C3B UOQ P . 25.34 4.43 -12.88
O3B UOQ P . 24.01 4.22 -12.31
P3B UOQ P . 23.29 5.08 -11.17
C3P UOQ P . 29.12 16.63 -25.26
C4A UOQ P . 28.61 6.61 -10.35
O4A UOQ P . 25.72 10.43 -15.26
C4B UOQ P . 25.67 5.80 -13.12
O4B UOQ P . 26.04 6.31 -11.88
N4P UOQ P . 28.62 15.73 -24.27
C5A UOQ P . 29.99 6.68 -10.53
O5A UOQ P . 27.20 10.41 -17.25
C5B UOQ P . 24.53 6.62 -13.77
O5B UOQ P . 24.55 7.12 -15.04
C5P UOQ P . 27.67 14.81 -24.77
O5P UOQ P . 27.37 14.87 -25.96
C6A UOQ P . 30.71 7.67 -9.81
N6A UOQ P . 32.11 7.77 -9.96
O6A UOQ P . 24.74 10.81 -17.58
C6P UOQ P . 27.03 13.74 -23.87
N7A UOQ P . 30.31 5.70 -11.43
O7A UOQ P . 22.97 6.49 -11.60
C7P UOQ P . 25.94 14.15 -22.88
C8A UOQ P . 29.17 5.03 -11.81
O8A UOQ P . 24.09 5.11 -9.91
N8P UOQ P . 24.59 13.68 -23.15
N9A UOQ P . 28.15 5.57 -11.15
O9A UOQ P . 21.98 4.38 -10.88
C9P UOQ P . 24.02 12.60 -22.39
O9P UOQ P . 22.93 12.22 -22.60
CAP UOQ P . 24.86 11.92 -21.24
OAP UOQ P . 25.68 10.75 -21.60
CBP UOQ P . 24.11 11.77 -19.78
CBW UOQ P . 31.23 20.41 -25.09
CBX UOQ P . 30.42 20.96 -24.00
CBY UOQ P . 29.01 21.24 -24.48
CBZ UOQ P . 28.83 21.60 -25.97
CCA UOQ P . 27.38 21.85 -26.47
CCB UOQ P . 26.95 21.14 -27.76
CCC UOQ P . 25.50 20.74 -27.88
CCD UOQ P . 24.63 21.50 -28.90
CCE UOQ P . 24.17 20.77 -30.16
CCF UOQ P . 22.68 20.83 -30.49
CCG UOQ P . 21.98 19.52 -30.70
OCH UOQ P . 30.36 20.06 -22.97
CCP UOQ P . 25.02 10.93 -18.92
CDP UOQ P . 23.93 13.14 -19.18
CEP UOQ P . 22.69 11.07 -19.92
CL CL Q . 6.20 -17.08 -25.31
N1A UOQ R . -16.19 -20.55 -27.48
O1A UOQ R . -12.80 -15.24 -18.56
P1A UOQ R . -11.98 -16.17 -19.40
C1B UOQ R . -14.20 -20.67 -22.69
S1P UOQ R . -18.64 -5.15 -25.15
C2A UOQ R . -16.79 -20.22 -26.31
O2A UOQ R . -11.41 -17.27 -18.51
P2A UOQ R . -10.67 -15.46 -21.73
C2B UOQ R . -15.30 -19.65 -22.39
O2B UOQ R . -16.55 -20.26 -22.19
C2P UOQ R . -17.03 -4.46 -25.04
N3A UOQ R . -16.13 -20.31 -25.15
O3A UOQ R . -10.86 -15.39 -20.14
C3B UOQ R . -14.80 -19.09 -21.20
O3B UOQ R . -14.63 -20.18 -20.27
P3B UOQ R . -15.19 -20.19 -18.79
C3P UOQ R . -16.43 -4.44 -23.63
C4A UOQ R . -14.82 -20.74 -25.11
O4A UOQ R . -9.30 -14.87 -22.13
C4B UOQ R . -13.51 -18.83 -21.72
O4B UOQ R . -13.04 -20.07 -22.09
N4P UOQ R . -15.75 -5.65 -23.35
C5A UOQ R . -14.18 -21.09 -26.30
O5A UOQ R . -10.73 -16.88 -22.26
C5B UOQ R . -12.63 -18.19 -20.66
O5B UOQ R . -12.87 -16.87 -20.45
C5P UOQ R . -16.17 -6.57 -22.36
O5P UOQ R . -17.17 -6.36 -21.68
C6A UOQ R . -14.91 -20.98 -27.51
N6A UOQ R . -14.30 -21.31 -28.73
O6A UOQ R . -11.83 -14.61 -22.36
C6P UOQ R . -15.36 -7.84 -22.20
N7A UOQ R . -12.91 -21.46 -25.96
O7A UOQ R . -14.50 -19.11 -17.97
C7P UOQ R . -14.93 -8.19 -20.78
C8A UOQ R . -12.76 -21.35 -24.59
O8A UOQ R . -14.92 -21.53 -18.21
N8P UOQ R . -13.93 -9.21 -20.78
N9A UOQ R . -13.91 -20.93 -24.08
O9A UOQ R . -16.68 -19.93 -18.80
C9P UOQ R . -14.33 -10.59 -20.78
O9P UOQ R . -15.47 -10.90 -20.77
CAP UOQ R . -13.17 -11.64 -20.79
OAP UOQ R . -11.89 -10.99 -20.47
CBP UOQ R . -13.02 -12.39 -22.24
CBW UOQ R . -19.73 -3.89 -24.46
CBX UOQ R . -19.81 -2.72 -25.32
CBY UOQ R . -20.12 -3.17 -26.73
CBZ UOQ R . -21.14 -2.26 -27.43
CCA UOQ R . -22.30 -2.90 -28.22
CCB UOQ R . -23.33 -1.88 -28.72
CCC UOQ R . -23.90 -2.03 -30.10
CCD UOQ R . -25.40 -2.34 -30.12
CCE UOQ R . -26.00 -2.85 -31.44
CCF UOQ R . -26.53 -1.76 -32.34
CCG UOQ R . -25.48 -0.97 -33.03
OCH UOQ R . -18.58 -2.13 -25.39
CCP UOQ R . -11.76 -13.22 -22.26
CDP UOQ R . -14.23 -13.22 -22.50
CEP UOQ R . -12.88 -11.24 -23.35
N1A UOQ S . 14.55 19.31 -13.11
O1A UOQ S . 4.13 16.61 -10.15
P1A UOQ S . 4.49 18.05 -10.20
C1B UOQ S . 9.59 18.42 -11.43
S1P UOQ S . 8.74 10.68 -22.43
C2A UOQ S . 13.43 19.21 -13.86
O2A UOQ S . 3.86 18.83 -9.05
P2A UOQ S . 2.92 17.93 -12.46
C2B UOQ S . 8.88 19.31 -12.44
O2B UOQ S . 8.24 18.50 -13.37
C2P UOQ S . 7.75 10.03 -21.13
N3A UOQ S . 12.23 18.98 -13.32
O3A UOQ S . 4.04 18.64 -11.55
C3B UOQ S . 7.92 20.05 -11.70
O3B UOQ S . 6.56 19.90 -12.19
P3B UOQ S . 5.85 21.02 -13.07
C3P UOQ S . 8.39 10.05 -19.72
C4A UOQ S . 12.08 18.84 -11.95
O4A UOQ S . 1.59 17.92 -11.71
C4B UOQ S . 8.02 19.62 -10.33
O4B UOQ S . 8.79 18.46 -10.25
N4P UOQ S . 7.84 11.00 -18.81
C5A UOQ S . 13.23 18.95 -11.16
O5A UOQ S . 2.70 18.69 -13.75
C5B UOQ S . 6.61 19.36 -9.78
O5B UOQ S . 6.04 18.17 -10.08
C5P UOQ S . 8.43 11.22 -17.53
O5P UOQ S . 9.42 10.60 -17.19
C6A UOQ S . 14.48 19.19 -11.77
N6A UOQ S . 15.65 19.30 -10.97
O6A UOQ S . 3.34 16.45 -12.80
C6P UOQ S . 7.82 12.24 -16.57
N7A UOQ S . 12.81 18.78 -9.87
O7A UOQ S . 6.23 22.39 -12.56
C7P UOQ S . 7.51 11.77 -15.18
C8A UOQ S . 11.47 18.57 -9.85
O8A UOQ S . 4.36 20.89 -13.01
N8P UOQ S . 6.35 12.45 -14.66
N9A UOQ S . 11.01 18.61 -11.10
O9A UOQ S . 6.31 20.89 -14.50
C9P UOQ S . 6.48 13.67 -13.93
O9P UOQ S . 7.55 14.14 -13.72
CAP UOQ S . 5.16 14.36 -13.47
OAP UOQ S . 4.02 13.46 -13.29
CBP UOQ S . 4.70 15.48 -14.59
CBW UOQ S . 10.10 9.55 -22.65
CBX UOQ S . 11.46 10.08 -22.60
CBY UOQ S . 11.51 11.39 -23.34
CBZ UOQ S . 12.89 11.78 -23.89
CCA UOQ S . 13.11 11.57 -25.40
CCB UOQ S . 14.55 11.38 -25.92
CCC UOQ S . 14.90 12.08 -27.21
CCD UOQ S . 16.31 12.67 -27.31
CCE UOQ S . 17.20 12.26 -28.49
CCF UOQ S . 17.18 13.16 -29.72
CCG UOQ S . 16.97 14.62 -29.48
OCH UOQ S . 11.79 10.29 -21.30
CCP UOQ S . 3.39 16.07 -14.13
CDP UOQ S . 5.78 16.50 -14.70
CEP UOQ S . 4.50 14.71 -15.96
N1A UOQ T . -13.61 28.81 -18.54
O1A UOQ T . -7.34 23.99 -26.71
P1A UOQ T . -6.27 24.78 -26.06
C1B UOQ T . -10.48 27.28 -22.52
S1P UOQ T . -13.37 15.56 -17.73
C2A UOQ T . -13.72 29.06 -19.86
O2A UOQ T . -5.87 25.90 -27.01
P2A UOQ T . -5.22 22.45 -25.10
C2B UOQ T . -10.98 26.10 -23.35
O2B UOQ T . -12.23 26.29 -23.93
C2P UOQ T . -13.15 14.64 -19.23
N3A UOQ T . -12.83 28.60 -20.75
O3A UOQ T . -5.02 23.85 -25.82
C3B UOQ T . -9.94 25.78 -24.25
O3B UOQ T . -10.17 25.73 -25.70
P3B UOQ T . -10.35 26.95 -26.69
C3P UOQ T . -13.51 15.36 -20.56
C4A UOQ T . -11.75 27.83 -20.37
O4A UOQ T . -5.94 21.48 -26.04
C4B UOQ T . -8.78 26.43 -23.74
O4B UOQ T . -9.11 27.51 -22.92
N4P UOQ T . -12.56 16.34 -20.92
C5A UOQ T . -11.60 27.55 -19.01
O5A UOQ T . -3.91 21.82 -24.70
C5B UOQ T . -7.57 26.50 -24.69
O5B UOQ T . -6.76 25.39 -24.72
C5P UOQ T . -12.92 17.50 -21.67
O5P UOQ T . -14.05 17.72 -22.07
C6A UOQ T . -12.56 28.08 -18.10
N6A UOQ T . -12.44 27.81 -16.73
O6A UOQ T . -6.04 22.72 -23.78
C6P UOQ T . -11.80 18.47 -21.98
N7A UOQ T . -10.47 26.80 -18.90
O7A UOQ T . -9.71 26.61 -28.03
C7P UOQ T . -11.47 18.52 -23.45
C8A UOQ T . -9.93 26.60 -20.15
O8A UOQ T . -9.70 28.19 -26.16
N8P UOQ T . -10.15 18.99 -23.70
N9A UOQ T . -10.68 27.22 -21.05
O9A UOQ T . -11.82 27.21 -26.95
C9P UOQ T . -9.89 20.38 -23.58
O9P UOQ T . -10.76 21.14 -23.28
CAP UOQ T . -8.43 20.85 -23.87
OAP UOQ T . -7.63 19.80 -24.51
CBP UOQ T . -7.70 21.43 -22.52
CBW UOQ T . -14.64 16.79 -17.98
CBX UOQ T . -15.94 16.32 -18.44
CBY UOQ T . -16.08 14.80 -18.39
CBZ UOQ T . -16.09 14.07 -17.03
CCA UOQ T . -16.69 14.80 -15.81
CCB UOQ T . -17.91 14.15 -15.14
CCC UOQ T . -18.20 14.58 -13.72
CCD UOQ T . -19.46 14.04 -13.00
CCE UOQ T . -20.02 14.92 -11.87
CCF UOQ T . -20.82 14.28 -10.74
CCG UOQ T . -20.95 15.05 -9.46
OCH UOQ T . -16.16 16.72 -19.72
CCP UOQ T . -6.25 21.68 -22.87
CDP UOQ T . -8.38 22.71 -22.15
CEP UOQ T . -7.86 20.35 -21.35
N1A UOQ U . -39.52 -0.46 -14.62
O1A UOQ U . -34.90 -5.29 -16.89
P1A UOQ U . -33.51 -4.75 -16.99
C1B UOQ U . -35.78 -4.15 -14.19
S1P UOQ U . -38.44 -7.27 -30.82
C2A UOQ U . -39.54 -1.75 -15.07
O2A UOQ U . -33.58 -3.22 -17.05
P2A UOQ U . -33.45 -6.47 -19.19
C2B UOQ U . -36.28 -5.28 -13.31
O2B UOQ U . -37.54 -5.72 -13.73
C2P UOQ U . -36.82 -6.61 -30.47
N3A UOQ U . -38.53 -2.60 -14.89
O3A UOQ U . -32.81 -5.32 -18.26
C3B UOQ U . -35.28 -6.28 -13.45
O3B UOQ U . -35.62 -7.18 -14.55
P3B UOQ U . -35.30 -8.73 -14.44
C3P UOQ U . -36.16 -6.95 -29.09
C4A UOQ U . -37.39 -2.18 -14.24
O4A UOQ U . -33.20 -7.86 -18.61
C4B UOQ U . -34.07 -5.54 -13.70
O4B UOQ U . -34.35 -4.23 -14.05
N4P UOQ U . -34.85 -6.49 -28.70
C5A UOQ U . -37.33 -0.87 -13.77
O5A UOQ U . -34.93 -6.23 -19.40
C5B UOQ U . -33.24 -6.12 -14.85
O5B UOQ U . -32.71 -5.22 -15.74
C5P UOQ U . -34.01 -5.56 -29.39
O5P UOQ U . -34.33 -5.03 -30.45
C6A UOQ U . -38.43 -0.01 -13.98
N6A UOQ U . -38.38 1.33 -13.52
O6A UOQ U . -32.73 -6.45 -20.58
C6P UOQ U . -32.65 -5.21 -28.77
N7A UOQ U . -36.11 -0.72 -13.17
O7A UOQ U . -35.65 -9.39 -15.75
C7P UOQ U . -32.15 -6.10 -27.63
C8A UOQ U . -35.42 -1.91 -13.26
O8A UOQ U . -36.11 -9.32 -13.34
N8P UOQ U . -32.89 -6.14 -26.40
N9A UOQ U . -36.18 -2.78 -13.89
O9A UOQ U . -33.83 -8.92 -14.14
C9P UOQ U . -32.72 -5.09 -25.44
O9P UOQ U . -31.98 -4.18 -25.63
CAP UOQ U . -33.50 -5.14 -24.08
OAP UOQ U . -34.16 -3.87 -23.73
CBP UOQ U . -32.52 -5.60 -22.84
CBW UOQ U . -38.24 -8.71 -31.86
CBX UOQ U . -37.96 -10.00 -31.21
CBY UOQ U . -37.75 -11.07 -32.28
CBZ UOQ U . -37.66 -10.55 -33.73
CCA UOQ U . -36.33 -9.91 -34.22
CCB UOQ U . -36.43 -8.87 -35.36
CCC UOQ U . -35.21 -8.55 -36.19
CCD UOQ U . -35.41 -7.57 -37.37
CCE UOQ U . -34.22 -6.70 -37.83
CCF UOQ U . -34.36 -5.18 -37.84
CCG UOQ U . -35.25 -4.54 -38.87
OCH UOQ U . -36.81 -9.95 -30.48
CCP UOQ U . -33.39 -5.87 -21.65
CDP UOQ U . -31.75 -6.84 -23.17
CEP UOQ U . -31.50 -4.42 -22.50
N1A UOQ V . -29.80 25.07 -28.13
O1A UOQ V . -29.29 19.09 -20.56
P1A UOQ V . -30.26 19.80 -21.42
C1B UOQ V . -31.90 21.64 -24.79
S1P UOQ V . -26.46 22.13 -7.22
C2A UOQ V . -29.97 23.74 -28.29
O2A UOQ V . -29.43 20.32 -22.58
P2A UOQ V . -31.38 20.85 -19.07
C2B UOQ V . -33.16 21.07 -25.40
O2B UOQ V . -33.12 20.94 -26.79
C2P UOQ V . -27.66 20.89 -6.88
N3A UOQ V . -30.54 22.99 -27.33
O3A UOQ V . -30.84 21.00 -20.58
C3B UOQ V . -33.23 19.84 -24.70
O3B UOQ V . -32.63 18.94 -25.05
P3B UOQ V . -33.34 17.86 -24.96
C3P UOQ V . -28.54 20.45 -8.07
C4A UOQ V . -30.96 23.55 -26.14
O4A UOQ V . -32.07 22.14 -18.65
C4B UOQ V . -32.97 20.27 -23.35
O4B UOQ V . -32.00 21.28 -23.40
N4P UOQ V . -27.79 19.90 -9.15
C5A UOQ V . -30.80 24.91 -25.95
O5A UOQ V . -32.38 19.71 -18.96
C5B UOQ V . -32.63 19.13 -22.35
O5B UOQ V . -31.34 18.81 -21.98
C5P UOQ V . -27.67 20.52 -10.43
O5P UOQ V . -28.23 21.59 -10.69
C6A UOQ V . -30.20 25.67 -26.99
N6A UOQ V . -30.03 27.07 -26.82
O6A UOQ V . -30.23 20.58 -18.01
C6P UOQ V . -26.81 19.82 -11.49
N7A UOQ V . -31.30 25.19 -24.71
O7A UOQ V . -34.69 17.93 -25.65
C7P UOQ V . -26.32 20.68 -12.63
C8A UOQ V . -31.77 24.04 -24.13
O8A UOQ V . -33.51 17.35 -23.56
N8P UOQ V . -27.28 20.99 -13.66
N9A UOQ V . -31.58 23.05 -25.00
O9A UOQ V . -32.44 16.94 -25.74
C9P UOQ V . -27.58 19.94 -14.59
O9P UOQ V . -27.06 18.89 -14.47
CAP UOQ V . -28.61 20.14 -15.76
OAP UOQ V . -29.68 19.14 -15.71
CBP UOQ V . -27.90 20.27 -17.26
CBW UOQ V . -27.29 23.67 -7.60
CBX UOQ V . -27.85 24.53 -6.54
CBY UOQ V . -26.93 24.68 -5.33
CBZ UOQ V . -27.44 24.22 -3.94
CCA UOQ V . -26.42 24.10 -2.79
CCB UOQ V . -25.98 22.68 -2.35
CCC UOQ V . -26.85 21.52 -2.78
CCD UOQ V . -27.32 20.54 -1.67
CCE UOQ V . -26.49 19.26 -1.50
CCF UOQ V . -27.16 18.07 -0.81
CCG UOQ V . -27.80 18.30 0.51
OCH UOQ V . -29.07 24.10 -6.12
CCP UOQ V . -28.88 20.85 -18.26
CDP UOQ V . -26.73 21.20 -17.19
CEP UOQ V . -27.39 18.83 -17.74
N1A UOQ W . -3.36 -21.99 -34.72
O1A UOQ W . -1.91 -10.33 -38.37
P1A UOQ W . -2.80 -11.52 -38.39
C1B UOQ W . -3.16 -17.07 -36.62
S1P UOQ W . 6.42 -9.69 -27.34
C2A UOQ W . -4.00 -21.47 -35.80
O2A UOQ W . -3.66 -11.43 -39.65
P2A UOQ W . -3.30 -11.03 -35.72
C2B UOQ W . -2.50 -17.18 -37.97
O2B UOQ W . -3.50 -17.09 -38.93
C2P UOQ W . 6.77 -8.44 -28.54
N3A UOQ W . -3.85 -20.20 -36.16
O3A UOQ W . -3.73 -11.60 -37.14
C3B UOQ W . -1.58 -16.09 -37.96
O3B UOQ W . -1.06 -15.52 -39.21
P3B UOQ W . -1.55 -15.83 -40.68
C3P UOQ W . 5.63 -7.42 -28.81
C4A UOQ W . -3.03 -19.33 -35.45
O4A UOQ W . -2.59 -9.70 -35.91
C4B UOQ W . -2.12 -15.08 -37.10
O4B UOQ W . -3.08 -15.68 -36.27
N4P UOQ W . 4.48 -8.01 -29.38
C5A UOQ W . -2.37 -19.84 -34.33
O5A UOQ W . -4.57 -10.84 -34.87
C5B UOQ W . -2.73 -13.98 -37.98
O5B UOQ W . -2.02 -12.87 -38.33
C5P UOQ W . 4.59 -8.45 -30.73
O5P UOQ W . 5.63 -8.31 -31.35
C6A UOQ W . -2.55 -21.19 -33.98
N6A UOQ W . -1.90 -21.74 -32.85
O6A UOQ W . -2.35 -12.03 -34.97
C6P UOQ W . 3.41 -9.09 -31.43
N7A UOQ W . -1.65 -18.79 -33.83
O7A UOQ W . -0.62 -15.14 -41.66
C7P UOQ W . 3.08 -8.52 -32.80
C8A UOQ W . -1.86 -17.67 -34.59
O8A UOQ W . -2.93 -15.30 -40.88
N8P UOQ W . 1.77 -8.89 -33.20
N9A UOQ W . -2.69 -17.98 -35.58
O9A UOQ W . -1.50 -17.33 -40.92
C9P UOQ W . 1.57 -10.11 -33.92
O9P UOQ W . 2.47 -10.82 -34.20
CAP UOQ W . 0.08 -10.44 -34.30
OAP UOQ W . -0.75 -9.26 -34.06
CBP UOQ W . -0.51 -11.64 -33.35
CBW UOQ W . 6.69 -8.97 -25.72
CBX UOQ W . 8.07 -8.64 -25.39
CBY UOQ W . 8.77 -9.88 -24.88
CBZ UOQ W . 10.10 -9.58 -24.17
CCA UOQ W . 10.89 -10.76 -23.59
CCB UOQ W . 11.74 -10.42 -22.35
CCC UOQ W . 11.95 -11.54 -21.37
CCD UOQ W . 13.13 -12.48 -21.67
CCE UOQ W . 14.35 -12.33 -20.76
CCF UOQ W . 14.52 -13.40 -19.71
CCG UOQ W . 13.50 -14.48 -19.71
OCH UOQ W . 8.79 -8.22 -26.47
CCP UOQ W . -1.98 -11.76 -33.65
CDP UOQ W . 0.21 -12.93 -33.62
CEP UOQ W . -0.29 -11.19 -31.84
#